data_1RMX
# 
_entry.id   1RMX 
# 
_audit_conform.dict_name       mmcif_pdbx.dic 
_audit_conform.dict_version    5.392 
_audit_conform.dict_location   http://mmcif.pdb.org/dictionaries/ascii/mmcif_pdbx.dic 
# 
loop_
_database_2.database_id 
_database_2.database_code 
_database_2.pdbx_database_accession 
_database_2.pdbx_DOI 
PDB   1RMX         pdb_00001rmx 10.2210/pdb1rmx/pdb 
RCSB  RCSB020892   ?            ?                   
WWPDB D_1000020892 ?            ?                   
# 
loop_
_pdbx_audit_revision_history.ordinal 
_pdbx_audit_revision_history.data_content_type 
_pdbx_audit_revision_history.major_revision 
_pdbx_audit_revision_history.minor_revision 
_pdbx_audit_revision_history.revision_date 
1 'Structure model' 1 0 2004-08-24 
2 'Structure model' 1 1 2008-04-29 
3 'Structure model' 1 2 2011-07-13 
4 'Structure model' 1 3 2022-03-02 
5 'Structure model' 1 4 2024-05-22 
# 
_pdbx_audit_revision_details.ordinal             1 
_pdbx_audit_revision_details.revision_ordinal    1 
_pdbx_audit_revision_details.data_content_type   'Structure model' 
_pdbx_audit_revision_details.provider            repository 
_pdbx_audit_revision_details.type                'Initial release' 
_pdbx_audit_revision_details.description         ? 
_pdbx_audit_revision_details.details             ? 
# 
loop_
_pdbx_audit_revision_group.ordinal 
_pdbx_audit_revision_group.revision_ordinal 
_pdbx_audit_revision_group.data_content_type 
_pdbx_audit_revision_group.group 
1 2 'Structure model' 'Version format compliance' 
2 3 'Structure model' 'Version format compliance' 
3 4 'Structure model' 'Data collection'           
4 4 'Structure model' 'Database references'       
5 4 'Structure model' 'Derived calculations'      
6 5 'Structure model' 'Data collection'           
# 
loop_
_pdbx_audit_revision_category.ordinal 
_pdbx_audit_revision_category.revision_ordinal 
_pdbx_audit_revision_category.data_content_type 
_pdbx_audit_revision_category.category 
1 4 'Structure model' database_2            
2 4 'Structure model' pdbx_nmr_software     
3 4 'Structure model' pdbx_nmr_spectrometer 
4 4 'Structure model' pdbx_struct_assembly  
5 4 'Structure model' pdbx_struct_oper_list 
6 4 'Structure model' struct_site           
7 5 'Structure model' chem_comp_atom        
8 5 'Structure model' chem_comp_bond        
# 
loop_
_pdbx_audit_revision_item.ordinal 
_pdbx_audit_revision_item.revision_ordinal 
_pdbx_audit_revision_item.data_content_type 
_pdbx_audit_revision_item.item 
1 4 'Structure model' '_database_2.pdbx_DOI'                
2 4 'Structure model' '_database_2.pdbx_database_accession' 
3 4 'Structure model' '_pdbx_nmr_software.name'             
4 4 'Structure model' '_pdbx_nmr_spectrometer.model'        
5 4 'Structure model' '_struct_site.pdbx_auth_asym_id'      
6 4 'Structure model' '_struct_site.pdbx_auth_comp_id'      
7 4 'Structure model' '_struct_site.pdbx_auth_seq_id'       
# 
_pdbx_database_status.status_code                     REL 
_pdbx_database_status.entry_id                        1RMX 
_pdbx_database_status.recvd_initial_deposition_date   2003-11-28 
_pdbx_database_status.deposit_site                    RCSB 
_pdbx_database_status.process_site                    RCSB 
_pdbx_database_status.status_code_mr                  REL 
_pdbx_database_status.SG_entry                        . 
_pdbx_database_status.pdb_format_compatible           Y 
_pdbx_database_status.status_code_sf                  ? 
_pdbx_database_status.status_code_cs                  ? 
_pdbx_database_status.status_code_nmr_data            ? 
_pdbx_database_status.methods_development_category    ? 
# 
_pdbx_database_related.db_name        PDB 
_pdbx_database_related.db_id          1RN9 
_pdbx_database_related.details        
;A SHORT LEXITROPSIN THAT RECOGNIZES THE DNA MINOR GROOVE AT 5'-ACTAGT-3': UNDERSTANDING THE ROLE OF ISOPROPYL-THIAZOLE
;
_pdbx_database_related.content_type   unspecified 
# 
loop_
_audit_author.name 
_audit_author.pdbx_ordinal 
'Anthony, N.G.'   1 
'Johnston, B.F.'  2 
'Khalaf, A.I.'    3 
'Mackay, S.P.'    4 
'Parkinson, J.A.' 5 
'Suckling, C.J.'  6 
'Waigh, R.D.'     7 
# 
_citation.id                        primary 
_citation.title                     
;Short Lexitropsin that Recognizes the DNA Minor Groove at 5'-ACTAGT-3': Understanding the Role of Isopropyl-thiazole.
;
_citation.journal_abbrev            J.Am.Chem.Soc. 
_citation.journal_volume            126 
_citation.page_first                11338 
_citation.page_last                 11349 
_citation.year                      2004 
_citation.journal_id_ASTM           JACSAT 
_citation.country                   US 
_citation.journal_id_ISSN           0002-7863 
_citation.journal_id_CSD            0004 
_citation.book_publisher            ? 
_citation.pdbx_database_id_PubMed   15355117 
_citation.pdbx_database_id_DOI      10.1021/ja030658n 
# 
loop_
_citation_author.citation_id 
_citation_author.name 
_citation_author.ordinal 
_citation_author.identifier_ORCID 
primary 'Anthony, N.G.'   1 ? 
primary 'Johnston, B.F.'  2 ? 
primary 'Khalaf, A.I.'    3 ? 
primary 'MacKay, S.P.'    4 ? 
primary 'Parkinson, J.A.' 5 ? 
primary 'Suckling, C.J.'  6 ? 
primary 'Waigh, R.D.'     7 ? 
# 
loop_
_entity.id 
_entity.type 
_entity.src_method 
_entity.pdbx_description 
_entity.formula_weight 
_entity.pdbx_number_of_molecules 
_entity.pdbx_ec 
_entity.pdbx_mutation 
_entity.pdbx_fragment 
_entity.details 
1 polymer     syn "5'-D(*CP*GP*AP*CP*TP*AP*GP*TP*CP*G)-3'" 3045.005 2 ? ? ? ? 
2 non-polymer syn 
;N-[3-(DIMETHYLAMINO)PROPYL]-2-({[4-({[4-(FORMYLAMINO)-1-METHYL-1H-PYRROL-2-YL]CARBONYL}AMINO)-1-METHYL-1H-PYRROL-2-YL]CARBONYL}AMINO)-5-ISOPROPYL-1,3-THIAZOLE-4-CARBOXAMIDE
;
542.654  2 ? ? ? ? 
# 
_entity_poly.entity_id                      1 
_entity_poly.type                           polydeoxyribonucleotide 
_entity_poly.nstd_linkage                   no 
_entity_poly.nstd_monomer                   no 
_entity_poly.pdbx_seq_one_letter_code       '(DC)(DG)(DA)(DC)(DT)(DA)(DG)(DT)(DC)(DG)' 
_entity_poly.pdbx_seq_one_letter_code_can   CGACTAGTCG 
_entity_poly.pdbx_strand_id                 A,B 
_entity_poly.pdbx_target_identifier         ? 
# 
_pdbx_entity_nonpoly.entity_id   2 
_pdbx_entity_nonpoly.name        
;N-[3-(DIMETHYLAMINO)PROPYL]-2-({[4-({[4-(FORMYLAMINO)-1-METHYL-1H-PYRROL-2-YL]CARBONYL}AMINO)-1-METHYL-1H-PYRROL-2-YL]CARBONYL}AMINO)-5-ISOPROPYL-1,3-THIAZOLE-4-CARBOXAMIDE
;
_pdbx_entity_nonpoly.comp_id     AIK 
# 
loop_
_entity_poly_seq.entity_id 
_entity_poly_seq.num 
_entity_poly_seq.mon_id 
_entity_poly_seq.hetero 
1 1  DC n 
1 2  DG n 
1 3  DA n 
1 4  DC n 
1 5  DT n 
1 6  DA n 
1 7  DG n 
1 8  DT n 
1 9  DC n 
1 10 DG n 
# 
loop_
_chem_comp.id 
_chem_comp.type 
_chem_comp.mon_nstd_flag 
_chem_comp.name 
_chem_comp.pdbx_synonyms 
_chem_comp.formula 
_chem_comp.formula_weight 
AIK non-polymer   . 
;N-[3-(DIMETHYLAMINO)PROPYL]-2-({[4-({[4-(FORMYLAMINO)-1-METHYL-1H-PYRROL-2-YL]CARBONYL}AMINO)-1-METHYL-1H-PYRROL-2-YL]CARBONYL}AMINO)-5-ISOPROPYL-1,3-THIAZOLE-4-CARBOXAMIDE
;
? 'C25 H34 N8 O4 S' 542.654 
DA  'DNA linking' y "2'-DEOXYADENOSINE-5'-MONOPHOSPHATE" ? 'C10 H14 N5 O6 P' 331.222 
DC  'DNA linking' y "2'-DEOXYCYTIDINE-5'-MONOPHOSPHATE" ? 'C9 H14 N3 O7 P'  307.197 
DG  'DNA linking' y "2'-DEOXYGUANOSINE-5'-MONOPHOSPHATE" ? 'C10 H14 N5 O7 P' 347.221 
DT  'DNA linking' y "THYMIDINE-5'-MONOPHOSPHATE" ? 'C10 H15 N2 O8 P' 322.208 
# 
loop_
_pdbx_poly_seq_scheme.asym_id 
_pdbx_poly_seq_scheme.entity_id 
_pdbx_poly_seq_scheme.seq_id 
_pdbx_poly_seq_scheme.mon_id 
_pdbx_poly_seq_scheme.ndb_seq_num 
_pdbx_poly_seq_scheme.pdb_seq_num 
_pdbx_poly_seq_scheme.auth_seq_num 
_pdbx_poly_seq_scheme.pdb_mon_id 
_pdbx_poly_seq_scheme.auth_mon_id 
_pdbx_poly_seq_scheme.pdb_strand_id 
_pdbx_poly_seq_scheme.pdb_ins_code 
_pdbx_poly_seq_scheme.hetero 
A 1 1  DC 1  1  1  DC C A . n 
A 1 2  DG 2  2  2  DG G A . n 
A 1 3  DA 3  3  3  DA A A . n 
A 1 4  DC 4  4  4  DC C A . n 
A 1 5  DT 5  5  5  DT T A . n 
A 1 6  DA 6  6  6  DA A A . n 
A 1 7  DG 7  7  7  DG G A . n 
A 1 8  DT 8  8  8  DT T A . n 
A 1 9  DC 9  9  9  DC C A . n 
A 1 10 DG 10 10 10 DG G A . n 
B 1 1  DC 1  11 11 DC C B . n 
B 1 2  DG 2  12 12 DG G B . n 
B 1 3  DA 3  13 13 DA A B . n 
B 1 4  DC 4  14 14 DC C B . n 
B 1 5  DT 5  15 15 DT T B . n 
B 1 6  DA 6  16 16 DA A B . n 
B 1 7  DG 7  17 17 DG G B . n 
B 1 8  DT 8  18 18 DT T B . n 
B 1 9  DC 9  19 19 DC C B . n 
B 1 10 DG 10 20 20 DG G B . n 
# 
loop_
_pdbx_nonpoly_scheme.asym_id 
_pdbx_nonpoly_scheme.entity_id 
_pdbx_nonpoly_scheme.mon_id 
_pdbx_nonpoly_scheme.ndb_seq_num 
_pdbx_nonpoly_scheme.pdb_seq_num 
_pdbx_nonpoly_scheme.auth_seq_num 
_pdbx_nonpoly_scheme.pdb_mon_id 
_pdbx_nonpoly_scheme.auth_mon_id 
_pdbx_nonpoly_scheme.pdb_strand_id 
_pdbx_nonpoly_scheme.pdb_ins_code 
C 2 AIK 1 11 1 AIK L A . 
D 2 AIK 1 2  2 AIK L B . 
# 
_exptl.entry_id          1RMX 
_exptl.method            'SOLUTION NMR' 
_exptl.crystals_number   ? 
# 
_exptl_crystal.id                    1 
_exptl_crystal.density_meas          ? 
_exptl_crystal.density_percent_sol   ? 
_exptl_crystal.density_Matthews      ? 
_exptl_crystal.description           ? 
# 
_diffrn.id                     1 
_diffrn.ambient_temp           ? 
_diffrn.ambient_temp_details   ? 
_diffrn.crystal_id             1 
# 
_diffrn_radiation.diffrn_id                        1 
_diffrn_radiation.wavelength_id                    1 
_diffrn_radiation.monochromator                    ? 
_diffrn_radiation.pdbx_monochromatic_or_laue_m_l   M 
_diffrn_radiation.pdbx_diffrn_protocol             'SINGLE WAVELENGTH' 
_diffrn_radiation.pdbx_scattering_type             ? 
# 
_diffrn_radiation_wavelength.id           1 
_diffrn_radiation_wavelength.wavelength   . 
_diffrn_radiation_wavelength.wt           1.0 
# 
_struct.entry_id                  1RMX 
_struct.title                     
;A SHORT LEXITROPSIN THAT RECOGNIZES THE DNA MINOR GROOVE AT 5'-ACTAGT-3': UNDERSTANDING THE ROLE OF ISOPROPYL-THIAZOLE
;
_struct.pdbx_model_details        ? 
_struct.pdbx_CASP_flag            ? 
_struct.pdbx_model_type_details   'minimized average' 
# 
_struct_keywords.entry_id        1RMX 
_struct_keywords.pdbx_keywords   DNA 
_struct_keywords.text            'MINOR-GROOVE-DNA COMPLEX, SIDE-BY-SIDE BINDING, DNA RECOGNITION, DNA' 
# 
loop_
_struct_asym.id 
_struct_asym.pdbx_blank_PDB_chainid_flag 
_struct_asym.pdbx_modified 
_struct_asym.entity_id 
_struct_asym.details 
A N N 1 ? 
B N N 1 ? 
C N N 2 ? 
D N N 2 ? 
# 
_struct_ref.id                         1 
_struct_ref.entity_id                  1 
_struct_ref.db_name                    PDB 
_struct_ref.db_code                    1RMX 
_struct_ref.pdbx_db_accession          1RMX 
_struct_ref.pdbx_db_isoform            ? 
_struct_ref.pdbx_seq_one_letter_code   ? 
_struct_ref.pdbx_align_begin           ? 
# 
loop_
_struct_ref_seq.align_id 
_struct_ref_seq.ref_id 
_struct_ref_seq.pdbx_PDB_id_code 
_struct_ref_seq.pdbx_strand_id 
_struct_ref_seq.seq_align_beg 
_struct_ref_seq.pdbx_seq_align_beg_ins_code 
_struct_ref_seq.seq_align_end 
_struct_ref_seq.pdbx_seq_align_end_ins_code 
_struct_ref_seq.pdbx_db_accession 
_struct_ref_seq.db_align_beg 
_struct_ref_seq.pdbx_db_align_beg_ins_code 
_struct_ref_seq.db_align_end 
_struct_ref_seq.pdbx_db_align_end_ins_code 
_struct_ref_seq.pdbx_auth_seq_align_beg 
_struct_ref_seq.pdbx_auth_seq_align_end 
1 1 1RMX A 1 ? 10 ? 1RMX 1  ? 10 ? 1  10 
2 1 1RMX B 1 ? 10 ? 1RMX 11 ? 20 ? 11 20 
# 
_pdbx_struct_assembly.id                   1 
_pdbx_struct_assembly.details              author_defined_assembly 
_pdbx_struct_assembly.method_details       ? 
_pdbx_struct_assembly.oligomeric_details   dimeric 
_pdbx_struct_assembly.oligomeric_count     2 
# 
_pdbx_struct_assembly_gen.assembly_id       1 
_pdbx_struct_assembly_gen.oper_expression   1 
_pdbx_struct_assembly_gen.asym_id_list      A,B,C,D 
# 
_pdbx_struct_oper_list.id                   1 
_pdbx_struct_oper_list.type                 'identity operation' 
_pdbx_struct_oper_list.name                 1_555 
_pdbx_struct_oper_list.symmetry_operation   x,y,z 
_pdbx_struct_oper_list.matrix[1][1]         1.0000000000 
_pdbx_struct_oper_list.matrix[1][2]         0.0000000000 
_pdbx_struct_oper_list.matrix[1][3]         0.0000000000 
_pdbx_struct_oper_list.vector[1]            0.0000000000 
_pdbx_struct_oper_list.matrix[2][1]         0.0000000000 
_pdbx_struct_oper_list.matrix[2][2]         1.0000000000 
_pdbx_struct_oper_list.matrix[2][3]         0.0000000000 
_pdbx_struct_oper_list.vector[2]            0.0000000000 
_pdbx_struct_oper_list.matrix[3][1]         0.0000000000 
_pdbx_struct_oper_list.matrix[3][2]         0.0000000000 
_pdbx_struct_oper_list.matrix[3][3]         1.0000000000 
_pdbx_struct_oper_list.vector[3]            0.0000000000 
# 
_struct_biol.id   1 
# 
loop_
_struct_conn.id 
_struct_conn.conn_type_id 
_struct_conn.pdbx_leaving_atom_flag 
_struct_conn.pdbx_PDB_id 
_struct_conn.ptnr1_label_asym_id 
_struct_conn.ptnr1_label_comp_id 
_struct_conn.ptnr1_label_seq_id 
_struct_conn.ptnr1_label_atom_id 
_struct_conn.pdbx_ptnr1_label_alt_id 
_struct_conn.pdbx_ptnr1_PDB_ins_code 
_struct_conn.pdbx_ptnr1_standard_comp_id 
_struct_conn.ptnr1_symmetry 
_struct_conn.ptnr2_label_asym_id 
_struct_conn.ptnr2_label_comp_id 
_struct_conn.ptnr2_label_seq_id 
_struct_conn.ptnr2_label_atom_id 
_struct_conn.pdbx_ptnr2_label_alt_id 
_struct_conn.pdbx_ptnr2_PDB_ins_code 
_struct_conn.ptnr1_auth_asym_id 
_struct_conn.ptnr1_auth_comp_id 
_struct_conn.ptnr1_auth_seq_id 
_struct_conn.ptnr2_auth_asym_id 
_struct_conn.ptnr2_auth_comp_id 
_struct_conn.ptnr2_auth_seq_id 
_struct_conn.ptnr2_symmetry 
_struct_conn.pdbx_ptnr3_label_atom_id 
_struct_conn.pdbx_ptnr3_label_seq_id 
_struct_conn.pdbx_ptnr3_label_comp_id 
_struct_conn.pdbx_ptnr3_label_asym_id 
_struct_conn.pdbx_ptnr3_label_alt_id 
_struct_conn.pdbx_ptnr3_PDB_ins_code 
_struct_conn.details 
_struct_conn.pdbx_dist_value 
_struct_conn.pdbx_value_order 
_struct_conn.pdbx_role 
hydrog1  hydrog ? ? A DC 1  N3 ? ? ? 1_555 B DG 10 N1 ? ? A DC 1  B DG 20 1_555 ? ? ? ? ? ? WATSON-CRICK    ? ? ? 
hydrog2  hydrog ? ? A DC 1  N4 ? ? ? 1_555 B DG 10 O6 ? ? A DC 1  B DG 20 1_555 ? ? ? ? ? ? WATSON-CRICK    ? ? ? 
hydrog3  hydrog ? ? A DC 1  O2 ? ? ? 1_555 B DG 10 N2 ? ? A DC 1  B DG 20 1_555 ? ? ? ? ? ? WATSON-CRICK    ? ? ? 
hydrog4  hydrog ? ? A DG 2  N1 ? ? ? 1_555 B DC 9  N3 ? ? A DG 2  B DC 19 1_555 ? ? ? ? ? ? WATSON-CRICK    ? ? ? 
hydrog5  hydrog ? ? A DG 2  N2 ? ? ? 1_555 B DC 9  O2 ? ? A DG 2  B DC 19 1_555 ? ? ? ? ? ? WATSON-CRICK    ? ? ? 
hydrog6  hydrog ? ? A DG 2  O6 ? ? ? 1_555 B DC 9  N4 ? ? A DG 2  B DC 19 1_555 ? ? ? ? ? ? WATSON-CRICK    ? ? ? 
hydrog7  hydrog ? ? A DA 3  N1 ? ? ? 1_555 B DG 7  N1 ? ? A DA 3  B DG 17 1_555 ? ? ? ? ? ? TYPE_8_PAIR     ? ? ? 
hydrog8  hydrog ? ? A DA 3  N6 ? ? ? 1_555 B DG 7  O6 ? ? A DA 3  B DG 17 1_555 ? ? ? ? ? ? TYPE_8_PAIR     ? ? ? 
hydrog9  hydrog ? ? A DA 3  N1 ? ? ? 1_555 B DT 8  N3 ? ? A DA 3  B DT 18 1_555 ? ? ? ? ? ? WATSON-CRICK    ? ? ? 
hydrog10 hydrog ? ? A DA 3  N6 ? ? ? 1_555 B DT 8  O4 ? ? A DA 3  B DT 18 1_555 ? ? ? ? ? ? WATSON-CRICK    ? ? ? 
hydrog11 hydrog ? ? A DC 4  N3 ? ? ? 1_555 B DG 7  N1 ? ? A DC 4  B DG 17 1_555 ? ? ? ? ? ? WATSON-CRICK    ? ? ? 
hydrog12 hydrog ? ? A DC 4  N4 ? ? ? 1_555 B DG 7  O6 ? ? A DC 4  B DG 17 1_555 ? ? ? ? ? ? WATSON-CRICK    ? ? ? 
hydrog13 hydrog ? ? A DC 4  O2 ? ? ? 1_555 B DG 7  N2 ? ? A DC 4  B DG 17 1_555 ? ? ? ? ? ? WATSON-CRICK    ? ? ? 
hydrog14 hydrog ? ? A DT 5  N3 ? ? ? 1_555 B DA 6  N1 ? ? A DT 5  B DA 16 1_555 ? ? ? ? ? ? WATSON-CRICK    ? ? ? 
hydrog15 hydrog ? ? A DT 5  O4 ? ? ? 1_555 B DA 6  N6 ? ? A DT 5  B DA 16 1_555 ? ? ? ? ? ? WATSON-CRICK    ? ? ? 
hydrog16 hydrog ? ? A DT 5  O2 ? ? ? 1_555 B DG 7  N2 ? ? A DT 5  B DG 17 1_555 ? ? ? ? ? ? 'DT-DG MISPAIR' ? ? ? 
hydrog17 hydrog ? ? A DA 6  N1 ? ? ? 1_555 B DT 5  N3 ? ? A DA 6  B DT 15 1_555 ? ? ? ? ? ? WATSON-CRICK    ? ? ? 
hydrog18 hydrog ? ? A DA 6  N6 ? ? ? 1_555 B DT 5  O4 ? ? A DA 6  B DT 15 1_555 ? ? ? ? ? ? WATSON-CRICK    ? ? ? 
hydrog19 hydrog ? ? A DG 7  N1 ? ? ? 1_555 B DA 3  N1 ? ? A DG 7  B DA 13 1_555 ? ? ? ? ? ? TYPE_8_PAIR     ? ? ? 
hydrog20 hydrog ? ? A DG 7  O6 ? ? ? 1_555 B DA 3  N6 ? ? A DG 7  B DA 13 1_555 ? ? ? ? ? ? TYPE_8_PAIR     ? ? ? 
hydrog21 hydrog ? ? A DG 7  N1 ? ? ? 1_555 B DC 4  N3 ? ? A DG 7  B DC 14 1_555 ? ? ? ? ? ? WATSON-CRICK    ? ? ? 
hydrog22 hydrog ? ? A DG 7  N2 ? ? ? 1_555 B DC 4  O2 ? ? A DG 7  B DC 14 1_555 ? ? ? ? ? ? WATSON-CRICK    ? ? ? 
hydrog23 hydrog ? ? A DG 7  O6 ? ? ? 1_555 B DC 4  N4 ? ? A DG 7  B DC 14 1_555 ? ? ? ? ? ? WATSON-CRICK    ? ? ? 
hydrog24 hydrog ? ? A DG 7  N2 ? ? ? 1_555 B DT 5  O2 ? ? A DG 7  B DT 15 1_555 ? ? ? ? ? ? 'DG-DT MISPAIR' ? ? ? 
hydrog25 hydrog ? ? A DT 8  N3 ? ? ? 1_555 B DA 3  N1 ? ? A DT 8  B DA 13 1_555 ? ? ? ? ? ? WATSON-CRICK    ? ? ? 
hydrog26 hydrog ? ? A DT 8  O4 ? ? ? 1_555 B DA 3  N6 ? ? A DT 8  B DA 13 1_555 ? ? ? ? ? ? WATSON-CRICK    ? ? ? 
hydrog27 hydrog ? ? A DC 9  N3 ? ? ? 1_555 B DG 2  N1 ? ? A DC 9  B DG 12 1_555 ? ? ? ? ? ? WATSON-CRICK    ? ? ? 
hydrog28 hydrog ? ? A DC 9  N4 ? ? ? 1_555 B DG 2  O6 ? ? A DC 9  B DG 12 1_555 ? ? ? ? ? ? WATSON-CRICK    ? ? ? 
hydrog29 hydrog ? ? A DC 9  O2 ? ? ? 1_555 B DG 2  N2 ? ? A DC 9  B DG 12 1_555 ? ? ? ? ? ? WATSON-CRICK    ? ? ? 
hydrog30 hydrog ? ? A DG 10 N1 ? ? ? 1_555 B DC 1  N3 ? ? A DG 10 B DC 11 1_555 ? ? ? ? ? ? WATSON-CRICK    ? ? ? 
hydrog31 hydrog ? ? A DG 10 N2 ? ? ? 1_555 B DC 1  O2 ? ? A DG 10 B DC 11 1_555 ? ? ? ? ? ? WATSON-CRICK    ? ? ? 
hydrog32 hydrog ? ? A DG 10 O6 ? ? ? 1_555 B DC 1  N4 ? ? A DG 10 B DC 11 1_555 ? ? ? ? ? ? WATSON-CRICK    ? ? ? 
# 
_struct_conn_type.id          hydrog 
_struct_conn_type.criteria    ? 
_struct_conn_type.reference   ? 
# 
loop_
_struct_site.id 
_struct_site.pdbx_evidence_code 
_struct_site.pdbx_auth_asym_id 
_struct_site.pdbx_auth_comp_id 
_struct_site.pdbx_auth_seq_id 
_struct_site.pdbx_auth_ins_code 
_struct_site.pdbx_num_residues 
_struct_site.details 
AC1 Software A AIK 11 ? 8 'BINDING SITE FOR RESIDUE AIK A 11' 
AC2 Software B AIK 2  ? 8 'BINDING SITE FOR RESIDUE AIK B 2'  
1   ?        ? ?   ?  ? ? ?                                   
# 
loop_
_struct_site_gen.id 
_struct_site_gen.site_id 
_struct_site_gen.pdbx_num_res 
_struct_site_gen.label_comp_id 
_struct_site_gen.label_asym_id 
_struct_site_gen.label_seq_id 
_struct_site_gen.pdbx_auth_ins_code 
_struct_site_gen.auth_comp_id 
_struct_site_gen.auth_asym_id 
_struct_site_gen.auth_seq_id 
_struct_site_gen.label_atom_id 
_struct_site_gen.label_alt_id 
_struct_site_gen.symmetry 
_struct_site_gen.details 
1  AC1 8 DT  A 5  ? DT  A 5  . ? 1_555 ? 
2  AC1 8 DA  A 6  ? DA  A 6  . ? 1_555 ? 
3  AC1 8 DG  A 7  ? DG  A 7  . ? 1_555 ? 
4  AC1 8 DT  A 8  ? DT  A 8  . ? 1_555 ? 
5  AC1 8 DC  A 9  ? DC  A 9  . ? 1_555 ? 
6  AC1 8 AIK D .  ? AIK B 2  . ? 1_555 ? 
7  AC1 8 DA  B 3  ? DA  B 13 . ? 1_555 ? 
8  AC1 8 DG  B 7  ? DG  B 17 . ? 1_555 ? 
9  AC2 8 DG  A 7  ? DG  A 7  . ? 1_555 ? 
10 AC2 8 AIK C .  ? AIK A 11 . ? 1_555 ? 
11 AC2 8 DT  B 5  ? DT  B 15 . ? 1_555 ? 
12 AC2 8 DA  B 6  ? DA  B 16 . ? 1_555 ? 
13 AC2 8 DG  B 7  ? DG  B 17 . ? 1_555 ? 
14 AC2 8 DT  B 8  ? DT  B 18 . ? 1_555 ? 
15 AC2 8 DC  B 9  ? DC  B 19 . ? 1_555 ? 
16 AC2 8 DG  B 10 ? DG  B 20 . ? 1_555 ? 
# 
loop_
_pdbx_validate_rmsd_bond.id 
_pdbx_validate_rmsd_bond.PDB_model_num 
_pdbx_validate_rmsd_bond.auth_atom_id_1 
_pdbx_validate_rmsd_bond.auth_asym_id_1 
_pdbx_validate_rmsd_bond.auth_comp_id_1 
_pdbx_validate_rmsd_bond.auth_seq_id_1 
_pdbx_validate_rmsd_bond.PDB_ins_code_1 
_pdbx_validate_rmsd_bond.label_alt_id_1 
_pdbx_validate_rmsd_bond.auth_atom_id_2 
_pdbx_validate_rmsd_bond.auth_asym_id_2 
_pdbx_validate_rmsd_bond.auth_comp_id_2 
_pdbx_validate_rmsd_bond.auth_seq_id_2 
_pdbx_validate_rmsd_bond.PDB_ins_code_2 
_pdbx_validate_rmsd_bond.label_alt_id_2 
_pdbx_validate_rmsd_bond.bond_value 
_pdbx_validate_rmsd_bond.bond_target_value 
_pdbx_validate_rmsd_bond.bond_deviation 
_pdbx_validate_rmsd_bond.bond_standard_deviation 
_pdbx_validate_rmsd_bond.linker_flag 
1  1 C2 A DC 1  ? ? N3 A DC 1  ? ? 1.441 1.353 0.088  0.008 N 
2  1 N3 A DC 1  ? ? C4 A DC 1  ? ? 1.268 1.335 -0.067 0.007 N 
3  1 C4 A DC 1  ? ? C5 A DC 1  ? ? 1.474 1.425 0.049  0.008 N 
4  1 C2 A DG 2  ? ? N3 A DG 2  ? ? 1.268 1.323 -0.055 0.008 N 
5  1 N3 A DG 2  ? ? C4 A DG 2  ? ? 1.436 1.350 0.086  0.007 N 
6  1 C4 A DG 2  ? ? C5 A DG 2  ? ? 1.328 1.379 -0.051 0.007 N 
7  1 C5 A DG 2  ? ? N7 A DG 2  ? ? 1.442 1.388 0.054  0.006 N 
8  1 N7 A DG 2  ? ? C8 A DG 2  ? ? 1.261 1.305 -0.044 0.006 N 
9  1 C8 A DG 2  ? ? N9 A DG 2  ? ? 1.300 1.374 -0.074 0.007 N 
10 1 N9 A DG 2  ? ? C4 A DG 2  ? ? 1.305 1.375 -0.070 0.008 N 
11 1 C5 A DA 3  ? ? N7 A DA 3  ? ? 1.342 1.388 -0.046 0.006 N 
12 1 N7 A DA 3  ? ? C8 A DA 3  ? ? 1.267 1.311 -0.044 0.007 N 
13 1 C8 A DA 3  ? ? N9 A DA 3  ? ? 1.308 1.373 -0.065 0.008 N 
14 1 C2 A DC 4  ? ? N3 A DC 4  ? ? 1.441 1.353 0.088  0.008 N 
15 1 N3 A DC 4  ? ? C4 A DC 4  ? ? 1.269 1.335 -0.066 0.007 N 
16 1 C5 A DA 6  ? ? N7 A DA 6  ? ? 1.342 1.388 -0.046 0.006 N 
17 1 N7 A DA 6  ? ? C8 A DA 6  ? ? 1.267 1.311 -0.044 0.007 N 
18 1 C8 A DA 6  ? ? N9 A DA 6  ? ? 1.305 1.373 -0.068 0.008 N 
19 1 N3 A DG 7  ? ? C4 A DG 7  ? ? 1.450 1.350 0.100  0.007 N 
20 1 C4 A DG 7  ? ? C5 A DG 7  ? ? 1.333 1.379 -0.046 0.007 N 
21 1 C6 A DG 7  ? ? N1 A DG 7  ? ? 1.343 1.391 -0.048 0.007 N 
22 1 C5 A DG 7  ? ? N7 A DG 7  ? ? 1.435 1.388 0.047  0.006 N 
23 1 N7 A DG 7  ? ? C8 A DG 7  ? ? 1.255 1.305 -0.050 0.006 N 
24 1 C8 A DG 7  ? ? N9 A DG 7  ? ? 1.304 1.374 -0.070 0.007 N 
25 1 N9 A DG 7  ? ? C4 A DG 7  ? ? 1.323 1.375 -0.052 0.008 N 
26 1 C2 A DC 9  ? ? N3 A DC 9  ? ? 1.441 1.353 0.088  0.008 N 
27 1 N3 A DC 9  ? ? C4 A DC 9  ? ? 1.267 1.335 -0.068 0.007 N 
28 1 C2 A DG 10 ? ? N3 A DG 10 ? ? 1.270 1.323 -0.053 0.008 N 
29 1 N3 A DG 10 ? ? C4 A DG 10 ? ? 1.439 1.350 0.089  0.007 N 
30 1 C4 A DG 10 ? ? C5 A DG 10 ? ? 1.331 1.379 -0.048 0.007 N 
31 1 C5 A DG 10 ? ? N7 A DG 10 ? ? 1.441 1.388 0.053  0.006 N 
32 1 N7 A DG 10 ? ? C8 A DG 10 ? ? 1.259 1.305 -0.046 0.006 N 
33 1 C8 A DG 10 ? ? N9 A DG 10 ? ? 1.299 1.374 -0.075 0.007 N 
34 1 N9 A DG 10 ? ? C4 A DG 10 ? ? 1.307 1.375 -0.068 0.008 N 
35 1 C2 B DC 11 ? ? N3 B DC 11 ? ? 1.440 1.353 0.087  0.008 N 
36 1 N3 B DC 11 ? ? C4 B DC 11 ? ? 1.268 1.335 -0.067 0.007 N 
37 1 C4 B DC 11 ? ? C5 B DC 11 ? ? 1.474 1.425 0.049  0.008 N 
38 1 C2 B DG 12 ? ? N3 B DG 12 ? ? 1.270 1.323 -0.053 0.008 N 
39 1 N3 B DG 12 ? ? C4 B DG 12 ? ? 1.439 1.350 0.089  0.007 N 
40 1 C4 B DG 12 ? ? C5 B DG 12 ? ? 1.329 1.379 -0.050 0.007 N 
41 1 C5 B DG 12 ? ? N7 B DG 12 ? ? 1.442 1.388 0.054  0.006 N 
42 1 N7 B DG 12 ? ? C8 B DG 12 ? ? 1.260 1.305 -0.045 0.006 N 
43 1 C8 B DG 12 ? ? N9 B DG 12 ? ? 1.302 1.374 -0.072 0.007 N 
44 1 N9 B DG 12 ? ? C4 B DG 12 ? ? 1.309 1.375 -0.066 0.008 N 
45 1 C5 B DA 13 ? ? N7 B DA 13 ? ? 1.343 1.388 -0.045 0.006 N 
46 1 N7 B DA 13 ? ? C8 B DA 13 ? ? 1.267 1.311 -0.044 0.007 N 
47 1 C8 B DA 13 ? ? N9 B DA 13 ? ? 1.307 1.373 -0.066 0.008 N 
48 1 C2 B DC 14 ? ? N3 B DC 14 ? ? 1.440 1.353 0.087  0.008 N 
49 1 N3 B DC 14 ? ? C4 B DC 14 ? ? 1.268 1.335 -0.067 0.007 N 
50 1 C4 B DC 14 ? ? C5 B DC 14 ? ? 1.473 1.425 0.048  0.008 N 
51 1 C5 B DA 16 ? ? N7 B DA 16 ? ? 1.339 1.388 -0.049 0.006 N 
52 1 N7 B DA 16 ? ? C8 B DA 16 ? ? 1.264 1.311 -0.047 0.007 N 
53 1 C8 B DA 16 ? ? N9 B DA 16 ? ? 1.313 1.373 -0.060 0.008 N 
54 1 N3 B DG 17 ? ? C4 B DG 17 ? ? 1.449 1.350 0.099  0.007 N 
55 1 C4 B DG 17 ? ? C5 B DG 17 ? ? 1.333 1.379 -0.046 0.007 N 
56 1 C6 B DG 17 ? ? N1 B DG 17 ? ? 1.346 1.391 -0.045 0.007 N 
57 1 C5 B DG 17 ? ? N7 B DG 17 ? ? 1.436 1.388 0.048  0.006 N 
58 1 N7 B DG 17 ? ? C8 B DG 17 ? ? 1.255 1.305 -0.050 0.006 N 
59 1 C8 B DG 17 ? ? N9 B DG 17 ? ? 1.303 1.374 -0.071 0.007 N 
60 1 N9 B DG 17 ? ? C4 B DG 17 ? ? 1.320 1.375 -0.055 0.008 N 
61 1 C2 B DC 19 ? ? N3 B DC 19 ? ? 1.440 1.353 0.087  0.008 N 
62 1 N3 B DC 19 ? ? C4 B DC 19 ? ? 1.265 1.335 -0.070 0.007 N 
63 1 C2 B DG 20 ? ? N3 B DG 20 ? ? 1.270 1.323 -0.053 0.008 N 
64 1 N3 B DG 20 ? ? C4 B DG 20 ? ? 1.438 1.350 0.088  0.007 N 
65 1 C4 B DG 20 ? ? C5 B DG 20 ? ? 1.330 1.379 -0.049 0.007 N 
66 1 C5 B DG 20 ? ? N7 B DG 20 ? ? 1.443 1.388 0.055  0.006 N 
67 1 N7 B DG 20 ? ? C8 B DG 20 ? ? 1.262 1.305 -0.043 0.006 N 
68 1 C8 B DG 20 ? ? N9 B DG 20 ? ? 1.302 1.374 -0.072 0.007 N 
69 1 N9 B DG 20 ? ? C4 B DG 20 ? ? 1.307 1.375 -0.068 0.008 N 
# 
loop_
_pdbx_validate_rmsd_angle.id 
_pdbx_validate_rmsd_angle.PDB_model_num 
_pdbx_validate_rmsd_angle.auth_atom_id_1 
_pdbx_validate_rmsd_angle.auth_asym_id_1 
_pdbx_validate_rmsd_angle.auth_comp_id_1 
_pdbx_validate_rmsd_angle.auth_seq_id_1 
_pdbx_validate_rmsd_angle.PDB_ins_code_1 
_pdbx_validate_rmsd_angle.label_alt_id_1 
_pdbx_validate_rmsd_angle.auth_atom_id_2 
_pdbx_validate_rmsd_angle.auth_asym_id_2 
_pdbx_validate_rmsd_angle.auth_comp_id_2 
_pdbx_validate_rmsd_angle.auth_seq_id_2 
_pdbx_validate_rmsd_angle.PDB_ins_code_2 
_pdbx_validate_rmsd_angle.label_alt_id_2 
_pdbx_validate_rmsd_angle.auth_atom_id_3 
_pdbx_validate_rmsd_angle.auth_asym_id_3 
_pdbx_validate_rmsd_angle.auth_comp_id_3 
_pdbx_validate_rmsd_angle.auth_seq_id_3 
_pdbx_validate_rmsd_angle.PDB_ins_code_3 
_pdbx_validate_rmsd_angle.label_alt_id_3 
_pdbx_validate_rmsd_angle.angle_value 
_pdbx_validate_rmsd_angle.angle_target_value 
_pdbx_validate_rmsd_angle.angle_deviation 
_pdbx_validate_rmsd_angle.angle_standard_deviation 
_pdbx_validate_rmsd_angle.linker_flag 
1   1 "O4'" A DC 1  ? ? "C1'" A DC 1  ? ? "C2'" A DC 1  ? ? 100.74 105.90 -5.16  0.80 N 
2   1 "O4'" A DC 1  ? ? "C1'" A DC 1  ? ? N1    A DC 1  ? ? 113.28 108.30 4.98   0.30 N 
3   1 N3    A DC 1  ? ? C4    A DC 1  ? ? C5    A DC 1  ? ? 117.09 121.90 -4.81  0.40 N 
4   1 C4    A DC 1  ? ? C5    A DC 1  ? ? C6    A DC 1  ? ? 120.98 117.40 3.58   0.50 N 
5   1 N1    A DC 1  ? ? C2    A DC 1  ? ? O2    A DC 1  ? ? 123.32 118.90 4.42   0.60 N 
6   1 N3    A DC 1  ? ? C2    A DC 1  ? ? O2    A DC 1  ? ? 115.37 121.90 -6.53  0.70 N 
7   1 OP1   A DG 2  ? ? P     A DG 2  ? ? OP2   A DG 2  ? ? 107.86 119.60 -11.74 1.50 N 
8   1 "O4'" A DG 2  ? ? "C4'" A DG 2  ? ? "C3'" A DG 2  ? ? 101.04 104.50 -3.46  0.40 N 
9   1 C2    A DG 2  ? ? N3    A DG 2  ? ? C4    A DG 2  ? ? 120.76 111.90 8.86   0.50 N 
10  1 N3    A DG 2  ? ? C4    A DG 2  ? ? C5    A DG 2  ? ? 120.33 128.60 -8.27  0.50 N 
11  1 C5    A DG 2  ? ? C6    A DG 2  ? ? N1    A DG 2  ? ? 116.77 111.50 5.27   0.50 N 
12  1 C4    A DG 2  ? ? C5    A DG 2  ? ? N7    A DG 2  ? ? 101.30 110.80 -9.50  0.40 N 
13  1 C5    A DG 2  ? ? N7    A DG 2  ? ? C8    A DG 2  ? ? 108.84 104.30 4.54   0.50 N 
14  1 N7    A DG 2  ? ? C8    A DG 2  ? ? N9    A DG 2  ? ? 110.02 113.10 -3.08  0.50 N 
15  1 N9    A DG 2  ? ? C4    A DG 2  ? ? C5    A DG 2  ? ? 111.47 105.40 6.07   0.40 N 
16  1 C6    A DG 2  ? ? C5    A DG 2  ? ? N7    A DG 2  ? ? 140.57 130.40 10.17  0.60 N 
17  1 C5    A DG 2  ? ? C6    A DG 2  ? ? O6    A DG 2  ? ? 120.60 128.60 -8.00  0.60 N 
18  1 OP1   A DA 3  ? ? P     A DA 3  ? ? OP2   A DA 3  ? ? 107.81 119.60 -11.79 1.50 N 
19  1 "O4'" A DA 3  ? ? "C1'" A DA 3  ? ? "C2'" A DA 3  ? ? 98.56  105.90 -7.34  0.80 N 
20  1 "O4'" A DA 3  ? ? "C1'" A DA 3  ? ? N9    A DA 3  ? ? 113.35 108.30 5.05   0.30 N 
21  1 N1    A DA 3  ? ? C2    A DA 3  ? ? N3    A DA 3  ? ? 122.28 129.30 -7.02  0.50 N 
22  1 C2    A DA 3  ? ? N3    A DA 3  ? ? C4    A DA 3  ? ? 118.27 110.60 7.67   0.50 N 
23  1 N3    A DA 3  ? ? C4    A DA 3  ? ? C5    A DA 3  ? ? 120.14 126.80 -6.66  0.70 N 
24  1 C4    A DA 3  ? ? C5    A DA 3  ? ? C6    A DA 3  ? ? 121.19 117.00 4.19   0.50 N 
25  1 C4    A DA 3  ? ? C5    A DA 3  ? ? N7    A DA 3  ? ? 105.37 110.70 -5.33  0.50 N 
26  1 C5    A DA 3  ? ? N7    A DA 3  ? ? C8    A DA 3  ? ? 109.73 103.90 5.83   0.50 N 
27  1 N3    A DA 3  ? ? C4    A DA 3  ? ? N9    A DA 3  ? ? 133.31 127.40 5.91   0.80 N 
28  1 "C3'" A DA 3  ? ? "O3'" A DA 3  ? ? P     A DC 4  ? ? 133.72 119.70 14.02  1.20 Y 
29  1 OP1   A DC 4  ? ? P     A DC 4  ? ? OP2   A DC 4  ? ? 108.11 119.60 -11.49 1.50 N 
30  1 "C5'" A DC 4  ? ? "C4'" A DC 4  ? ? "O4'" A DC 4  ? ? 117.17 109.80 7.37   1.10 N 
31  1 "O4'" A DC 4  ? ? "C1'" A DC 4  ? ? "C2'" A DC 4  ? ? 100.12 105.90 -5.78  0.80 N 
32  1 "O4'" A DC 4  ? ? "C1'" A DC 4  ? ? N1    A DC 4  ? ? 111.79 108.30 3.49   0.30 N 
33  1 N3    A DC 4  ? ? C4    A DC 4  ? ? C5    A DC 4  ? ? 117.19 121.90 -4.71  0.40 N 
34  1 N1    A DC 4  ? ? C2    A DC 4  ? ? O2    A DC 4  ? ? 123.55 118.90 4.65   0.60 N 
35  1 N3    A DC 4  ? ? C2    A DC 4  ? ? O2    A DC 4  ? ? 115.42 121.90 -6.48  0.70 N 
36  1 N3    A DC 4  ? ? C4    A DC 4  ? ? N4    A DC 4  ? ? 122.55 118.00 4.55   0.70 N 
37  1 "C3'" A DC 4  ? ? "O3'" A DC 4  ? ? P     A DT 5  ? ? 127.19 119.70 7.49   1.20 Y 
38  1 OP1   A DT 5  ? ? P     A DT 5  ? ? OP2   A DT 5  ? ? 105.90 119.60 -13.70 1.50 N 
39  1 P     A DT 5  ? ? "O5'" A DT 5  ? ? "C5'" A DT 5  ? ? 134.01 120.90 13.11  1.60 N 
40  1 "O4'" A DT 5  ? ? "C1'" A DT 5  ? ? "C2'" A DT 5  ? ? 98.21  105.90 -7.69  0.80 N 
41  1 N1    A DT 5  ? ? C2    A DT 5  ? ? N3    A DT 5  ? ? 119.79 114.60 5.19   0.60 N 
42  1 C2    A DT 5  ? ? N3    A DT 5  ? ? C4    A DT 5  ? ? 121.49 127.20 -5.71  0.60 N 
43  1 N3    A DT 5  ? ? C4    A DT 5  ? ? C5    A DT 5  ? ? 118.98 115.20 3.78   0.60 N 
44  1 C5    A DT 5  ? ? C4    A DT 5  ? ? O4    A DT 5  ? ? 118.93 124.90 -5.97  0.70 N 
45  1 OP1   A DA 6  ? ? P     A DA 6  ? ? OP2   A DA 6  ? ? 107.11 119.60 -12.49 1.50 N 
46  1 "O4'" A DA 6  ? ? "C1'" A DA 6  ? ? N9    A DA 6  ? ? 110.17 108.30 1.87   0.30 N 
47  1 N1    A DA 6  ? ? C2    A DA 6  ? ? N3    A DA 6  ? ? 122.17 129.30 -7.13  0.50 N 
48  1 C2    A DA 6  ? ? N3    A DA 6  ? ? C4    A DA 6  ? ? 118.06 110.60 7.46   0.50 N 
49  1 N3    A DA 6  ? ? C4    A DA 6  ? ? C5    A DA 6  ? ? 120.34 126.80 -6.46  0.70 N 
50  1 C4    A DA 6  ? ? C5    A DA 6  ? ? C6    A DA 6  ? ? 120.91 117.00 3.91   0.50 N 
51  1 C4    A DA 6  ? ? C5    A DA 6  ? ? N7    A DA 6  ? ? 106.09 110.70 -4.61  0.50 N 
52  1 C5    A DA 6  ? ? N7    A DA 6  ? ? C8    A DA 6  ? ? 109.32 103.90 5.42   0.50 N 
53  1 N3    A DA 6  ? ? C4    A DA 6  ? ? N9    A DA 6  ? ? 134.05 127.40 6.65   0.80 N 
54  1 OP1   A DG 7  ? ? P     A DG 7  ? ? OP2   A DG 7  ? ? 107.99 119.60 -11.61 1.50 N 
55  1 "O4'" A DG 7  ? ? "C1'" A DG 7  ? ? N9    A DG 7  ? ? 103.32 108.00 -4.68  0.70 N 
56  1 C2    A DG 7  ? ? N3    A DG 7  ? ? C4    A DG 7  ? ? 119.98 111.90 8.08   0.50 N 
57  1 N3    A DG 7  ? ? C4    A DG 7  ? ? C5    A DG 7  ? ? 118.19 128.60 -10.41 0.50 N 
58  1 C5    A DG 7  ? ? C6    A DG 7  ? ? N1    A DG 7  ? ? 116.00 111.50 4.50   0.50 N 
59  1 C4    A DG 7  ? ? C5    A DG 7  ? ? N7    A DG 7  ? ? 102.24 110.80 -8.56  0.40 N 
60  1 C5    A DG 7  ? ? N7    A DG 7  ? ? C8    A DG 7  ? ? 108.81 104.30 4.51   0.50 N 
61  1 N9    A DG 7  ? ? C4    A DG 7  ? ? C5    A DG 7  ? ? 110.37 105.40 4.97   0.40 N 
62  1 N3    A DG 7  ? ? C4    A DG 7  ? ? N9    A DG 7  ? ? 131.43 126.00 5.43   0.60 N 
63  1 C6    A DG 7  ? ? C5    A DG 7  ? ? N7    A DG 7  ? ? 136.87 130.40 6.47   0.60 N 
64  1 C5    A DG 7  ? ? C6    A DG 7  ? ? O6    A DG 7  ? ? 121.26 128.60 -7.34  0.60 N 
65  1 OP1   A DT 8  ? ? P     A DT 8  ? ? OP2   A DT 8  ? ? 107.78 119.60 -11.82 1.50 N 
66  1 "O4'" A DT 8  ? ? "C4'" A DT 8  ? ? "C3'" A DT 8  ? ? 99.83  104.50 -4.67  0.40 N 
67  1 "O4'" A DT 8  ? ? "C1'" A DT 8  ? ? N1    A DT 8  ? ? 112.68 108.30 4.38   0.30 N 
68  1 N1    A DT 8  ? ? C2    A DT 8  ? ? N3    A DT 8  ? ? 119.50 114.60 4.90   0.60 N 
69  1 C2    A DT 8  ? ? N3    A DT 8  ? ? C4    A DT 8  ? ? 122.49 127.20 -4.71  0.60 N 
70  1 "C3'" A DT 8  ? ? "O3'" A DT 8  ? ? P     A DC 9  ? ? 128.70 119.70 9.00   1.20 Y 
71  1 OP1   A DC 9  ? ? P     A DC 9  ? ? OP2   A DC 9  ? ? 106.84 119.60 -12.76 1.50 N 
72  1 "O4'" A DC 9  ? ? "C1'" A DC 9  ? ? "C2'" A DC 9  ? ? 98.39  105.90 -7.51  0.80 N 
73  1 "O4'" A DC 9  ? ? "C1'" A DC 9  ? ? N1    A DC 9  ? ? 110.90 108.30 2.60   0.30 N 
74  1 C6    A DC 9  ? ? N1    A DC 9  ? ? C2    A DC 9  ? ? 117.53 120.30 -2.77  0.40 N 
75  1 N3    A DC 9  ? ? C4    A DC 9  ? ? C5    A DC 9  ? ? 116.92 121.90 -4.98  0.40 N 
76  1 C4    A DC 9  ? ? C5    A DC 9  ? ? C6    A DC 9  ? ? 120.79 117.40 3.39   0.50 N 
77  1 N1    A DC 9  ? ? C2    A DC 9  ? ? O2    A DC 9  ? ? 123.54 118.90 4.64   0.60 N 
78  1 N3    A DC 9  ? ? C2    A DC 9  ? ? O2    A DC 9  ? ? 114.91 121.90 -6.99  0.70 N 
79  1 N3    A DC 9  ? ? C4    A DC 9  ? ? N4    A DC 9  ? ? 122.45 118.00 4.45   0.70 N 
80  1 "C3'" A DC 9  ? ? "O3'" A DC 9  ? ? P     A DG 10 ? ? 127.69 119.70 7.99   1.20 Y 
81  1 OP1   A DG 10 ? ? P     A DG 10 ? ? OP2   A DG 10 ? ? 107.57 119.60 -12.03 1.50 N 
82  1 "O4'" A DG 10 ? ? "C4'" A DG 10 ? ? "C3'" A DG 10 ? ? 101.11 104.50 -3.39  0.40 N 
83  1 "O4'" A DG 10 ? ? "C1'" A DG 10 ? ? N9    A DG 10 ? ? 111.12 108.30 2.82   0.30 N 
84  1 C2    A DG 10 ? ? N3    A DG 10 ? ? C4    A DG 10 ? ? 120.62 111.90 8.72   0.50 N 
85  1 N3    A DG 10 ? ? C4    A DG 10 ? ? C5    A DG 10 ? ? 120.09 128.60 -8.51  0.50 N 
86  1 C5    A DG 10 ? ? C6    A DG 10 ? ? N1    A DG 10 ? ? 116.19 111.50 4.69   0.50 N 
87  1 C4    A DG 10 ? ? C5    A DG 10 ? ? N7    A DG 10 ? ? 101.50 110.80 -9.30  0.40 N 
88  1 C5    A DG 10 ? ? N7    A DG 10 ? ? C8    A DG 10 ? ? 108.56 104.30 4.26   0.50 N 
89  1 N9    A DG 10 ? ? C4    A DG 10 ? ? C5    A DG 10 ? ? 111.25 105.40 5.85   0.40 N 
90  1 C6    A DG 10 ? ? C5    A DG 10 ? ? N7    A DG 10 ? ? 139.91 130.40 9.51   0.60 N 
91  1 C5    A DG 10 ? ? C6    A DG 10 ? ? O6    A DG 10 ? ? 121.31 128.60 -7.29  0.60 N 
92  1 "O4'" B DC 11 ? ? "C1'" B DC 11 ? ? "C2'" B DC 11 ? ? 100.71 105.90 -5.19  0.80 N 
93  1 "O4'" B DC 11 ? ? "C1'" B DC 11 ? ? N1    B DC 11 ? ? 110.42 108.30 2.12   0.30 N 
94  1 N3    B DC 11 ? ? C4    B DC 11 ? ? C5    B DC 11 ? ? 117.07 121.90 -4.83  0.40 N 
95  1 C4    B DC 11 ? ? C5    B DC 11 ? ? C6    B DC 11 ? ? 120.71 117.40 3.31   0.50 N 
96  1 N1    B DC 11 ? ? C2    B DC 11 ? ? O2    B DC 11 ? ? 123.92 118.90 5.02   0.60 N 
97  1 N3    B DC 11 ? ? C2    B DC 11 ? ? O2    B DC 11 ? ? 114.99 121.90 -6.91  0.70 N 
98  1 OP1   B DG 12 ? ? P     B DG 12 ? ? OP2   B DG 12 ? ? 107.93 119.60 -11.67 1.50 N 
99  1 C2    B DG 12 ? ? N3    B DG 12 ? ? C4    B DG 12 ? ? 121.13 111.90 9.23   0.50 N 
100 1 N3    B DG 12 ? ? C4    B DG 12 ? ? C5    B DG 12 ? ? 119.73 128.60 -8.87  0.50 N 
101 1 C5    B DG 12 ? ? C6    B DG 12 ? ? N1    B DG 12 ? ? 117.14 111.50 5.64   0.50 N 
102 1 C4    B DG 12 ? ? C5    B DG 12 ? ? N7    B DG 12 ? ? 101.29 110.80 -9.51  0.40 N 
103 1 C5    B DG 12 ? ? N7    B DG 12 ? ? C8    B DG 12 ? ? 108.93 104.30 4.63   0.50 N 
104 1 N9    B DG 12 ? ? C4    B DG 12 ? ? C5    B DG 12 ? ? 111.50 105.40 6.10   0.40 N 
105 1 C6    B DG 12 ? ? C5    B DG 12 ? ? N7    B DG 12 ? ? 140.35 130.40 9.95   0.60 N 
106 1 C5    B DG 12 ? ? C6    B DG 12 ? ? O6    B DG 12 ? ? 120.73 128.60 -7.87  0.60 N 
107 1 "C3'" B DG 12 ? ? "O3'" B DG 12 ? ? P     B DA 13 ? ? 128.82 119.70 9.12   1.20 Y 
108 1 OP1   B DA 13 ? ? P     B DA 13 ? ? OP2   B DA 13 ? ? 106.31 119.60 -13.29 1.50 N 
109 1 "O4'" B DA 13 ? ? "C4'" B DA 13 ? ? "C3'" B DA 13 ? ? 100.73 104.50 -3.77  0.40 N 
110 1 N1    B DA 13 ? ? C2    B DA 13 ? ? N3    B DA 13 ? ? 121.45 129.30 -7.85  0.50 N 
111 1 C2    B DA 13 ? ? N3    B DA 13 ? ? C4    B DA 13 ? ? 117.67 110.60 7.07   0.50 N 
112 1 N3    B DA 13 ? ? C4    B DA 13 ? ? C5    B DA 13 ? ? 120.87 126.80 -5.93  0.70 N 
113 1 C4    B DA 13 ? ? C5    B DA 13 ? ? C6    B DA 13 ? ? 120.59 117.00 3.59   0.50 N 
114 1 C4    B DA 13 ? ? C5    B DA 13 ? ? N7    B DA 13 ? ? 105.24 110.70 -5.46  0.50 N 
115 1 C5    B DA 13 ? ? N7    B DA 13 ? ? C8    B DA 13 ? ? 109.50 103.90 5.60   0.50 N 
116 1 N3    B DA 13 ? ? C4    B DA 13 ? ? N9    B DA 13 ? ? 132.27 127.40 4.87   0.80 N 
117 1 "C3'" B DA 13 ? ? "O3'" B DA 13 ? ? P     B DC 14 ? ? 127.40 119.70 7.70   1.20 Y 
118 1 OP1   B DC 14 ? ? P     B DC 14 ? ? OP2   B DC 14 ? ? 107.34 119.60 -12.26 1.50 N 
119 1 "O4'" B DC 14 ? ? "C4'" B DC 14 ? ? "C3'" B DC 14 ? ? 101.01 104.50 -3.49  0.40 N 
120 1 N3    B DC 14 ? ? C4    B DC 14 ? ? C5    B DC 14 ? ? 117.28 121.90 -4.62  0.40 N 
121 1 C4    B DC 14 ? ? C5    B DC 14 ? ? C6    B DC 14 ? ? 120.47 117.40 3.07   0.50 N 
122 1 N1    B DC 14 ? ? C2    B DC 14 ? ? O2    B DC 14 ? ? 123.37 118.90 4.47   0.60 N 
123 1 N3    B DC 14 ? ? C2    B DC 14 ? ? O2    B DC 14 ? ? 115.31 121.90 -6.59  0.70 N 
124 1 "C3'" B DC 14 ? ? "O3'" B DC 14 ? ? P     B DT 15 ? ? 129.09 119.70 9.39   1.20 Y 
125 1 OP1   B DT 15 ? ? P     B DT 15 ? ? OP2   B DT 15 ? ? 106.97 119.60 -12.63 1.50 N 
126 1 "O4'" B DT 15 ? ? "C1'" B DT 15 ? ? "C2'" B DT 15 ? ? 99.75  105.90 -6.15  0.80 N 
127 1 N1    B DT 15 ? ? C2    B DT 15 ? ? N3    B DT 15 ? ? 119.72 114.60 5.12   0.60 N 
128 1 C2    B DT 15 ? ? N3    B DT 15 ? ? C4    B DT 15 ? ? 121.46 127.20 -5.74  0.60 N 
129 1 N3    B DT 15 ? ? C4    B DT 15 ? ? C5    B DT 15 ? ? 118.91 115.20 3.71   0.60 N 
130 1 C5    B DT 15 ? ? C4    B DT 15 ? ? O4    B DT 15 ? ? 118.50 124.90 -6.40  0.70 N 
131 1 "C3'" B DT 15 ? ? "O3'" B DT 15 ? ? P     B DA 16 ? ? 128.57 119.70 8.87   1.20 Y 
132 1 OP1   B DA 16 ? ? P     B DA 16 ? ? OP2   B DA 16 ? ? 108.24 119.60 -11.36 1.50 N 
133 1 "O4'" B DA 16 ? ? "C4'" B DA 16 ? ? "C3'" B DA 16 ? ? 100.36 104.50 -4.14  0.40 N 
134 1 "O4'" B DA 16 ? ? "C1'" B DA 16 ? ? N9    B DA 16 ? ? 112.86 108.30 4.56   0.30 N 
135 1 N1    B DA 16 ? ? C2    B DA 16 ? ? N3    B DA 16 ? ? 122.61 129.30 -6.69  0.50 N 
136 1 C2    B DA 16 ? ? N3    B DA 16 ? ? C4    B DA 16 ? ? 118.34 110.60 7.74   0.50 N 
137 1 N3    B DA 16 ? ? C4    B DA 16 ? ? C5    B DA 16 ? ? 119.28 126.80 -7.52  0.70 N 
138 1 C4    B DA 16 ? ? C5    B DA 16 ? ? C6    B DA 16 ? ? 122.02 117.00 5.02   0.50 N 
139 1 C4    B DA 16 ? ? C5    B DA 16 ? ? N7    B DA 16 ? ? 106.17 110.70 -4.53  0.50 N 
140 1 C5    B DA 16 ? ? N7    B DA 16 ? ? C8    B DA 16 ? ? 109.22 103.90 5.32   0.50 N 
141 1 N3    B DA 16 ? ? C4    B DA 16 ? ? N9    B DA 16 ? ? 134.67 127.40 7.27   0.80 N 
142 1 N1    B DA 16 ? ? C6    B DA 16 ? ? N6    B DA 16 ? ? 122.32 118.60 3.72   0.60 N 
143 1 "C3'" B DA 16 ? ? "O3'" B DA 16 ? ? P     B DG 17 ? ? 128.58 119.70 8.88   1.20 Y 
144 1 OP1   B DG 17 ? ? P     B DG 17 ? ? OP2   B DG 17 ? ? 107.76 119.60 -11.84 1.50 N 
145 1 "O4'" B DG 17 ? ? "C1'" B DG 17 ? ? "C2'" B DG 17 ? ? 100.69 105.90 -5.21  0.80 N 
146 1 "O4'" B DG 17 ? ? "C1'" B DG 17 ? ? N9    B DG 17 ? ? 102.30 108.00 -5.70  0.70 N 
147 1 C2    B DG 17 ? ? N3    B DG 17 ? ? C4    B DG 17 ? ? 120.03 111.90 8.13   0.50 N 
148 1 N3    B DG 17 ? ? C4    B DG 17 ? ? C5    B DG 17 ? ? 118.67 128.60 -9.93  0.50 N 
149 1 C5    B DG 17 ? ? C6    B DG 17 ? ? N1    B DG 17 ? ? 116.28 111.50 4.78   0.50 N 
150 1 C4    B DG 17 ? ? C5    B DG 17 ? ? N7    B DG 17 ? ? 102.40 110.80 -8.40  0.40 N 
151 1 C5    B DG 17 ? ? N7    B DG 17 ? ? C8    B DG 17 ? ? 108.61 104.30 4.31   0.50 N 
152 1 N9    B DG 17 ? ? C4    B DG 17 ? ? C5    B DG 17 ? ? 110.19 105.40 4.79   0.40 N 
153 1 N3    B DG 17 ? ? C4    B DG 17 ? ? N9    B DG 17 ? ? 131.14 126.00 5.14   0.60 N 
154 1 C6    B DG 17 ? ? C5    B DG 17 ? ? N7    B DG 17 ? ? 137.29 130.40 6.89   0.60 N 
155 1 C5    B DG 17 ? ? C6    B DG 17 ? ? O6    B DG 17 ? ? 120.64 128.60 -7.96  0.60 N 
156 1 "C3'" B DG 17 ? ? "O3'" B DG 17 ? ? P     B DT 18 ? ? 127.75 119.70 8.05   1.20 Y 
157 1 OP1   B DT 18 ? ? P     B DT 18 ? ? OP2   B DT 18 ? ? 105.69 119.60 -13.91 1.50 N 
158 1 "O4'" B DT 18 ? ? "C4'" B DT 18 ? ? "C3'" B DT 18 ? ? 100.51 104.50 -3.99  0.40 N 
159 1 "O4'" B DT 18 ? ? "C1'" B DT 18 ? ? N1    B DT 18 ? ? 113.21 108.30 4.91   0.30 N 
160 1 N1    B DT 18 ? ? C2    B DT 18 ? ? N3    B DT 18 ? ? 119.98 114.60 5.38   0.60 N 
161 1 C2    B DT 18 ? ? N3    B DT 18 ? ? C4    B DT 18 ? ? 122.01 127.20 -5.19  0.60 N 
162 1 N3    B DT 18 ? ? C2    B DT 18 ? ? O2    B DT 18 ? ? 118.28 122.30 -4.02  0.60 N 
163 1 C5    B DT 18 ? ? C4    B DT 18 ? ? O4    B DT 18 ? ? 120.13 124.90 -4.77  0.70 N 
164 1 "C3'" B DT 18 ? ? "O3'" B DT 18 ? ? P     B DC 19 ? ? 128.75 119.70 9.05   1.20 Y 
165 1 OP1   B DC 19 ? ? P     B DC 19 ? ? OP2   B DC 19 ? ? 106.95 119.60 -12.65 1.50 N 
166 1 "O4'" B DC 19 ? ? "C1'" B DC 19 ? ? "C2'" B DC 19 ? ? 98.62  105.90 -7.28  0.80 N 
167 1 "O4'" B DC 19 ? ? "C1'" B DC 19 ? ? N1    B DC 19 ? ? 112.47 108.30 4.17   0.30 N 
168 1 C6    B DC 19 ? ? N1    B DC 19 ? ? C2    B DC 19 ? ? 117.38 120.30 -2.92  0.40 N 
169 1 N3    B DC 19 ? ? C4    B DC 19 ? ? C5    B DC 19 ? ? 116.73 121.90 -5.17  0.40 N 
170 1 C4    B DC 19 ? ? C5    B DC 19 ? ? C6    B DC 19 ? ? 120.80 117.40 3.40   0.50 N 
171 1 N1    B DC 19 ? ? C2    B DC 19 ? ? O2    B DC 19 ? ? 124.40 118.90 5.50   0.60 N 
172 1 N3    B DC 19 ? ? C2    B DC 19 ? ? O2    B DC 19 ? ? 113.90 121.90 -8.00  0.70 N 
173 1 "C3'" B DC 19 ? ? "O3'" B DC 19 ? ? P     B DG 20 ? ? 135.83 119.70 16.13  1.20 Y 
174 1 "O5'" B DG 20 ? ? "C5'" B DG 20 ? ? "C4'" B DG 20 ? ? 104.41 109.40 -4.99  0.80 N 
175 1 P     B DG 20 ? ? "O5'" B DG 20 ? ? "C5'" B DG 20 ? ? 134.85 120.90 13.95  1.60 N 
176 1 C2    B DG 20 ? ? N3    B DG 20 ? ? C4    B DG 20 ? ? 120.92 111.90 9.02   0.50 N 
177 1 N3    B DG 20 ? ? C4    B DG 20 ? ? C5    B DG 20 ? ? 120.05 128.60 -8.55  0.50 N 
178 1 C5    B DG 20 ? ? C6    B DG 20 ? ? N1    B DG 20 ? ? 116.83 111.50 5.33   0.50 N 
179 1 C4    B DG 20 ? ? C5    B DG 20 ? ? N7    B DG 20 ? ? 101.15 110.80 -9.65  0.40 N 
180 1 C5    B DG 20 ? ? N7    B DG 20 ? ? C8    B DG 20 ? ? 108.93 104.30 4.63   0.50 N 
181 1 N9    B DG 20 ? ? C4    B DG 20 ? ? C5    B DG 20 ? ? 111.70 105.40 6.30   0.40 N 
182 1 C6    B DG 20 ? ? C5    B DG 20 ? ? N7    B DG 20 ? ? 140.58 130.40 10.18  0.60 N 
183 1 C5    B DG 20 ? ? C6    B DG 20 ? ? O6    B DG 20 ? ? 121.23 128.60 -7.37  0.60 N 
# 
loop_
_pdbx_validate_planes.id 
_pdbx_validate_planes.PDB_model_num 
_pdbx_validate_planes.auth_comp_id 
_pdbx_validate_planes.auth_asym_id 
_pdbx_validate_planes.auth_seq_id 
_pdbx_validate_planes.PDB_ins_code 
_pdbx_validate_planes.label_alt_id 
_pdbx_validate_planes.rmsd 
_pdbx_validate_planes.type 
1 1 DA A 6  ? ? 0.094 'SIDE CHAIN' 
2 1 DA B 13 ? ? 0.072 'SIDE CHAIN' 
# 
_struct_site_keywords.site_id   1 
_struct_site_keywords.text      'MINOR GROOVE BINDER' 
# 
_pdbx_nmr_ensemble.entry_id                             1RMX 
_pdbx_nmr_ensemble.conformers_calculated_total_number   ? 
_pdbx_nmr_ensemble.conformers_submitted_total_number    1 
_pdbx_nmr_ensemble.conformer_selection_criteria         ? 
# 
_pdbx_nmr_representative.entry_id             1RMX 
_pdbx_nmr_representative.conformer_id         1 
_pdbx_nmr_representative.selection_criteria   'minimized average structure' 
# 
_pdbx_nmr_sample_details.solution_id      1 
_pdbx_nmr_sample_details.contents         '2.4mM DNA duplex with 2 equivalents of AIK13/20 ligand, 90% H2O, 10% D2O' 
_pdbx_nmr_sample_details.solvent_system   '90% H2O/10% D2O' 
# 
_pdbx_nmr_exptl_sample_conditions.conditions_id       1 
_pdbx_nmr_exptl_sample_conditions.temperature         298 
_pdbx_nmr_exptl_sample_conditions.pressure            1 
_pdbx_nmr_exptl_sample_conditions.pH                  7.0 
_pdbx_nmr_exptl_sample_conditions.ionic_strength      '100mM NaCl' 
_pdbx_nmr_exptl_sample_conditions.pressure_units      atm 
_pdbx_nmr_exptl_sample_conditions.temperature_units   K 
# 
loop_
_pdbx_nmr_exptl.experiment_id 
_pdbx_nmr_exptl.conditions_id 
_pdbx_nmr_exptl.type 
_pdbx_nmr_exptl.solution_id 
1 1 '2D NOESY' 1 
2 1 '2D TOCSY' 1 
3 1 DQF-COSY   1 
# 
_pdbx_nmr_details.entry_id   1RMX 
_pdbx_nmr_details.text       'The structure was determined using standard 2D homonuclear techniques' 
# 
_pdbx_nmr_refine.entry_id           1RMX 
_pdbx_nmr_refine.method             'Restrained Molecular Dynamics' 
_pdbx_nmr_refine.details            ? 
_pdbx_nmr_refine.software_ordinal   1 
# 
loop_
_pdbx_nmr_software.classification 
_pdbx_nmr_software.name 
_pdbx_nmr_software.version 
_pdbx_nmr_software.authors 
_pdbx_nmr_software.ordinal 
'iterative matrix relaxation' SYBYL   6.3   'TRIPOS INC.'       1 
collection                    XwinNMR 3.0   Bruker              2 
collection                    VNMR    6     Varian              3 
refinement                    SYBYL   6.3   'TRIPOS INC.'       4 
'data analysis'               Sparky  3.105 'Goddard & Kneller' 5 
# 
loop_
_chem_comp_atom.comp_id 
_chem_comp_atom.atom_id 
_chem_comp_atom.type_symbol 
_chem_comp_atom.pdbx_aromatic_flag 
_chem_comp_atom.pdbx_stereo_config 
_chem_comp_atom.pdbx_ordinal 
AIK C14    C Y N 1   
AIK C10    C Y N 2   
AIK N9     N N N 3   
AIK C8     C N N 4   
AIK C6     C Y N 5   
AIK C7     C Y N 6   
AIK C3     C Y N 7   
AIK N2     N N N 8   
AIK C1     C N N 9   
AIK O1     O N N 10  
AIK C4     C Y N 11  
AIK N5     N Y N 12  
AIK C5     C N N 13  
AIK O8     O N N 14  
AIK C11    C Y N 15  
AIK N12    N Y N 16  
AIK C12    C N N 17  
AIK C13    C Y N 18  
AIK C15    C N N 19  
AIK O15    O N N 20  
AIK N16    N N N 21  
AIK C17    C Y N 22  
AIK N21    N Y N 23  
AIK C20    C Y N 24  
AIK C25    C N N 25  
AIK O25    O N N 26  
AIK N26    N N N 27  
AIK C27    C N N 28  
AIK C28    C N N 29  
AIK C29    C N N 30  
AIK N30    N N N 31  
AIK C32    C N N 32  
AIK C31    C N N 33  
AIK C19    C Y N 34  
AIK C22    C N N 35  
AIK C23    C N N 36  
AIK C24    C N N 37  
AIK S18    S Y N 38  
AIK H14    H N N 39  
AIK H9     H N N 40  
AIK H7     H N N 41  
AIK H2     H N N 42  
AIK H1     H N N 43  
AIK H4     H N N 44  
AIK H51    H N N 45  
AIK H52    H N N 46  
AIK H53    H N N 47  
AIK H11    H N N 48  
AIK H121   H N N 49  
AIK H122   H N N 50  
AIK H123   H N N 51  
AIK H16    H N N 52  
AIK H26    H N N 53  
AIK H271   H N N 54  
AIK H272   H N N 55  
AIK H281   H N N 56  
AIK H282   H N N 57  
AIK H291   H N N 58  
AIK H292   H N N 59  
AIK H321   H N N 60  
AIK H322   H N N 61  
AIK H323   H N N 62  
AIK H311   H N N 63  
AIK H312   H N N 64  
AIK H313   H N N 65  
AIK H22    H N N 66  
AIK H231   H N N 67  
AIK H232   H N N 68  
AIK H233   H N N 69  
AIK H241   H N N 70  
AIK H242   H N N 71  
AIK H243   H N N 72  
DA  OP3    O N N 73  
DA  P      P N N 74  
DA  OP1    O N N 75  
DA  OP2    O N N 76  
DA  "O5'"  O N N 77  
DA  "C5'"  C N N 78  
DA  "C4'"  C N R 79  
DA  "O4'"  O N N 80  
DA  "C3'"  C N S 81  
DA  "O3'"  O N N 82  
DA  "C2'"  C N N 83  
DA  "C1'"  C N R 84  
DA  N9     N Y N 85  
DA  C8     C Y N 86  
DA  N7     N Y N 87  
DA  C5     C Y N 88  
DA  C6     C Y N 89  
DA  N6     N N N 90  
DA  N1     N Y N 91  
DA  C2     C Y N 92  
DA  N3     N Y N 93  
DA  C4     C Y N 94  
DA  HOP3   H N N 95  
DA  HOP2   H N N 96  
DA  "H5'"  H N N 97  
DA  "H5''" H N N 98  
DA  "H4'"  H N N 99  
DA  "H3'"  H N N 100 
DA  "HO3'" H N N 101 
DA  "H2'"  H N N 102 
DA  "H2''" H N N 103 
DA  "H1'"  H N N 104 
DA  H8     H N N 105 
DA  H61    H N N 106 
DA  H62    H N N 107 
DA  H2     H N N 108 
DC  OP3    O N N 109 
DC  P      P N N 110 
DC  OP1    O N N 111 
DC  OP2    O N N 112 
DC  "O5'"  O N N 113 
DC  "C5'"  C N N 114 
DC  "C4'"  C N R 115 
DC  "O4'"  O N N 116 
DC  "C3'"  C N S 117 
DC  "O3'"  O N N 118 
DC  "C2'"  C N N 119 
DC  "C1'"  C N R 120 
DC  N1     N N N 121 
DC  C2     C N N 122 
DC  O2     O N N 123 
DC  N3     N N N 124 
DC  C4     C N N 125 
DC  N4     N N N 126 
DC  C5     C N N 127 
DC  C6     C N N 128 
DC  HOP3   H N N 129 
DC  HOP2   H N N 130 
DC  "H5'"  H N N 131 
DC  "H5''" H N N 132 
DC  "H4'"  H N N 133 
DC  "H3'"  H N N 134 
DC  "HO3'" H N N 135 
DC  "H2'"  H N N 136 
DC  "H2''" H N N 137 
DC  "H1'"  H N N 138 
DC  H41    H N N 139 
DC  H42    H N N 140 
DC  H5     H N N 141 
DC  H6     H N N 142 
DG  OP3    O N N 143 
DG  P      P N N 144 
DG  OP1    O N N 145 
DG  OP2    O N N 146 
DG  "O5'"  O N N 147 
DG  "C5'"  C N N 148 
DG  "C4'"  C N R 149 
DG  "O4'"  O N N 150 
DG  "C3'"  C N S 151 
DG  "O3'"  O N N 152 
DG  "C2'"  C N N 153 
DG  "C1'"  C N R 154 
DG  N9     N Y N 155 
DG  C8     C Y N 156 
DG  N7     N Y N 157 
DG  C5     C Y N 158 
DG  C6     C N N 159 
DG  O6     O N N 160 
DG  N1     N N N 161 
DG  C2     C N N 162 
DG  N2     N N N 163 
DG  N3     N N N 164 
DG  C4     C Y N 165 
DG  HOP3   H N N 166 
DG  HOP2   H N N 167 
DG  "H5'"  H N N 168 
DG  "H5''" H N N 169 
DG  "H4'"  H N N 170 
DG  "H3'"  H N N 171 
DG  "HO3'" H N N 172 
DG  "H2'"  H N N 173 
DG  "H2''" H N N 174 
DG  "H1'"  H N N 175 
DG  H8     H N N 176 
DG  H1     H N N 177 
DG  H21    H N N 178 
DG  H22    H N N 179 
DT  OP3    O N N 180 
DT  P      P N N 181 
DT  OP1    O N N 182 
DT  OP2    O N N 183 
DT  "O5'"  O N N 184 
DT  "C5'"  C N N 185 
DT  "C4'"  C N R 186 
DT  "O4'"  O N N 187 
DT  "C3'"  C N S 188 
DT  "O3'"  O N N 189 
DT  "C2'"  C N N 190 
DT  "C1'"  C N R 191 
DT  N1     N N N 192 
DT  C2     C N N 193 
DT  O2     O N N 194 
DT  N3     N N N 195 
DT  C4     C N N 196 
DT  O4     O N N 197 
DT  C5     C N N 198 
DT  C7     C N N 199 
DT  C6     C N N 200 
DT  HOP3   H N N 201 
DT  HOP2   H N N 202 
DT  "H5'"  H N N 203 
DT  "H5''" H N N 204 
DT  "H4'"  H N N 205 
DT  "H3'"  H N N 206 
DT  "HO3'" H N N 207 
DT  "H2'"  H N N 208 
DT  "H2''" H N N 209 
DT  "H1'"  H N N 210 
DT  H3     H N N 211 
DT  H71    H N N 212 
DT  H72    H N N 213 
DT  H73    H N N 214 
DT  H6     H N N 215 
# 
loop_
_chem_comp_bond.comp_id 
_chem_comp_bond.atom_id_1 
_chem_comp_bond.atom_id_2 
_chem_comp_bond.value_order 
_chem_comp_bond.pdbx_aromatic_flag 
_chem_comp_bond.pdbx_stereo_config 
_chem_comp_bond.pdbx_ordinal 
AIK C14   C10    sing Y N 1   
AIK C14   C13    doub Y N 2   
AIK C14   H14    sing N N 3   
AIK C10   N9     sing N N 4   
AIK C10   C11    doub Y N 5   
AIK N9    C8     sing N N 6   
AIK N9    H9     sing N N 7   
AIK C8    C6     sing N N 8   
AIK C8    O8     doub N N 9   
AIK C6    C7     doub Y N 10  
AIK C6    N5     sing Y N 11  
AIK C7    C3     sing Y N 12  
AIK C7    H7     sing N N 13  
AIK C3    N2     sing N N 14  
AIK C3    C4     doub Y N 15  
AIK N2    C1     sing N N 16  
AIK N2    H2     sing N N 17  
AIK C1    O1     doub N N 18  
AIK C1    H1     sing N N 19  
AIK C4    N5     sing Y N 20  
AIK C4    H4     sing N N 21  
AIK N5    C5     sing N N 22  
AIK C5    H51    sing N N 23  
AIK C5    H52    sing N N 24  
AIK C5    H53    sing N N 25  
AIK C11   N12    sing Y N 26  
AIK C11   H11    sing N N 27  
AIK N12   C12    sing N N 28  
AIK N12   C13    sing Y N 29  
AIK C12   H121   sing N N 30  
AIK C12   H122   sing N N 31  
AIK C12   H123   sing N N 32  
AIK C13   C15    sing N N 33  
AIK C15   O15    doub N N 34  
AIK C15   N16    sing N N 35  
AIK N16   C17    sing N N 36  
AIK N16   H16    sing N N 37  
AIK C17   N21    doub Y N 38  
AIK C17   S18    sing Y N 39  
AIK N21   C20    sing Y N 40  
AIK C20   C25    sing N N 41  
AIK C20   C19    doub Y N 42  
AIK C25   O25    doub N N 43  
AIK C25   N26    sing N N 44  
AIK N26   C27    sing N N 45  
AIK N26   H26    sing N N 46  
AIK C27   C28    sing N N 47  
AIK C27   H271   sing N N 48  
AIK C27   H272   sing N N 49  
AIK C28   C29    sing N N 50  
AIK C28   H281   sing N N 51  
AIK C28   H282   sing N N 52  
AIK C29   N30    sing N N 53  
AIK C29   H291   sing N N 54  
AIK C29   H292   sing N N 55  
AIK N30   C32    sing N N 56  
AIK N30   C31    sing N N 57  
AIK C32   H321   sing N N 58  
AIK C32   H322   sing N N 59  
AIK C32   H323   sing N N 60  
AIK C31   H311   sing N N 61  
AIK C31   H312   sing N N 62  
AIK C31   H313   sing N N 63  
AIK C19   C22    sing N N 64  
AIK C19   S18    sing Y N 65  
AIK C22   C23    sing N N 66  
AIK C22   C24    sing N N 67  
AIK C22   H22    sing N N 68  
AIK C23   H231   sing N N 69  
AIK C23   H232   sing N N 70  
AIK C23   H233   sing N N 71  
AIK C24   H241   sing N N 72  
AIK C24   H242   sing N N 73  
AIK C24   H243   sing N N 74  
DA  OP3   P      sing N N 75  
DA  OP3   HOP3   sing N N 76  
DA  P     OP1    doub N N 77  
DA  P     OP2    sing N N 78  
DA  P     "O5'"  sing N N 79  
DA  OP2   HOP2   sing N N 80  
DA  "O5'" "C5'"  sing N N 81  
DA  "C5'" "C4'"  sing N N 82  
DA  "C5'" "H5'"  sing N N 83  
DA  "C5'" "H5''" sing N N 84  
DA  "C4'" "O4'"  sing N N 85  
DA  "C4'" "C3'"  sing N N 86  
DA  "C4'" "H4'"  sing N N 87  
DA  "O4'" "C1'"  sing N N 88  
DA  "C3'" "O3'"  sing N N 89  
DA  "C3'" "C2'"  sing N N 90  
DA  "C3'" "H3'"  sing N N 91  
DA  "O3'" "HO3'" sing N N 92  
DA  "C2'" "C1'"  sing N N 93  
DA  "C2'" "H2'"  sing N N 94  
DA  "C2'" "H2''" sing N N 95  
DA  "C1'" N9     sing N N 96  
DA  "C1'" "H1'"  sing N N 97  
DA  N9    C8     sing Y N 98  
DA  N9    C4     sing Y N 99  
DA  C8    N7     doub Y N 100 
DA  C8    H8     sing N N 101 
DA  N7    C5     sing Y N 102 
DA  C5    C6     sing Y N 103 
DA  C5    C4     doub Y N 104 
DA  C6    N6     sing N N 105 
DA  C6    N1     doub Y N 106 
DA  N6    H61    sing N N 107 
DA  N6    H62    sing N N 108 
DA  N1    C2     sing Y N 109 
DA  C2    N3     doub Y N 110 
DA  C2    H2     sing N N 111 
DA  N3    C4     sing Y N 112 
DC  OP3   P      sing N N 113 
DC  OP3   HOP3   sing N N 114 
DC  P     OP1    doub N N 115 
DC  P     OP2    sing N N 116 
DC  P     "O5'"  sing N N 117 
DC  OP2   HOP2   sing N N 118 
DC  "O5'" "C5'"  sing N N 119 
DC  "C5'" "C4'"  sing N N 120 
DC  "C5'" "H5'"  sing N N 121 
DC  "C5'" "H5''" sing N N 122 
DC  "C4'" "O4'"  sing N N 123 
DC  "C4'" "C3'"  sing N N 124 
DC  "C4'" "H4'"  sing N N 125 
DC  "O4'" "C1'"  sing N N 126 
DC  "C3'" "O3'"  sing N N 127 
DC  "C3'" "C2'"  sing N N 128 
DC  "C3'" "H3'"  sing N N 129 
DC  "O3'" "HO3'" sing N N 130 
DC  "C2'" "C1'"  sing N N 131 
DC  "C2'" "H2'"  sing N N 132 
DC  "C2'" "H2''" sing N N 133 
DC  "C1'" N1     sing N N 134 
DC  "C1'" "H1'"  sing N N 135 
DC  N1    C2     sing N N 136 
DC  N1    C6     sing N N 137 
DC  C2    O2     doub N N 138 
DC  C2    N3     sing N N 139 
DC  N3    C4     doub N N 140 
DC  C4    N4     sing N N 141 
DC  C4    C5     sing N N 142 
DC  N4    H41    sing N N 143 
DC  N4    H42    sing N N 144 
DC  C5    C6     doub N N 145 
DC  C5    H5     sing N N 146 
DC  C6    H6     sing N N 147 
DG  OP3   P      sing N N 148 
DG  OP3   HOP3   sing N N 149 
DG  P     OP1    doub N N 150 
DG  P     OP2    sing N N 151 
DG  P     "O5'"  sing N N 152 
DG  OP2   HOP2   sing N N 153 
DG  "O5'" "C5'"  sing N N 154 
DG  "C5'" "C4'"  sing N N 155 
DG  "C5'" "H5'"  sing N N 156 
DG  "C5'" "H5''" sing N N 157 
DG  "C4'" "O4'"  sing N N 158 
DG  "C4'" "C3'"  sing N N 159 
DG  "C4'" "H4'"  sing N N 160 
DG  "O4'" "C1'"  sing N N 161 
DG  "C3'" "O3'"  sing N N 162 
DG  "C3'" "C2'"  sing N N 163 
DG  "C3'" "H3'"  sing N N 164 
DG  "O3'" "HO3'" sing N N 165 
DG  "C2'" "C1'"  sing N N 166 
DG  "C2'" "H2'"  sing N N 167 
DG  "C2'" "H2''" sing N N 168 
DG  "C1'" N9     sing N N 169 
DG  "C1'" "H1'"  sing N N 170 
DG  N9    C8     sing Y N 171 
DG  N9    C4     sing Y N 172 
DG  C8    N7     doub Y N 173 
DG  C8    H8     sing N N 174 
DG  N7    C5     sing Y N 175 
DG  C5    C6     sing N N 176 
DG  C5    C4     doub Y N 177 
DG  C6    O6     doub N N 178 
DG  C6    N1     sing N N 179 
DG  N1    C2     sing N N 180 
DG  N1    H1     sing N N 181 
DG  C2    N2     sing N N 182 
DG  C2    N3     doub N N 183 
DG  N2    H21    sing N N 184 
DG  N2    H22    sing N N 185 
DG  N3    C4     sing N N 186 
DT  OP3   P      sing N N 187 
DT  OP3   HOP3   sing N N 188 
DT  P     OP1    doub N N 189 
DT  P     OP2    sing N N 190 
DT  P     "O5'"  sing N N 191 
DT  OP2   HOP2   sing N N 192 
DT  "O5'" "C5'"  sing N N 193 
DT  "C5'" "C4'"  sing N N 194 
DT  "C5'" "H5'"  sing N N 195 
DT  "C5'" "H5''" sing N N 196 
DT  "C4'" "O4'"  sing N N 197 
DT  "C4'" "C3'"  sing N N 198 
DT  "C4'" "H4'"  sing N N 199 
DT  "O4'" "C1'"  sing N N 200 
DT  "C3'" "O3'"  sing N N 201 
DT  "C3'" "C2'"  sing N N 202 
DT  "C3'" "H3'"  sing N N 203 
DT  "O3'" "HO3'" sing N N 204 
DT  "C2'" "C1'"  sing N N 205 
DT  "C2'" "H2'"  sing N N 206 
DT  "C2'" "H2''" sing N N 207 
DT  "C1'" N1     sing N N 208 
DT  "C1'" "H1'"  sing N N 209 
DT  N1    C2     sing N N 210 
DT  N1    C6     sing N N 211 
DT  C2    O2     doub N N 212 
DT  C2    N3     sing N N 213 
DT  N3    C4     sing N N 214 
DT  N3    H3     sing N N 215 
DT  C4    O4     doub N N 216 
DT  C4    C5     sing N N 217 
DT  C5    C7     sing N N 218 
DT  C5    C6     doub N N 219 
DT  C7    H71    sing N N 220 
DT  C7    H72    sing N N 221 
DT  C7    H73    sing N N 222 
DT  C6    H6     sing N N 223 
# 
loop_
_ndb_struct_conf_na.entry_id 
_ndb_struct_conf_na.feature 
1RMX 'double helix'         
1RMX 'b-form double helix'  
1RMX 'mismatched base pair' 
# 
loop_
_ndb_struct_na_base_pair.model_number 
_ndb_struct_na_base_pair.i_label_asym_id 
_ndb_struct_na_base_pair.i_label_comp_id 
_ndb_struct_na_base_pair.i_label_seq_id 
_ndb_struct_na_base_pair.i_symmetry 
_ndb_struct_na_base_pair.j_label_asym_id 
_ndb_struct_na_base_pair.j_label_comp_id 
_ndb_struct_na_base_pair.j_label_seq_id 
_ndb_struct_na_base_pair.j_symmetry 
_ndb_struct_na_base_pair.shear 
_ndb_struct_na_base_pair.stretch 
_ndb_struct_na_base_pair.stagger 
_ndb_struct_na_base_pair.buckle 
_ndb_struct_na_base_pair.propeller 
_ndb_struct_na_base_pair.opening 
_ndb_struct_na_base_pair.pair_number 
_ndb_struct_na_base_pair.pair_name 
_ndb_struct_na_base_pair.i_auth_asym_id 
_ndb_struct_na_base_pair.i_auth_seq_id 
_ndb_struct_na_base_pair.i_PDB_ins_code 
_ndb_struct_na_base_pair.j_auth_asym_id 
_ndb_struct_na_base_pair.j_auth_seq_id 
_ndb_struct_na_base_pair.j_PDB_ins_code 
_ndb_struct_na_base_pair.hbond_type_28 
_ndb_struct_na_base_pair.hbond_type_12 
1 A DC 1  1_555 B DG 10 1_555 0.147  -0.313 0.253  -0.165  -11.301 0.085  1  A_DC1:DG20_B  A 1  ? B 20 ? 19 1 
1 A DG 2  1_555 B DC 9  1_555 -0.307 -0.291 -0.386 -26.292 -20.196 1.951  2  A_DG2:DC19_B  A 2  ? B 19 ? 19 1 
1 A DA 3  1_555 B DT 8  1_555 0.146  -0.223 0.043  -15.196 2.375   -6.408 3  A_DA3:DT18_B  A 3  ? B 18 ? 20 1 
1 A DC 4  1_555 B DG 7  1_555 0.219  -0.357 0.395  -6.275  -0.891  -2.230 4  A_DC4:DG17_B  A 4  ? B 17 ? 19 1 
1 A DT 5  1_555 B DA 6  1_555 -0.206 -0.264 -0.591 7.527   -10.794 -8.877 5  A_DT5:DA16_B  A 5  ? B 16 ? 20 1 
1 A DA 6  1_555 B DT 5  1_555 0.262  -0.246 -0.730 -17.513 -21.275 -7.700 6  A_DA6:DT15_B  A 6  ? B 15 ? 20 1 
1 A DG 7  1_555 B DC 4  1_555 -0.253 -0.330 0.281  7.598   -4.465  -1.780 7  A_DG7:DC14_B  A 7  ? B 14 ? 19 1 
1 A DT 8  1_555 B DA 3  1_555 0.061  -0.215 0.062  15.349  -5.023  5.128  8  A_DT8:DA13_B  A 8  ? B 13 ? 20 1 
1 A DC 9  1_555 B DG 2  1_555 0.155  -0.263 -0.289 27.054  -8.597  -0.872 9  A_DC9:DG12_B  A 9  ? B 12 ? 19 1 
1 A DG 10 1_555 B DC 1  1_555 -0.202 -0.387 0.300  11.460  -20.508 0.290  10 A_DG10:DC11_B A 10 ? B 11 ? 19 1 
# 
loop_
_ndb_struct_na_base_pair_step.model_number 
_ndb_struct_na_base_pair_step.i_label_asym_id_1 
_ndb_struct_na_base_pair_step.i_label_comp_id_1 
_ndb_struct_na_base_pair_step.i_label_seq_id_1 
_ndb_struct_na_base_pair_step.i_symmetry_1 
_ndb_struct_na_base_pair_step.j_label_asym_id_1 
_ndb_struct_na_base_pair_step.j_label_comp_id_1 
_ndb_struct_na_base_pair_step.j_label_seq_id_1 
_ndb_struct_na_base_pair_step.j_symmetry_1 
_ndb_struct_na_base_pair_step.i_label_asym_id_2 
_ndb_struct_na_base_pair_step.i_label_comp_id_2 
_ndb_struct_na_base_pair_step.i_label_seq_id_2 
_ndb_struct_na_base_pair_step.i_symmetry_2 
_ndb_struct_na_base_pair_step.j_label_asym_id_2 
_ndb_struct_na_base_pair_step.j_label_comp_id_2 
_ndb_struct_na_base_pair_step.j_label_seq_id_2 
_ndb_struct_na_base_pair_step.j_symmetry_2 
_ndb_struct_na_base_pair_step.shift 
_ndb_struct_na_base_pair_step.slide 
_ndb_struct_na_base_pair_step.rise 
_ndb_struct_na_base_pair_step.tilt 
_ndb_struct_na_base_pair_step.roll 
_ndb_struct_na_base_pair_step.twist 
_ndb_struct_na_base_pair_step.x_displacement 
_ndb_struct_na_base_pair_step.y_displacement 
_ndb_struct_na_base_pair_step.helical_rise 
_ndb_struct_na_base_pair_step.inclination 
_ndb_struct_na_base_pair_step.tip 
_ndb_struct_na_base_pair_step.helical_twist 
_ndb_struct_na_base_pair_step.step_number 
_ndb_struct_na_base_pair_step.step_name 
_ndb_struct_na_base_pair_step.i_auth_asym_id_1 
_ndb_struct_na_base_pair_step.i_auth_seq_id_1 
_ndb_struct_na_base_pair_step.i_PDB_ins_code_1 
_ndb_struct_na_base_pair_step.j_auth_asym_id_1 
_ndb_struct_na_base_pair_step.j_auth_seq_id_1 
_ndb_struct_na_base_pair_step.j_PDB_ins_code_1 
_ndb_struct_na_base_pair_step.i_auth_asym_id_2 
_ndb_struct_na_base_pair_step.i_auth_seq_id_2 
_ndb_struct_na_base_pair_step.i_PDB_ins_code_2 
_ndb_struct_na_base_pair_step.j_auth_asym_id_2 
_ndb_struct_na_base_pair_step.j_auth_seq_id_2 
_ndb_struct_na_base_pair_step.j_PDB_ins_code_2 
1 A DC 1 1_555 B DG 10 1_555 A DG 2  1_555 B DC 9 1_555 1.146  -0.288 3.324 14.454 11.264 43.156 -1.366 -0.157 3.355 14.556 
-18.679 46.714 1 AA_DC1DG2:DC19DG20_BB  A 1 ? B 20 ? A 2  ? B 19 ? 
1 A DG 2 1_555 B DC 9  1_555 A DA 3  1_555 B DT 8 1_555 -0.075 -0.681 2.876 -1.554 16.954 24.131 -4.311 -0.124 1.982 35.454 3.251 
29.459 2 AA_DG2DA3:DT18DC19_BB  A 2 ? B 19 ? A 3  ? B 18 ? 
1 A DA 3 1_555 B DT 8  1_555 A DC 4  1_555 B DG 7 1_555 -0.656 -0.708 2.765 -2.136 -2.653 27.297 -0.928 0.927  2.862 -5.594 4.504 
27.505 3 AA_DA3DC4:DG17DT18_BB  A 3 ? B 18 ? A 4  ? B 17 ? 
1 A DC 4 1_555 B DG 7  1_555 A DT 5  1_555 B DA 6 1_555 0.148  -0.206 2.548 11.017 8.277  27.853 -1.631 1.381  2.291 16.013 
-21.314 31.014 4 AA_DC4DT5:DA16DG17_BB  A 4 ? B 17 ? A 5  ? B 16 ? 
1 A DT 5 1_555 B DA 6  1_555 A DA 6  1_555 B DT 5 1_555 0.553  1.827  3.538 2.780  9.346  48.093 1.399  -0.427 3.832 11.332 -3.371 
49.014 5 AA_DT5DA6:DT15DA16_BB  A 5 ? B 16 ? A 6  ? B 15 ? 
1 A DA 6 1_555 B DT 5  1_555 A DG 7  1_555 B DC 4 1_555 0.125  0.726  2.250 -8.648 4.012  30.689 0.810  -1.310 2.209 7.361  15.866 
32.101 6 AA_DA6DG7:DC14DT15_BB  A 6 ? B 15 ? A 7  ? B 14 ? 
1 A DG 7 1_555 B DC 4  1_555 A DT 8  1_555 B DA 3 1_555 1.155  -0.609 2.688 2.186  3.163  26.352 -2.006 -2.036 2.683 6.892  -4.763 
26.626 7 AA_DG7DT8:DA13DC14_BB  A 7 ? B 14 ? A 8  ? B 13 ? 
1 A DT 8 1_555 B DA 3  1_555 A DC 9  1_555 B DG 2 1_555 -0.342 -0.329 2.842 5.833  9.859  27.523 -2.381 1.695  2.459 19.678 
-11.642 29.769 8 AA_DT8DC9:DG12DA13_BB  A 8 ? B 13 ? A 9  ? B 12 ? 
1 A DC 9 1_555 B DG 2  1_555 A DG 10 1_555 B DC 1 1_555 -0.331 -0.784 3.151 -8.785 11.226 32.662 -2.826 -0.664 2.740 18.881 14.775 
35.560 9 AA_DC9DG10:DC11DG12_BB A 9 ? B 12 ? A 10 ? B 11 ? 
# 
loop_
_pdbx_nmr_spectrometer.spectrometer_id 
_pdbx_nmr_spectrometer.model 
_pdbx_nmr_spectrometer.manufacturer 
_pdbx_nmr_spectrometer.field_strength 
_pdbx_nmr_spectrometer.type 
1 INOVA  Varian 800 ? 
2 INOVA  Varian 600 ? 
3 AVANCE Bruker 600 ? 
4 AMX    Bruker 400 ? 
# 
_atom_sites.entry_id                    1RMX 
_atom_sites.fract_transf_matrix[1][1]   1.000000 
_atom_sites.fract_transf_matrix[1][2]   0.000000 
_atom_sites.fract_transf_matrix[1][3]   0.000000 
_atom_sites.fract_transf_matrix[2][1]   0.000000 
_atom_sites.fract_transf_matrix[2][2]   1.000000 
_atom_sites.fract_transf_matrix[2][3]   0.000000 
_atom_sites.fract_transf_matrix[3][1]   0.000000 
_atom_sites.fract_transf_matrix[3][2]   0.000000 
_atom_sites.fract_transf_matrix[3][3]   1.000000 
_atom_sites.fract_transf_vector[1]      0.00000 
_atom_sites.fract_transf_vector[2]      0.00000 
_atom_sites.fract_transf_vector[3]      0.00000 
# 
loop_
_atom_type.symbol 
C 
H 
N 
O 
P 
S 
# 
loop_
_atom_site.group_PDB 
_atom_site.id 
_atom_site.type_symbol 
_atom_site.label_atom_id 
_atom_site.label_alt_id 
_atom_site.label_comp_id 
_atom_site.label_asym_id 
_atom_site.label_entity_id 
_atom_site.label_seq_id 
_atom_site.pdbx_PDB_ins_code 
_atom_site.Cartn_x 
_atom_site.Cartn_y 
_atom_site.Cartn_z 
_atom_site.occupancy 
_atom_site.B_iso_or_equiv 
_atom_site.pdbx_formal_charge 
_atom_site.auth_seq_id 
_atom_site.auth_comp_id 
_atom_site.auth_asym_id 
_atom_site.auth_atom_id 
_atom_site.pdbx_PDB_model_num 
ATOM   1   O "O5'"  . DC  A 1 1  ? -5.617  -4.247  -16.088 1.00 -0.46 ? 1  DC  A "O5'"  1 
ATOM   2   C "C5'"  . DC  A 1 1  ? -5.981  -5.582  -16.491 1.00 0.05  ? 1  DC  A "C5'"  1 
ATOM   3   C "C4'"  . DC  A 1 1  ? -5.760  -6.560  -15.310 1.00 0.10  ? 1  DC  A "C4'"  1 
ATOM   4   O "O4'"  . DC  A 1 1  ? -4.385  -6.587  -14.884 1.00 -0.27 ? 1  DC  A "O4'"  1 
ATOM   5   C "C3'"  . DC  A 1 1  ? -6.534  -6.155  -14.032 1.00 0.13  ? 1  DC  A "C3'"  1 
ATOM   6   O "O3'"  . DC  A 1 1  ? -7.769  -6.882  -13.910 1.00 0.09  ? 1  DC  A "O3'"  1 
ATOM   7   C "C2'"  . DC  A 1 1  ? -5.529  -6.479  -12.899 1.00 -0.04 ? 1  DC  A "C2'"  1 
ATOM   8   C "C1'"  . DC  A 1 1  ? -4.355  -7.202  -13.587 1.00 0.14  ? 1  DC  A "C1'"  1 
ATOM   9   N N1     . DC  A 1 1  ? -3.088  -7.004  -12.883 1.00 0.02  ? 1  DC  A N1     1 
ATOM   10  C C2     . DC  A 1 1  ? -2.624  -7.934  -12.027 1.00 0.43  ? 1  DC  A C2     1 
ATOM   11  O O2     . DC  A 1 1  ? -3.226  -8.961  -11.764 1.00 -0.41 ? 1  DC  A O2     1 
ATOM   12  N N3     . DC  A 1 1  ? -1.357  -7.773  -11.362 1.00 -0.68 ? 1  DC  A N3     1 
ATOM   13  C C4     . DC  A 1 1  ? -0.654  -6.733  -11.537 1.00 0.44  ? 1  DC  A C4     1 
ATOM   14  N N4     . DC  A 1 1  ? 0.503   -6.581  -10.972 1.00 -0.44 ? 1  DC  A N4     1 
ATOM   15  C C5     . DC  A 1 1  ? -1.203  -5.694  -12.427 1.00 -0.20 ? 1  DC  A C5     1 
ATOM   16  C C6     . DC  A 1 1  ? -2.372  -5.872  -13.056 1.00 0.22  ? 1  DC  A C6     1 
ATOM   17  H "H5'"  . DC  A 1 1  ? -5.360  -5.910  -17.341 1.00 0.05  ? 1  DC  A "H5'"  1 
ATOM   18  H "H5''" . DC  A 1 1  ? -7.044  -5.614  -16.788 1.00 0.05  ? 1  DC  A "H5''" 1 
ATOM   19  H "H4'"  . DC  A 1 1  ? -6.055  -7.580  -15.611 1.00 0.05  ? 1  DC  A "H4'"  1 
ATOM   20  H "H3'"  . DC  A 1 1  ? -6.780  -5.081  -14.030 1.00 0.05  ? 1  DC  A "H3'"  1 
ATOM   21  H "H2'"  . DC  A 1 1  ? -5.161  -5.542  -12.450 1.00 0.04  ? 1  DC  A "H2'"  1 
ATOM   22  H "H2''" . DC  A 1 1  ? -5.965  -7.119  -12.128 1.00 0.04  ? 1  DC  A "H2''" 1 
ATOM   23  H "H1'"  . DC  A 1 1  ? -4.581  -8.276  -13.720 1.00 0.06  ? 1  DC  A "H1'"  1 
ATOM   24  H H41    . DC  A 1 1  ? 0.878   -7.323  -10.362 1.00 0.21  ? 1  DC  A H41    1 
ATOM   25  H H42    . DC  A 1 1  ? 1.051   -5.726  -11.118 1.00 0.21  ? 1  DC  A H42    1 
ATOM   26  H H5     . DC  A 1 1  ? -0.645  -4.769  -12.577 1.00 0.06  ? 1  DC  A H5     1 
ATOM   27  H H6     . DC  A 1 1  ? -2.741  -5.082  -13.712 1.00 0.06  ? 1  DC  A H6     1 
ATOM   28  H "HO5'" . DC  A 1 1  ? -5.726  -3.600  -16.780 1.00 0.30  ? 1  DC  A "HO5'" 1 
ATOM   29  P P      . DG  A 1 2  ? -8.821  -6.734  -12.706 1.00 -1.31 ? 2  DG  A P      1 
ATOM   30  O OP1    . DG  A 1 2  ? -10.124 -7.337  -13.107 1.00 0.35  ? 2  DG  A OP1    1 
ATOM   31  O OP2    . DG  A 1 2  ? -9.055  -5.290  -12.417 1.00 0.35  ? 2  DG  A OP2    1 
ATOM   32  O "O5'"  . DG  A 1 2  ? -8.275  -7.445  -11.380 1.00 0.10  ? 2  DG  A "O5'"  1 
ATOM   33  C "C5'"  . DG  A 1 2  ? -8.298  -8.858  -11.147 1.00 0.08  ? 2  DG  A "C5'"  1 
ATOM   34  C "C4'"  . DG  A 1 2  ? -7.364  -9.193  -9.962  1.00 0.10  ? 2  DG  A "C4'"  1 
ATOM   35  O "O4'"  . DG  A 1 2  ? -6.070  -8.647  -10.232 1.00 -0.27 ? 2  DG  A "O4'"  1 
ATOM   36  C "C3'"  . DG  A 1 2  ? -7.715  -8.478  -8.641  1.00 0.13  ? 2  DG  A "C3'"  1 
ATOM   37  O "O3'"  . DG  A 1 2  ? -8.736  -9.168  -7.906  1.00 0.09  ? 2  DG  A "O3'"  1 
ATOM   38  C "C2'"  . DG  A 1 2  ? -6.359  -8.478  -7.897  1.00 -0.04 ? 2  DG  A "C2'"  1 
ATOM   39  C "C1'"  . DG  A 1 2  ? -5.312  -8.656  -9.019  1.00 0.14  ? 2  DG  A "C1'"  1 
ATOM   40  N N9     . DG  A 1 2  ? -4.334  -7.587  -9.057  1.00 0.00  ? 2  DG  A N9     1 
ATOM   41  C C8     . DG  A 1 2  ? -4.476  -6.426  -9.626  1.00 0.23  ? 2  DG  A C8     1 
ATOM   42  N N7     . DG  A 1 2  ? -3.409  -5.763  -9.524  1.00 -0.55 ? 2  DG  A N7     1 
ATOM   43  C C5     . DG  A 1 2  ? -2.446  -6.540  -8.784  1.00 0.00  ? 2  DG  A C5     1 
ATOM   44  C C6     . DG  A 1 2  ? -1.071  -6.458  -8.279  1.00 0.33  ? 2  DG  A C6     1 
ATOM   45  O O6     . DG  A 1 2  ? -0.371  -5.494  -8.539  1.00 -0.40 ? 2  DG  A O6     1 
ATOM   46  N N1     . DG  A 1 2  ? -0.636  -7.494  -7.525  1.00 -0.15 ? 2  DG  A N1     1 
ATOM   47  C C2     . DG  A 1 2  ? -1.391  -8.595  -7.281  1.00 0.57  ? 2  DG  A C2     1 
ATOM   48  N N2     . DG  A 1 2  ? -0.927  -9.557  -6.548  1.00 -0.42 ? 2  DG  A N2     1 
ATOM   49  N N3     . DG  A 1 2  ? -2.559  -8.707  -7.762  1.00 -0.67 ? 2  DG  A N3     1 
ATOM   50  C C4     . DG  A 1 2  ? -3.139  -7.645  -8.536  1.00 0.29  ? 2  DG  A C4     1 
ATOM   51  H "H5'"  . DG  A 1 2  ? -7.918  -9.358  -12.050 1.00 0.06  ? 2  DG  A "H5'"  1 
ATOM   52  H "H5''" . DG  A 1 2  ? -9.332  -9.183  -10.956 1.00 0.06  ? 2  DG  A "H5''" 1 
ATOM   53  H "H4'"  . DG  A 1 2  ? -7.299  -10.283 -9.802  1.00 0.05  ? 2  DG  A "H4'"  1 
ATOM   54  H "H3'"  . DG  A 1 2  ? -8.031  -7.442  -8.843  1.00 0.05  ? 2  DG  A "H3'"  1 
ATOM   55  H "H2'"  . DG  A 1 2  ? -6.211  -7.563  -7.306  1.00 0.04  ? 2  DG  A "H2'"  1 
ATOM   56  H "H2''" . DG  A 1 2  ? -6.289  -9.347  -7.231  1.00 0.04  ? 2  DG  A "H2''" 1 
ATOM   57  H "H1'"  . DG  A 1 2  ? -4.810  -9.635  -8.941  1.00 0.06  ? 2  DG  A "H1'"  1 
ATOM   58  H H8     . DG  A 1 2  ? -5.379  -6.065  -10.108 1.00 0.07  ? 2  DG  A H8     1 
ATOM   59  H H1     . DG  A 1 2  ? 0.294   -7.424  -7.161  1.00 0.19  ? 2  DG  A H1     1 
ATOM   60  H H21    . DG  A 1 2  ? 0.007   -9.506  -6.121  1.00 0.21  ? 2  DG  A H21    1 
ATOM   61  H H22    . DG  A 1 2  ? -1.512  -10.387 -6.387  1.00 0.21  ? 2  DG  A H22    1 
ATOM   62  P P      . DA  A 1 3  ? -9.268  -8.656  -6.485  1.00 -1.31 ? 3  DA  A P      1 
ATOM   63  O OP1    . DA  A 1 3  ? -10.285 -9.613  -5.962  1.00 0.35  ? 3  DA  A OP1    1 
ATOM   64  O OP2    . DA  A 1 3  ? -9.935  -7.333  -6.662  1.00 0.35  ? 3  DA  A OP2    1 
ATOM   65  O "O5'"  . DA  A 1 3  ? -8.061  -8.490  -5.448  1.00 0.10  ? 3  DA  A "O5'"  1 
ATOM   66  C "C5'"  . DA  A 1 3  ? -7.476  -9.548  -4.683  1.00 0.08  ? 3  DA  A "C5'"  1 
ATOM   67  C "C4'"  . DA  A 1 3  ? -6.296  -8.955  -3.879  1.00 0.10  ? 3  DA  A "C4'"  1 
ATOM   68  O "O4'"  . DA  A 1 3  ? -5.320  -8.317  -4.729  1.00 -0.27 ? 3  DA  A "O4'"  1 
ATOM   69  C "C3'"  . DA  A 1 3  ? -6.769  -7.834  -2.914  1.00 0.13  ? 3  DA  A "C3'"  1 
ATOM   70  O "O3'"  . DA  A 1 3  ? -6.313  -8.193  -1.605  1.00 0.09  ? 3  DA  A "O3'"  1 
ATOM   71  C "C2'"  . DA  A 1 3  ? -6.030  -6.591  -3.450  1.00 -0.04 ? 3  DA  A "C2'"  1 
ATOM   72  C "C1'"  . DA  A 1 3  ? -4.731  -7.237  -3.984  1.00 0.14  ? 3  DA  A "C1'"  1 
ATOM   73  N N9     . DA  A 1 3  ? -3.895  -6.363  -4.797  1.00 -0.01 ? 3  DA  A N9     1 
ATOM   74  C C8     . DA  A 1 3  ? -4.276  -5.625  -5.807  1.00 0.30  ? 3  DA  A C8     1 
ATOM   75  N N7     . DA  A 1 3  ? -3.314  -4.946  -6.274  1.00 -0.56 ? 3  DA  A N7     1 
ATOM   76  C C5     . DA  A 1 3  ? -2.195  -5.210  -5.581  1.00 0.12  ? 3  DA  A C5     1 
ATOM   77  C C6     . DA  A 1 3  ? -0.884  -4.744  -5.665  1.00 0.38  ? 3  DA  A C6     1 
ATOM   78  N N6     . DA  A 1 3  ? -0.501  -3.802  -6.549  1.00 -0.44 ? 3  DA  A N6     1 
ATOM   79  N N1     . DA  A 1 3  ? 0.004   -5.285  -4.803  1.00 -0.50 ? 3  DA  A N1     1 
ATOM   80  C C2     . DA  A 1 3  ? -0.382  -6.166  -3.850  1.00 0.27  ? 3  DA  A C2     1 
ATOM   81  N N3     . DA  A 1 3  ? -1.659  -6.607  -3.748  1.00 -0.49 ? 3  DA  A N3     1 
ATOM   82  C C4     . DA  A 1 3  ? -2.568  -6.136  -4.622  1.00 0.29  ? 3  DA  A C4     1 
ATOM   83  H "H5'"  . DA  A 1 3  ? -7.131  -10.360 -5.337  1.00 0.06  ? 3  DA  A "H5'"  1 
ATOM   84  H "H5''" . DA  A 1 3  ? -8.239  -9.958  -4.003  1.00 0.06  ? 3  DA  A "H5''" 1 
ATOM   85  H "H4'"  . DA  A 1 3  ? -5.793  -9.763  -3.321  1.00 0.05  ? 3  DA  A "H4'"  1 
ATOM   86  H "H3'"  . DA  A 1 3  ? -7.861  -7.696  -2.871  1.00 0.05  ? 3  DA  A "H3'"  1 
ATOM   87  H "H2'"  . DA  A 1 3  ? -6.610  -6.166  -4.284  1.00 0.04  ? 3  DA  A "H2'"  1 
ATOM   88  H "H2''" . DA  A 1 3  ? -5.896  -5.815  -2.688  1.00 0.04  ? 3  DA  A "H2''" 1 
ATOM   89  H "H1'"  . DA  A 1 3  ? -4.128  -7.636  -3.148  1.00 0.06  ? 3  DA  A "H1'"  1 
ATOM   90  H H8     . DA  A 1 3  ? -5.280  -5.562  -6.222  1.00 0.07  ? 3  DA  A H8     1 
ATOM   91  H H61    . DA  A 1 3  ? 0.455   -3.414  -6.509  1.00 0.21  ? 3  DA  A H61    1 
ATOM   92  H H62    . DA  A 1 3  ? -1.130  -3.536  -7.319  1.00 0.21  ? 3  DA  A H62    1 
ATOM   93  H H2     . DA  A 1 3  ? 0.362   -6.514  -3.148  1.00 0.07  ? 3  DA  A H2     1 
ATOM   94  P P      . DC  A 1 4  ? -6.557  -7.588  -0.145  1.00 -1.31 ? 4  DC  A P      1 
ATOM   95  O OP1    . DC  A 1 4  ? -8.021  -7.496  0.129   1.00 0.35  ? 4  DC  A OP1    1 
ATOM   96  O OP2    . DC  A 1 4  ? -5.962  -6.240  0.069   1.00 0.35  ? 4  DC  A OP2    1 
ATOM   97  O "O5'"  . DC  A 1 4  ? -5.926  -8.649  0.869   1.00 0.10  ? 4  DC  A "O5'"  1 
ATOM   98  C "C5'"  . DC  A 1 4  ? -4.736  -9.409  0.621   1.00 0.08  ? 4  DC  A "C5'"  1 
ATOM   99  C "C4'"  . DC  A 1 4  ? -3.434  -8.568  0.650   1.00 0.10  ? 4  DC  A "C4'"  1 
ATOM   100 O "O4'"  . DC  A 1 4  ? -3.245  -7.615  -0.408  1.00 -0.27 ? 4  DC  A "O4'"  1 
ATOM   101 C "C3'"  . DC  A 1 4  ? -3.288  -7.721  1.935   1.00 0.13  ? 4  DC  A "C3'"  1 
ATOM   102 O "O3'"  . DC  A 1 4  ? -2.409  -8.428  2.820   1.00 0.09  ? 4  DC  A "O3'"  1 
ATOM   103 C "C2'"  . DC  A 1 4  ? -2.682  -6.384  1.435   1.00 -0.04 ? 4  DC  A "C2'"  1 
ATOM   104 C "C1'"  . DC  A 1 4  ? -2.193  -6.727  0.014   1.00 0.14  ? 4  DC  A "C1'"  1 
ATOM   105 N N1     . DC  A 1 4  ? -2.050  -5.587  -0.890  1.00 0.02  ? 4  DC  A N1     1 
ATOM   106 C C2     . DC  A 1 4  ? -0.854  -5.020  -1.123  1.00 0.43  ? 4  DC  A C2     1 
ATOM   107 O O2     . DC  A 1 4  ? 0.168   -5.345  -0.547  1.00 -0.41 ? 4  DC  A O2     1 
ATOM   108 N N3     . DC  A 1 4  ? -0.704  -3.981  -2.109  1.00 -0.68 ? 4  DC  A N3     1 
ATOM   109 C C4     . DC  A 1 4  ? -1.699  -3.555  -2.772  1.00 0.44  ? 4  DC  A C4     1 
ATOM   110 N N4     . DC  A 1 4  ? -1.580  -2.685  -3.725  1.00 -0.44 ? 4  DC  A N4     1 
ATOM   111 C C5     . DC  A 1 4  ? -3.019  -4.105  -2.431  1.00 -0.20 ? 4  DC  A C5     1 
ATOM   112 C C6     . DC  A 1 4  ? -3.124  -5.084  -1.526  1.00 0.22  ? 4  DC  A C6     1 
ATOM   113 H "H5'"  . DC  A 1 4  ? -4.831  -9.931  -0.343  1.00 0.06  ? 4  DC  A "H5'"  1 
ATOM   114 H "H5''" . DC  A 1 4  ? -4.687  -10.161 1.424   1.00 0.06  ? 4  DC  A "H5''" 1 
ATOM   115 H "H4'"  . DC  A 1 4  ? -2.591  -9.277  0.573   1.00 0.05  ? 4  DC  A "H4'"  1 
ATOM   116 H "H3'"  . DC  A 1 4  ? -4.250  -7.558  2.446   1.00 0.05  ? 4  DC  A "H3'"  1 
ATOM   117 H "H2'"  . DC  A 1 4  ? -3.465  -5.613  1.362   1.00 0.04  ? 4  DC  A "H2'"  1 
ATOM   118 H "H2''" . DC  A 1 4  ? -1.869  -6.023  2.073   1.00 0.04  ? 4  DC  A "H2''" 1 
ATOM   119 H "H1'"  . DC  A 1 4  ? -1.249  -7.294  0.084   1.00 0.06  ? 4  DC  A "H1'"  1 
ATOM   120 H H41    . DC  A 1 4  ? -0.646  -2.333  -3.971  1.00 0.21  ? 4  DC  A H41    1 
ATOM   121 H H42    . DC  A 1 4  ? -2.398  -2.357  -4.250  1.00 0.21  ? 4  DC  A H42    1 
ATOM   122 H H5     . DC  A 1 4  ? -3.910  -3.718  -2.925  1.00 0.06  ? 4  DC  A H5     1 
ATOM   123 H H6     . DC  A 1 4  ? -4.104  -5.482  -1.301  1.00 0.06  ? 4  DC  A H6     1 
ATOM   124 P P      . DT  A 1 5  ? -2.069  -8.062  4.338   1.00 -1.31 ? 5  DT  A P      1 
ATOM   125 O OP1    . DT  A 1 5  ? -2.600  -9.163  5.192   1.00 0.35  ? 5  DT  A OP1    1 
ATOM   126 O OP2    . DT  A 1 5  ? -2.779  -6.828  4.774   1.00 0.35  ? 5  DT  A OP2    1 
ATOM   127 O "O5'"  . DT  A 1 5  ? -0.479  -8.051  4.547   1.00 0.10  ? 5  DT  A "O5'"  1 
ATOM   128 C "C5'"  . DT  A 1 5  ? 0.616   -7.454  3.837   1.00 0.08  ? 5  DT  A "C5'"  1 
ATOM   129 C "C4'"  . DT  A 1 5  ? 0.768   -5.916  4.000   1.00 0.10  ? 5  DT  A "C4'"  1 
ATOM   130 O "O4'"  . DT  A 1 5  ? 0.342   -5.221  2.811   1.00 -0.27 ? 5  DT  A "O4'"  1 
ATOM   131 C "C3'"  . DT  A 1 5  ? -0.033  -5.256  5.156   1.00 0.13  ? 5  DT  A "C3'"  1 
ATOM   132 O "O3'"  . DT  A 1 5  ? 0.866   -4.649  6.100   1.00 0.09  ? 5  DT  A "O3'"  1 
ATOM   133 C "C2'"  . DT  A 1 5  ? -0.876  -4.200  4.409   1.00 -0.04 ? 5  DT  A "C2'"  1 
ATOM   134 C "C1'"  . DT  A 1 5  ? 0.006   -3.879  3.177   1.00 0.14  ? 5  DT  A "C1'"  1 
ATOM   135 N N1     . DT  A 1 5  ? -0.528  -3.162  2.011   1.00 -0.04 ? 5  DT  A N1     1 
ATOM   136 C C2     . DT  A 1 5  ? 0.358   -2.699  1.090   1.00 0.43  ? 5  DT  A C2     1 
ATOM   137 O O2     . DT  A 1 5  ? 1.560   -2.862  1.227   1.00 -0.41 ? 5  DT  A O2     1 
ATOM   138 N N3     . DT  A 1 5  ? -0.088  -2.036  0.010   1.00 -0.25 ? 5  DT  A N3     1 
ATOM   139 C C4     . DT  A 1 5  ? -1.396  -1.847  -0.204  1.00 0.32  ? 5  DT  A C4     1 
ATOM   140 O O4     . DT  A 1 5  ? -1.812  -1.245  -1.179  1.00 -0.39 ? 5  DT  A O4     1 
ATOM   141 C C5     . DT  A 1 5  ? -2.359  -2.375  0.768   1.00 -0.15 ? 5  DT  A C5     1 
ATOM   142 C C7     . DT  A 1 5  ? -3.848  -2.209  0.545   1.00 -0.07 ? 5  DT  A C7     1 
ATOM   143 C C6     . DT  A 1 5  ? -1.864  -2.996  1.845   1.00 0.10  ? 5  DT  A C6     1 
ATOM   144 H "H5'"  . DT  A 1 5  ? 0.538   -7.721  2.772   1.00 0.06  ? 5  DT  A "H5'"  1 
ATOM   145 H "H5''" . DT  A 1 5  ? 1.512   -7.949  4.244   1.00 0.06  ? 5  DT  A "H5''" 1 
ATOM   146 H "H4'"  . DT  A 1 5  ? 1.834   -5.661  4.126   1.00 0.05  ? 5  DT  A "H4'"  1 
ATOM   147 H "H3'"  . DT  A 1 5  ? -0.680  -5.931  5.737   1.00 0.05  ? 5  DT  A "H3'"  1 
ATOM   148 H "H2'"  . DT  A 1 5  ? -1.795  -4.708  4.096   1.00 0.04  ? 5  DT  A "H2'"  1 
ATOM   149 H "H2''" . DT  A 1 5  ? -1.164  -3.347  5.035   1.00 0.04  ? 5  DT  A "H2''" 1 
ATOM   150 H "H1'"  . DT  A 1 5  ? 0.918   -3.369  3.530   1.00 0.06  ? 5  DT  A "H1'"  1 
ATOM   151 H H3     . DT  A 1 5  ? 0.565   -1.667  -0.655  1.00 0.19  ? 5  DT  A H3     1 
ATOM   152 H H71    . DT  A 1 5  ? -4.075  -2.104  -0.526  1.00 0.04  ? 5  DT  A H71    1 
ATOM   153 H H72    . DT  A 1 5  ? -4.194  -1.303  1.063   1.00 0.04  ? 5  DT  A H72    1 
ATOM   154 H H73    . DT  A 1 5  ? -4.414  -3.074  0.924   1.00 0.04  ? 5  DT  A H73    1 
ATOM   155 H H6     . DT  A 1 5  ? -2.607  -3.345  2.556   1.00 0.06  ? 5  DT  A H6     1 
ATOM   156 P P      . DA  A 1 6  ? 1.548   -5.540  7.247   1.00 -1.31 ? 6  DA  A P      1 
ATOM   157 O OP1    . DA  A 1 6  ? 1.697   -6.955  6.803   1.00 0.35  ? 6  DA  A OP1    1 
ATOM   158 O OP2    . DA  A 1 6  ? 0.642   -5.545  8.430   1.00 0.35  ? 6  DA  A OP2    1 
ATOM   159 O "O5'"  . DA  A 1 6  ? 2.980   -5.014  7.725   1.00 0.10  ? 6  DA  A "O5'"  1 
ATOM   160 C "C5'"  . DA  A 1 6  ? 4.116   -4.775  6.893   1.00 0.08  ? 6  DA  A "C5'"  1 
ATOM   161 C "C4'"  . DA  A 1 6  ? 4.115   -3.352  6.290   1.00 0.10  ? 6  DA  A "C4'"  1 
ATOM   162 O "O4'"  . DA  A 1 6  ? 3.000   -3.053  5.441   1.00 -0.27 ? 6  DA  A "O4'"  1 
ATOM   163 C "C3'"  . DA  A 1 6  ? 4.041   -2.228  7.345   1.00 0.13  ? 6  DA  A "C3'"  1 
ATOM   164 O "O3'"  . DA  A 1 6  ? 5.341   -1.956  7.890   1.00 0.09  ? 6  DA  A "O3'"  1 
ATOM   165 C "C2'"  . DA  A 1 6  ? 3.475   -1.041  6.529   1.00 -0.04 ? 6  DA  A "C2'"  1 
ATOM   166 C "C1'"  . DA  A 1 6  ? 3.048   -1.645  5.176   1.00 0.14  ? 6  DA  A "C1'"  1 
ATOM   167 N N9     . DA  A 1 6  ? 1.753   -1.175  4.742   1.00 -0.01 ? 6  DA  A N9     1 
ATOM   168 C C8     . DA  A 1 6  ? 0.620   -1.451  5.327   1.00 0.30  ? 6  DA  A C8     1 
ATOM   169 N N7     . DA  A 1 6  ? -0.360  -1.032  4.641   1.00 -0.56 ? 6  DA  A N7     1 
ATOM   170 C C5     . DA  A 1 6  ? 0.098   -0.416  3.541   1.00 0.12  ? 6  DA  A C5     1 
ATOM   171 C C6     . DA  A 1 6  ? -0.533  0.183   2.458   1.00 0.38  ? 6  DA  A C6     1 
ATOM   172 N N6     . DA  A 1 6  ? -1.864  0.086   2.283   1.00 -0.44 ? 6  DA  A N6     1 
ATOM   173 N N1     . DA  A 1 6  ? 0.259   0.845   1.585   1.00 -0.50 ? 6  DA  A N1     1 
ATOM   174 C C2     . DA  A 1 6  ? 1.609   0.812   1.693   1.00 0.27  ? 6  DA  A C2     1 
ATOM   175 N N3     . DA  A 1 6  ? 2.237   0.123   2.675   1.00 -0.49 ? 6  DA  A N3     1 
ATOM   176 C C4     . DA  A 1 6  ? 1.478   -0.469  3.619   1.00 0.29  ? 6  DA  A C4     1 
ATOM   177 H "H5'"  . DA  A 1 6  ? 4.153   -5.539  6.101   1.00 0.06  ? 6  DA  A "H5'"  1 
ATOM   178 H "H5''" . DA  A 1 6  ? 5.006   -4.881  7.531   1.00 0.06  ? 6  DA  A "H5''" 1 
ATOM   179 H "H4'"  . DA  A 1 6  ? 5.044   -3.215  5.722   1.00 0.05  ? 6  DA  A "H4'"  1 
ATOM   180 H "H3'"  . DA  A 1 6  ? 3.345   -2.499  8.155   1.00 0.05  ? 6  DA  A "H3'"  1 
ATOM   181 H "H2'"  . DA  A 1 6  ? 2.622   -0.591  7.061   1.00 0.04  ? 6  DA  A "H2'"  1 
ATOM   182 H "H2''" . DA  A 1 6  ? 4.236   -0.280  6.332   1.00 0.04  ? 6  DA  A "H2''" 1 
ATOM   183 H "H1'"  . DA  A 1 6  ? 3.803   -1.458  4.395   1.00 0.06  ? 6  DA  A "H1'"  1 
ATOM   184 H H8     . DA  A 1 6  ? 0.523   -1.996  6.265   1.00 0.07  ? 6  DA  A H8     1 
ATOM   185 H H61    . DA  A 1 6  ? -2.301  0.494   1.446   1.00 0.21  ? 6  DA  A H61    1 
ATOM   186 H H62    . DA  A 1 6  ? -2.445  -0.374  2.997   1.00 0.21  ? 6  DA  A H62    1 
ATOM   187 H H2     . DA  A 1 6  ? 2.195   1.361   0.966   1.00 0.07  ? 6  DA  A H2     1 
ATOM   188 P P      . DG  A 1 7  ? 5.742   -0.682  8.777   1.00 -1.31 ? 7  DG  A P      1 
ATOM   189 O OP1    . DG  A 1 7  ? 6.997   -0.984  9.522   1.00 0.35  ? 7  DG  A OP1    1 
ATOM   190 O OP2    . DG  A 1 7  ? 4.672   -0.393  9.774   1.00 0.35  ? 7  DG  A OP2    1 
ATOM   191 O "O5'"  . DG  A 1 7  ? 5.963   0.589   7.829   1.00 0.10  ? 7  DG  A "O5'"  1 
ATOM   192 C "C5'"  . DG  A 1 7  ? 6.927   0.540   6.773   1.00 0.08  ? 7  DG  A "C5'"  1 
ATOM   193 C "C4'"  . DG  A 1 7  ? 6.790   1.772   5.849   1.00 0.10  ? 7  DG  A "C4'"  1 
ATOM   194 O "O4'"  . DG  A 1 7  ? 5.466   1.779   5.286   1.00 -0.27 ? 7  DG  A "O4'"  1 
ATOM   195 C "C3'"  . DG  A 1 7  ? 6.968   3.118   6.581   1.00 0.13  ? 7  DG  A "C3'"  1 
ATOM   196 O "O3'"  . DG  A 1 7  ? 7.815   3.939   5.761   1.00 0.09  ? 7  DG  A "O3'"  1 
ATOM   197 C "C2'"  . DG  A 1 7  ? 5.519   3.644   6.693   1.00 -0.04 ? 7  DG  A "C2'"  1 
ATOM   198 C "C1'"  . DG  A 1 7  ? 4.854   3.076   5.414   1.00 0.14  ? 7  DG  A "C1'"  1 
ATOM   199 N N9     . DG  A 1 7  ? 3.429   2.770   5.499   1.00 0.00  ? 7  DG  A N9     1 
ATOM   200 C C8     . DG  A 1 7  ? 2.917   2.073   6.475   1.00 0.23  ? 7  DG  A C8     1 
ATOM   201 N N7     . DG  A 1 7  ? 1.695   1.869   6.278   1.00 -0.55 ? 7  DG  A N7     1 
ATOM   202 C C5     . DG  A 1 7  ? 1.312   2.503   5.049   1.00 0.00  ? 7  DG  A C5     1 
ATOM   203 C C6     . DG  A 1 7  ? 0.093   2.645   4.257   1.00 0.33  ? 7  DG  A C6     1 
ATOM   204 O O6     . DG  A 1 7  ? -0.954  2.124   4.607   1.00 -0.40 ? 7  DG  A O6     1 
ATOM   205 N N1     . DG  A 1 7  ? 0.200   3.380   3.138   1.00 -0.15 ? 7  DG  A N1     1 
ATOM   206 C C2     . DG  A 1 7  ? 1.362   3.968   2.755   1.00 0.57  ? 7  DG  A C2     1 
ATOM   207 N N2     . DG  A 1 7  ? 1.317   4.693   1.678   1.00 -0.42 ? 7  DG  A N2     1 
ATOM   208 N N3     . DG  A 1 7  ? 2.451   3.830   3.422   1.00 -0.67 ? 7  DG  A N3     1 
ATOM   209 C C4     . DG  A 1 7  ? 2.457   3.054   4.647   1.00 0.29  ? 7  DG  A C4     1 
ATOM   210 H "H5'"  . DG  A 1 7  ? 6.743   -0.361  6.169   1.00 0.06  ? 7  DG  A "H5'"  1 
ATOM   211 H "H5''" . DG  A 1 7  ? 7.935   0.472   7.210   1.00 0.06  ? 7  DG  A "H5''" 1 
ATOM   212 H "H4'"  . DG  A 1 7  ? 7.551   1.673   5.063   1.00 0.05  ? 7  DG  A "H4'"  1 
ATOM   213 H "H3'"  . DG  A 1 7  ? 7.460   3.014   7.562   1.00 0.05  ? 7  DG  A "H3'"  1 
ATOM   214 H "H2'"  . DG  A 1 7  ? 5.082   3.224   7.608   1.00 0.04  ? 7  DG  A "H2'"  1 
ATOM   215 H "H2''" . DG  A 1 7  ? 5.456   4.736   6.764   1.00 0.04  ? 7  DG  A "H2''" 1 
ATOM   216 H "H1'"  . DG  A 1 7  ? 5.119   3.707   4.555   1.00 0.06  ? 7  DG  A "H1'"  1 
ATOM   217 H H8     . DG  A 1 7  ? 3.420   1.684   7.357   1.00 0.07  ? 7  DG  A H8     1 
ATOM   218 H H1     . DG  A 1 7  ? -0.644  3.475   2.605   1.00 0.19  ? 7  DG  A H1     1 
ATOM   219 H H21    . DG  A 1 7  ? 0.450   4.793   1.132   1.00 0.21  ? 7  DG  A H21    1 
ATOM   220 H H22    . DG  A 1 7  ? 2.134   5.207   1.368   1.00 0.21  ? 7  DG  A H22    1 
ATOM   221 P P      . DT  A 1 8  ? 8.337   5.400   6.147   1.00 -1.31 ? 8  DT  A P      1 
ATOM   222 O OP1    . DT  A 1 8  ? 9.420   5.831   5.218   1.00 0.35  ? 8  DT  A OP1    1 
ATOM   223 O OP2    . DT  A 1 8  ? 8.896   5.402   7.530   1.00 0.35  ? 8  DT  A OP2    1 
ATOM   224 O "O5'"  . DT  A 1 8  ? 7.088   6.389   6.079   1.00 0.10  ? 8  DT  A "O5'"  1 
ATOM   225 C "C5'"  . DT  A 1 8  ? 6.561   6.839   4.834   1.00 0.08  ? 8  DT  A "C5'"  1 
ATOM   226 C "C4'"  . DT  A 1 8  ? 5.112   7.339   5.013   1.00 0.10  ? 8  DT  A "C4'"  1 
ATOM   227 O "O4'"  . DT  A 1 8  ? 4.154   6.275   5.137   1.00 -0.27 ? 8  DT  A "O4'"  1 
ATOM   228 C "C3'"  . DT  A 1 8  ? 4.852   8.083   6.337   1.00 0.13  ? 8  DT  A "C3'"  1 
ATOM   229 O "O3'"  . DT  A 1 8  ? 5.471   9.376   6.364   1.00 0.09  ? 8  DT  A "O3'"  1 
ATOM   230 C "C2'"  . DT  A 1 8  ? 3.306   8.044   6.443   1.00 -0.04 ? 8  DT  A "C2'"  1 
ATOM   231 C "C1'"  . DT  A 1 8  ? 2.902   6.898   5.473   1.00 0.14  ? 8  DT  A "C1'"  1 
ATOM   232 N N1     . DT  A 1 8  ? 1.930   5.951   6.029   1.00 -0.04 ? 8  DT  A N1     1 
ATOM   233 C C2     . DT  A 1 8  ? 0.751   5.753   5.393   1.00 0.43  ? 8  DT  A C2     1 
ATOM   234 O O2     . DT  A 1 8  ? 0.513   6.273   4.316   1.00 -0.41 ? 8  DT  A O2     1 
ATOM   235 N N3     . DT  A 1 8  ? -0.177  4.964   5.954   1.00 -0.25 ? 8  DT  A N3     1 
ATOM   236 C C4     . DT  A 1 8  ? 0.028   4.323   7.109   1.00 0.32  ? 8  DT  A C4     1 
ATOM   237 O O4     . DT  A 1 8  ? -0.842  3.635   7.619   1.00 -0.39 ? 8  DT  A O4     1 
ATOM   238 C C5     . DT  A 1 8  ? 1.339   4.480   7.760   1.00 -0.15 ? 8  DT  A C5     1 
ATOM   239 C C7     . DT  A 1 8  ? 1.647   3.728   9.032   1.00 -0.07 ? 8  DT  A C7     1 
ATOM   240 C C6     . DT  A 1 8  ? 2.225   5.299   7.179   1.00 0.10  ? 8  DT  A C6     1 
ATOM   241 H "H5'"  . DT  A 1 8  ? 6.546   6.008   4.117   1.00 0.06  ? 8  DT  A "H5'"  1 
ATOM   242 H "H5''" . DT  A 1 8  ? 7.226   7.632   4.462   1.00 0.06  ? 8  DT  A "H5''" 1 
ATOM   243 H "H4'"  . DT  A 1 8  ? 4.846   7.967   4.144   1.00 0.05  ? 8  DT  A "H4'"  1 
ATOM   244 H "H3'"  . DT  A 1 8  ? 5.260   7.508   7.185   1.00 0.05  ? 8  DT  A "H3'"  1 
ATOM   245 H "H2'"  . DT  A 1 8  ? 2.988   7.865   7.481   1.00 0.04  ? 8  DT  A "H2'"  1 
ATOM   246 H "H2''" . DT  A 1 8  ? 2.857   8.991   6.120   1.00 0.04  ? 8  DT  A "H2''" 1 
ATOM   247 H "H1'"  . DT  A 1 8  ? 2.546   7.363   4.537   1.00 0.06  ? 8  DT  A "H1'"  1 
ATOM   248 H H3     . DT  A 1 8  ? -1.060  4.855   5.504   1.00 0.19  ? 8  DT  A H3     1 
ATOM   249 H H71    . DT  A 1 8  ? 1.202   2.721   8.987   1.00 0.04  ? 8  DT  A H71    1 
ATOM   250 H H72    . DT  A 1 8  ? 1.210   4.267   9.886   1.00 0.04  ? 8  DT  A H72    1 
ATOM   251 H H73    . DT  A 1 8  ? 2.728   3.613   9.200   1.00 0.04  ? 8  DT  A H73    1 
ATOM   252 H H6     . DT  A 1 8  ? 3.198   5.436   7.651   1.00 0.06  ? 8  DT  A H6     1 
ATOM   253 P P      . DC  A 1 9  ? 5.369   10.557  5.287   1.00 -1.31 ? 9  DC  A P      1 
ATOM   254 O OP1    . DC  A 1 9  ? 6.093   10.233  4.026   1.00 0.35  ? 9  DC  A OP1    1 
ATOM   255 O OP2    . DC  A 1 9  ? 6.042   11.751  5.876   1.00 0.35  ? 9  DC  A OP2    1 
ATOM   256 O "O5'"  . DC  A 1 9  ? 3.831   10.922  5.064   1.00 0.10  ? 9  DC  A "O5'"  1 
ATOM   257 C "C5'"  . DC  A 1 9  ? 3.144   11.255  3.862   1.00 0.08  ? 9  DC  A "C5'"  1 
ATOM   258 C "C4'"  . DC  A 1 9  ? 1.681   11.575  4.240   1.00 0.10  ? 9  DC  A "C4'"  1 
ATOM   259 O "O4'"  . DC  A 1 9  ? 1.084   10.414  4.859   1.00 -0.27 ? 9  DC  A "O4'"  1 
ATOM   260 C "C3'"  . DC  A 1 9  ? 1.618   12.687  5.321   1.00 0.13  ? 9  DC  A "C3'"  1 
ATOM   261 O "O3'"  . DC  A 1 9  ? 0.583   13.621  4.980   1.00 0.09  ? 9  DC  A "O3'"  1 
ATOM   262 C "C2'"  . DC  A 1 9  ? 1.244   11.875  6.576   1.00 -0.04 ? 9  DC  A "C2'"  1 
ATOM   263 C "C1'"  . DC  A 1 9  ? 0.266   10.846  5.955   1.00 0.14  ? 9  DC  A "C1'"  1 
ATOM   264 N N1     . DC  A 1 9  ? -0.209  9.698   6.740   1.00 0.02  ? 9  DC  A N1     1 
ATOM   265 C C2     . DC  A 1 9  ? -1.323  9.036   6.363   1.00 0.43  ? 9  DC  A C2     1 
ATOM   266 O O2     . DC  A 1 9  ? -2.049  9.403   5.456   1.00 -0.41 ? 9  DC  A O2     1 
ATOM   267 N N3     . DC  A 1 9  ? -1.741  7.826   7.024   1.00 -0.68 ? 9  DC  A N3     1 
ATOM   268 C C4     . DC  A 1 9  ? -1.098  7.359   8.011   1.00 0.44  ? 9  DC  A C4     1 
ATOM   269 N N4     . DC  A 1 9  ? -1.437  6.259   8.604   1.00 -0.44 ? 9  DC  A N4     1 
ATOM   270 C C5     . DC  A 1 9  ? 0.076   8.122   8.462   1.00 -0.20 ? 9  DC  A C5     1 
ATOM   271 C C6     . DC  A 1 9  ? 0.459   9.233   7.821   1.00 0.22  ? 9  DC  A C6     1 
ATOM   272 H "H5'"  . DC  A 1 9  ? 3.201   10.391  3.191   1.00 0.06  ? 9  DC  A "H5'"  1 
ATOM   273 H "H5''" . DC  A 1 9  ? 3.628   12.124  3.392   1.00 0.06  ? 9  DC  A "H5''" 1 
ATOM   274 H "H4'"  . DC  A 1 9  ? 1.107   11.865  3.346   1.00 0.05  ? 9  DC  A "H4'"  1 
ATOM   275 H "H3'"  . DC  A 1 9  ? 2.554   13.257  5.434   1.00 0.05  ? 9  DC  A "H3'"  1 
ATOM   276 H "H2'"  . DC  A 1 9  ? 2.167   11.397  6.938   1.00 0.04  ? 9  DC  A "H2'"  1 
ATOM   277 H "H2''" . DC  A 1 9  ? 0.843   12.494  7.386   1.00 0.04  ? 9  DC  A "H2''" 1 
ATOM   278 H "H1'"  . DC  A 1 9  ? -0.600  11.383  5.530   1.00 0.06  ? 9  DC  A "H1'"  1 
ATOM   279 H H41    . DC  A 1 9  ? -2.253  5.727   8.267   1.00 0.21  ? 9  DC  A H41    1 
ATOM   280 H H42    . DC  A 1 9  ? -0.906  5.900   9.406   1.00 0.21  ? 9  DC  A H42    1 
ATOM   281 H H5     . DC  A 1 9  ? 0.634   7.769   9.329   1.00 0.06  ? 9  DC  A H5     1 
ATOM   282 H H6     . DC  A 1 9  ? 1.338   9.731   8.223   1.00 0.06  ? 9  DC  A H6     1 
ATOM   283 P P      . DG  A 1 10 ? 0.195   14.975  5.744   1.00 -1.31 ? 10 DG  A P      1 
ATOM   284 O OP1    . DG  A 1 10 ? 1.409   15.820  5.926   1.00 0.35  ? 10 DG  A OP1    1 
ATOM   285 O OP2    . DG  A 1 10 ? -0.400  14.747  7.090   1.00 0.35  ? 10 DG  A OP2    1 
ATOM   286 O "O5'"  . DG  A 1 10 ? -0.837  15.801  4.844   1.00 0.10  ? 10 DG  A "O5'"  1 
ATOM   287 C "C5'"  . DG  A 1 10 ? -1.829  15.276  3.956   1.00 0.08  ? 10 DG  A "C5'"  1 
ATOM   288 C "C4'"  . DG  A 1 10 ? -2.995  14.522  4.649   1.00 0.10  ? 10 DG  A "C4'"  1 
ATOM   289 O "O4'"  . DG  A 1 10 ? -2.629  13.282  5.270   1.00 -0.27 ? 10 DG  A "O4'"  1 
ATOM   290 C "C3'"  . DG  A 1 10 ? -3.627  15.277  5.841   1.00 0.09  ? 10 DG  A "C3'"  1 
ATOM   291 O "O3'"  . DG  A 1 10 ? -4.564  16.291  5.438   1.00 -0.46 ? 10 DG  A "O3'"  1 
ATOM   292 C "C2'"  . DG  A 1 10 ? -4.350  14.145  6.618   1.00 -0.04 ? 10 DG  A "C2'"  1 
ATOM   293 C "C1'"  . DG  A 1 10 ? -3.773  12.839  6.020   1.00 0.14  ? 10 DG  A "C1'"  1 
ATOM   294 N N9     . DG  A 1 10 ? -3.390  11.879  7.038   1.00 0.00  ? 10 DG  A N9     1 
ATOM   295 C C8     . DG  A 1 10 ? -2.241  11.832  7.640   1.00 0.23  ? 10 DG  A C8     1 
ATOM   296 N N7     . DG  A 1 10 ? -2.199  10.857  8.436   1.00 -0.55 ? 10 DG  A N7     1 
ATOM   297 C C5     . DG  A 1 10 ? -3.468  10.175  8.392   1.00 0.00  ? 10 DG  A C5     1 
ATOM   298 C C6     . DG  A 1 10 ? -4.150  9.031   9.007   1.00 0.33  ? 10 DG  A C6     1 
ATOM   299 O O6     . DG  A 1 10 ? -3.570  8.293   9.788   1.00 -0.40 ? 10 DG  A O6     1 
ATOM   300 N N1     . DG  A 1 10 ? -5.445  8.852   8.663   1.00 -0.15 ? 10 DG  A N1     1 
ATOM   301 C C2     . DG  A 1 10 ? -6.098  9.638   7.772   1.00 0.57  ? 10 DG  A C2     1 
ATOM   302 N N2     . DG  A 1 10 ? -7.353  9.423   7.528   1.00 -0.42 ? 10 DG  A N2     1 
ATOM   303 N N3     . DG  A 1 10 ? -5.501  10.592  7.183   1.00 -0.67 ? 10 DG  A N3     1 
ATOM   304 C C4     . DG  A 1 10 ? -4.132  10.907  7.500   1.00 0.29  ? 10 DG  A C4     1 
ATOM   305 H "H5'"  . DG  A 1 10 ? -1.321  14.617  3.239   1.00 0.06  ? 10 DG  A "H5'"  1 
ATOM   306 H "H5''" . DG  A 1 10 ? -2.234  16.139  3.409   1.00 0.06  ? 10 DG  A "H5''" 1 
ATOM   307 H "H4'"  . DG  A 1 10 ? -3.777  14.324  3.895   1.00 0.05  ? 10 DG  A "H4'"  1 
ATOM   308 H "H3'"  . DG  A 1 10 ? -2.827  15.697  6.476   1.00 0.05  ? 10 DG  A "H3'"  1 
ATOM   309 H "HO3'" . DG  A 1 10 ? -4.158  17.012  4.968   1.00 0.30  ? 10 DG  A "HO3'" 1 
ATOM   310 H "H2'"  . DG  A 1 10 ? -4.148  14.213  7.700   1.00 0.04  ? 10 DG  A "H2'"  1 
ATOM   311 H "H2''" . DG  A 1 10 ? -5.440  14.187  6.464   1.00 0.04  ? 10 DG  A "H2''" 1 
ATOM   312 H "H1'"  . DG  A 1 10 ? -4.485  12.369  5.317   1.00 0.06  ? 10 DG  A "H1'"  1 
ATOM   313 H H8     . DG  A 1 10 ? -1.443  12.544  7.481   1.00 0.07  ? 10 DG  A H8     1 
ATOM   314 H H1     . DG  A 1 10 ? -5.919  8.097   9.107   1.00 0.19  ? 10 DG  A H1     1 
ATOM   315 H H21    . DG  A 1 10 ? -7.878  8.684   8.020   1.00 0.21  ? 10 DG  A H21    1 
ATOM   316 H H22    . DG  A 1 10 ? -7.835  10.017  6.844   1.00 0.21  ? 10 DG  A H22    1 
ATOM   317 O "O5'"  . DC  B 1 1  ? -11.912 3.481   13.164  1.00 -0.46 ? 11 DC  B "O5'"  1 
ATOM   318 C "C5'"  . DC  B 1 1  ? -12.496 4.789   13.325  1.00 0.05  ? 11 DC  B "C5'"  1 
ATOM   319 C "C4'"  . DC  B 1 1  ? -12.008 5.712   12.182  1.00 0.10  ? 11 DC  B "C4'"  1 
ATOM   320 O "O4'"  . DC  B 1 1  ? -10.580 5.871   12.227  1.00 -0.27 ? 11 DC  B "O4'"  1 
ATOM   321 C "C3'"  . DC  B 1 1  ? -12.289 5.136   10.770  1.00 0.13  ? 11 DC  B "C3'"  1 
ATOM   322 O "O3'"  . DC  B 1 1  ? -13.337 5.895   10.143  1.00 0.09  ? 11 DC  B "O3'"  1 
ATOM   323 C "C2'"  . DC  B 1 1  ? -10.925 5.266   10.045  1.00 -0.04 ? 11 DC  B "C2'"  1 
ATOM   324 C "C1'"  . DC  B 1 1  ? -10.142 6.263   10.921  1.00 0.14  ? 11 DC  B "C1'"  1 
ATOM   325 N N1     . DC  B 1 1  ? -8.692  6.129   10.807  1.00 0.02  ? 11 DC  B N1     1 
ATOM   326 C C2     . DC  B 1 1  ? -7.974  7.002   10.083  1.00 0.43  ? 11 DC  B C2     1 
ATOM   327 O O2     . DC  B 1 1  ? -8.462  7.912   9.434   1.00 -0.41 ? 11 DC  B O2     1 
ATOM   328 N N3     . DC  B 1 1  ? -6.537  6.917   10.026  1.00 -0.68 ? 11 DC  B N3     1 
ATOM   329 C C4     . DC  B 1 1  ? -5.908  5.991   10.621  1.00 0.44  ? 11 DC  B C4     1 
ATOM   330 N N4     . DC  B 1 1  ? -4.615  5.912   10.593  1.00 -0.44 ? 11 DC  B N4     1 
ATOM   331 C C5     . DC  B 1 1  ? -6.712  5.004   11.363  1.00 -0.20 ? 11 DC  B C5     1 
ATOM   332 C C6     . DC  B 1 1  ? -8.044  5.117   11.428  1.00 0.22  ? 11 DC  B C6     1 
ATOM   333 H "H5'"  . DC  B 1 1  ? -12.194 5.231   14.289  1.00 0.05  ? 11 DC  B "H5'"  1 
ATOM   334 H "H5''" . DC  B 1 1  ? -13.597 4.725   13.290  1.00 0.05  ? 11 DC  B "H5''" 1 
ATOM   335 H "H4'"  . DC  B 1 1  ? -12.463 6.713   12.281  1.00 0.05  ? 11 DC  B "H4'"  1 
ATOM   336 H "H3'"  . DC  B 1 1  ? -12.618 4.084   10.799  1.00 0.05  ? 11 DC  B "H3'"  1 
ATOM   337 H "H2'"  . DC  B 1 1  ? -10.405 4.295   10.061  1.00 0.04  ? 11 DC  B "H2'"  1 
ATOM   338 H "H2''" . DC  B 1 1  ? -11.008 5.612   9.008   1.00 0.04  ? 11 DC  B "H2''" 1 
ATOM   339 H "H1'"  . DC  B 1 1  ? -10.484 7.297   10.730  1.00 0.06  ? 11 DC  B "H1'"  1 
ATOM   340 H H41    . DC  B 1 1  ? -4.073  6.621   10.073  1.00 0.21  ? 11 DC  B H41    1 
ATOM   341 H H42    . DC  B 1 1  ? -4.120  5.149   11.068  1.00 0.21  ? 11 DC  B H42    1 
ATOM   342 H H5     . DC  B 1 1  ? -6.212  4.176   11.866  1.00 0.06  ? 11 DC  B H5     1 
ATOM   343 H H6     . DC  B 1 1  ? -8.600  4.370   11.999  1.00 0.06  ? 11 DC  B H6     1 
ATOM   344 H "HO5'" . DC  B 1 1  ? -12.168 2.868   13.847  1.00 0.30  ? 11 DC  B "HO5'" 1 
ATOM   345 P P      . DG  B 1 2  ? -13.953 5.619   8.690   1.00 -1.31 ? 12 DG  B P      1 
ATOM   346 O OP1    . DG  B 1 2  ? -15.228 6.377   8.541   1.00 0.35  ? 12 DG  B OP1    1 
ATOM   347 O OP2    . DG  B 1 2  ? -14.262 4.168   8.537   1.00 0.35  ? 12 DG  B OP2    1 
ATOM   348 O "O5'"  . DG  B 1 2  ? -12.911 6.059   7.561   1.00 0.10  ? 12 DG  B "O5'"  1 
ATOM   349 C "C5'"  . DG  B 1 2  ? -12.691 7.413   7.157   1.00 0.08  ? 12 DG  B "C5'"  1 
ATOM   350 C "C4'"  . DG  B 1 2  ? -11.450 7.480   6.239   1.00 0.10  ? 12 DG  B "C4'"  1 
ATOM   351 O "O4'"  . DG  B 1 2  ? -10.271 7.094   6.959   1.00 -0.27 ? 12 DG  B "O4'"  1 
ATOM   352 C "C3'"  . DG  B 1 2  ? -11.471 6.474   5.061   1.00 0.13  ? 12 DG  B "C3'"  1 
ATOM   353 O "O3'"  . DG  B 1 2  ? -11.982 7.043   3.847   1.00 0.09  ? 12 DG  B "O3'"  1 
ATOM   354 C "C2'"  . DG  B 1 2  ? -9.993  6.015   4.942   1.00 -0.04 ? 12 DG  B "C2'"  1 
ATOM   355 C "C1'"  . DG  B 1 2  ? -9.239  6.860   5.991   1.00 0.14  ? 12 DG  B "C1'"  1 
ATOM   356 N N9     . DG  B 1 2  ? -8.115  6.192   6.626   1.00 0.00  ? 12 DG  B N9     1 
ATOM   357 C C8     . DG  B 1 2  ? -8.187  5.200   7.465   1.00 0.23  ? 12 DG  B C8     1 
ATOM   358 N N7     . DG  B 1 2  ? -7.036  4.897   7.879   1.00 -0.55 ? 12 DG  B N7     1 
ATOM   359 C C5     . DG  B 1 2  ? -6.072  5.776   7.265   1.00 0.00  ? 12 DG  B C5     1 
ATOM   360 C C6     . DG  B 1 2  ? -4.631  6.047   7.263   1.00 0.33  ? 12 DG  B C6     1 
ATOM   361 O O6     . DG  B 1 2  ? -3.875  5.407   7.977   1.00 -0.40 ? 12 DG  B O6     1 
ATOM   362 N N1     . DG  B 1 2  ? -4.188  7.032   6.447   1.00 -0.15 ? 12 DG  B N1     1 
ATOM   363 C C2     . DG  B 1 2  ? -5.023  7.756   5.661   1.00 0.57  ? 12 DG  B C2     1 
ATOM   364 N N2     . DG  B 1 2  ? -4.539  8.681   4.893   1.00 -0.42 ? 12 DG  B N2     1 
ATOM   365 N N3     . DG  B 1 2  ? -6.276  7.549   5.668   1.00 -0.67 ? 12 DG  B N3     1 
ATOM   366 C C4     . DG  B 1 2  ? -6.856  6.524   6.496   1.00 0.29  ? 12 DG  B C4     1 
ATOM   367 H "H5'"  . DG  B 1 2  ? -12.515 8.026   8.054   1.00 0.06  ? 12 DG  B "H5'"  1 
ATOM   368 H "H5''" . DG  B 1 2  ? -13.589 7.777   6.636   1.00 0.06  ? 12 DG  B "H5''" 1 
ATOM   369 H "H4'"  . DG  B 1 2  ? -11.311 8.513   5.878   1.00 0.05  ? 12 DG  B "H4'"  1 
ATOM   370 H "H3'"  . DG  B 1 2  ? -12.108 5.602   5.281   1.00 0.05  ? 12 DG  B "H3'"  1 
ATOM   371 H "H2'"  . DG  B 1 2  ? -9.905  4.949   5.206   1.00 0.04  ? 12 DG  B "H2'"  1 
ATOM   372 H "H2''" . DG  B 1 2  ? -9.594  6.174   3.933   1.00 0.04  ? 12 DG  B "H2''" 1 
ATOM   373 H "H1'"  . DG  B 1 2  ? -8.919  7.825   5.562   1.00 0.06  ? 12 DG  B "H1'"  1 
ATOM   374 H H8     . DG  B 1 2  ? -9.098  4.694   7.779   1.00 0.07  ? 12 DG  B H8     1 
ATOM   375 H H1     . DG  B 1 2  ? -3.203  7.218   6.448   1.00 0.19  ? 12 DG  B H1     1 
ATOM   376 H H21    . DG  B 1 2  ? -3.529  8.887   4.865   1.00 0.21  ? 12 DG  B H21    1 
ATOM   377 H H22    . DG  B 1 2  ? -5.184  9.228   4.311   1.00 0.21  ? 12 DG  B H22    1 
ATOM   378 P P      . DA  B 1 3  ? -11.530 8.386   3.099   1.00 -1.31 ? 13 DA  B P      1 
ATOM   379 O OP1    . DA  B 1 3  ? -12.395 9.508   3.564   1.00 0.35  ? 13 DA  B OP1    1 
ATOM   380 O OP2    . DA  B 1 3  ? -11.777 8.245   1.636   1.00 0.35  ? 13 DA  B OP2    1 
ATOM   381 O "O5'"  . DA  B 1 3  ? -10.008 8.754   3.437   1.00 0.10  ? 13 DA  B "O5'"  1 
ATOM   382 C "C5'"  . DA  B 1 3  ? -9.050  9.359   2.566   1.00 0.08  ? 13 DA  B "C5'"  1 
ATOM   383 C "C4'"  . DA  B 1 3  ? -8.109  8.320   1.913   1.00 0.10  ? 13 DA  B "C4'"  1 
ATOM   384 O "O4'"  . DA  B 1 3  ? -7.382  7.568   2.891   1.00 -0.27 ? 13 DA  B "O4'"  1 
ATOM   385 C "C3'"  . DA  B 1 3  ? -8.788  7.181   1.121   1.00 0.13  ? 13 DA  B "C3'"  1 
ATOM   386 O "O3'"  . DA  B 1 3  ? -9.179  7.589   -0.199  1.00 0.09  ? 13 DA  B "O3'"  1 
ATOM   387 C "C2'"  . DA  B 1 3  ? -7.740  6.033   1.161   1.00 -0.04 ? 13 DA  B "C2'"  1 
ATOM   388 C "C1'"  . DA  B 1 3  ? -6.685  6.532   2.187   1.00 0.14  ? 13 DA  B "C1'"  1 
ATOM   389 N N9     . DA  B 1 3  ? -6.167  5.582   3.159   1.00 -0.01 ? 13 DA  B N9     1 
ATOM   390 C C8     . DA  B 1 3  ? -6.828  4.704   3.866   1.00 0.30  ? 13 DA  B C8     1 
ATOM   391 N N7     . DA  B 1 3  ? -6.067  4.075   4.661   1.00 -0.56 ? 13 DA  B N7     1 
ATOM   392 C C5     . DA  B 1 3  ? -4.810  4.526   4.528   1.00 0.12  ? 13 DA  B C5     1 
ATOM   393 C C6     . DA  B 1 3  ? -3.603  4.239   5.164   1.00 0.38  ? 13 DA  B C6     1 
ATOM   394 N N6     . DA  B 1 3  ? -3.495  3.381   6.198   1.00 -0.44 ? 13 DA  B N6     1 
ATOM   395 N N1     . DA  B 1 3  ? -2.513  4.881   4.690   1.00 -0.50 ? 13 DA  B N1     1 
ATOM   396 C C2     . DA  B 1 3  ? -2.570  5.655   3.581   1.00 0.27  ? 13 DA  B C2     1 
ATOM   397 N N3     . DA  B 1 3  ? -3.751  6.066   3.069   1.00 -0.49 ? 13 DA  B N3     1 
ATOM   398 C C4     . DA  B 1 3  ? -4.867  5.471   3.520   1.00 0.29  ? 13 DA  B C4     1 
ATOM   399 H "H5'"  . DA  B 1 3  ? -8.430  10.016  3.195   1.00 0.06  ? 13 DA  B "H5'"  1 
ATOM   400 H "H5''" . DA  B 1 3  ? -9.564  9.973   1.810   1.00 0.06  ? 13 DA  B "H5''" 1 
ATOM   401 H "H4'"  . DA  B 1 3  ? -7.381  8.857   1.281   1.00 0.05  ? 13 DA  B "H4'"  1 
ATOM   402 H "H3'"  . DA  B 1 3  ? -9.694  6.837   1.636   1.00 0.05  ? 13 DA  B "H3'"  1 
ATOM   403 H "H2'"  . DA  B 1 3  ? -8.203  5.085   1.475   1.00 0.04  ? 13 DA  B "H2'"  1 
ATOM   404 H "H2''" . DA  B 1 3  ? -7.292  5.874   0.169   1.00 0.04  ? 13 DA  B "H2''" 1 
ATOM   405 H "H1'"  . DA  B 1 3  ? -5.836  6.992   1.648   1.00 0.06  ? 13 DA  B "H1'"  1 
ATOM   406 H H8     . DA  B 1 3  ? -7.893  4.502   3.818   1.00 0.07  ? 13 DA  B H8     1 
ATOM   407 H H61    . DA  B 1 3  ? -2.572  3.208   6.629   1.00 0.21  ? 13 DA  B H61    1 
ATOM   408 H H62    . DA  B 1 3  ? -4.340  2.959   6.607   1.00 0.21  ? 13 DA  B H62    1 
ATOM   409 H H2     . DA  B 1 3  ? -1.649  5.936   3.090   1.00 0.07  ? 13 DA  B H2     1 
ATOM   410 P P      . DC  B 1 4  ? -8.289  8.371   -1.280  1.00 -1.31 ? 14 DC  B P      1 
ATOM   411 O OP1    . DC  B 1 4  ? -8.297  9.831   -0.978  1.00 0.35  ? 14 DC  B OP1    1 
ATOM   412 O OP2    . DC  B 1 4  ? -8.919  8.191   -2.620  1.00 0.35  ? 14 DC  B OP2    1 
ATOM   413 O "O5'"  . DC  B 1 4  ? -6.799  7.793   -1.318  1.00 0.10  ? 14 DC  B "O5'"  1 
ATOM   414 C "C5'"  . DC  B 1 4  ? -5.669  8.533   -1.783  1.00 0.08  ? 14 DC  B "C5'"  1 
ATOM   415 C "C4'"  . DC  B 1 4  ? -4.445  7.595   -1.864  1.00 0.10  ? 14 DC  B "C4'"  1 
ATOM   416 O "O4'"  . DC  B 1 4  ? -4.226  6.847   -0.661  1.00 -0.27 ? 14 DC  B "O4'"  1 
ATOM   417 C "C3'"  . DC  B 1 4  ? -4.624  6.457   -2.890  1.00 0.13  ? 14 DC  B "C3'"  1 
ATOM   418 O "O3'"  . DC  B 1 4  ? -4.389  6.911   -4.233  1.00 0.09  ? 14 DC  B "O3'"  1 
ATOM   419 C "C2'"  . DC  B 1 4  ? -3.656  5.354   -2.380  1.00 -0.04 ? 14 DC  B "C2'"  1 
ATOM   420 C "C1'"  . DC  B 1 4  ? -3.239  5.850   -0.969  1.00 0.14  ? 14 DC  B "C1'"  1 
ATOM   421 N N1     . DC  B 1 4  ? -3.252  4.837   0.084   1.00 0.02  ? 14 DC  B N1     1 
ATOM   422 C C2     . DC  B 1 4  ? -2.127  4.505   0.738   1.00 0.43  ? 14 DC  B C2     1 
ATOM   423 O O2     . DC  B 1 4  ? -1.031  4.959   0.461   1.00 -0.41 ? 14 DC  B O2     1 
ATOM   424 N N3     . DC  B 1 4  ? -2.147  3.574   1.837   1.00 -0.68 ? 14 DC  B N3     1 
ATOM   425 C C4     . DC  B 1 4  ? -3.231  3.038   2.217   1.00 0.44  ? 14 DC  B C4     1 
ATOM   426 N N4     . DC  B 1 4  ? -3.290  2.256   3.249   1.00 -0.44 ? 14 DC  B N4     1 
ATOM   427 C C5     . DC  B 1 4  ? -4.448  3.356   1.450   1.00 -0.20 ? 14 DC  B C5     1 
ATOM   428 C C6     . DC  B 1 4  ? -4.404  4.235   0.442   1.00 0.22  ? 14 DC  B C6     1 
ATOM   429 H "H5'"  . DC  B 1 4  ? -5.482  9.353   -1.073  1.00 0.06  ? 14 DC  B "H5'"  1 
ATOM   430 H "H5''" . DC  B 1 4  ? -5.885  8.953   -2.777  1.00 0.06  ? 14 DC  B "H5''" 1 
ATOM   431 H "H4'"  . DC  B 1 4  ? -3.542  8.183   -2.093  1.00 0.05  ? 14 DC  B "H4'"  1 
ATOM   432 H "H3'"  . DC  B 1 4  ? -5.658  6.077   -2.843  1.00 0.05  ? 14 DC  B "H3'"  1 
ATOM   433 H "H2'"  . DC  B 1 4  ? -4.161  4.376   -2.335  1.00 0.04  ? 14 DC  B "H2'"  1 
ATOM   434 H "H2''" . DC  B 1 4  ? -2.779  5.253   -3.032  1.00 0.04  ? 14 DC  B "H2''" 1 
ATOM   435 H "H1'"  . DC  B 1 4  ? -2.265  6.366   -1.046  1.00 0.06  ? 14 DC  B "H1'"  1 
ATOM   436 H H41    . DC  B 1 4  ? -2.435  2.077   3.797   1.00 0.21  ? 14 DC  B H41    1 
ATOM   437 H H42    . DC  B 1 4  ? -4.178  1.834   3.545   1.00 0.21  ? 14 DC  B H42    1 
ATOM   438 H H5     . DC  B 1 4  ? -5.392  2.878   1.713   1.00 0.06  ? 14 DC  B H5     1 
ATOM   439 H H6     . DC  B 1 4  ? -5.325  4.462   -0.094  1.00 0.06  ? 14 DC  B H6     1 
ATOM   440 P P      . DT  B 1 5  ? -3.136  7.722   -4.823  1.00 -1.31 ? 15 DT  B P      1 
ATOM   441 O OP1    . DT  B 1 5  ? -3.133  9.143   -4.370  1.00 0.35  ? 15 DT  B OP1    1 
ATOM   442 O OP2    . DT  B 1 5  ? -3.265  7.738   -6.308  1.00 0.35  ? 15 DT  B OP2    1 
ATOM   443 O "O5'"  . DT  B 1 5  ? -1.772  6.981   -4.445  1.00 0.10  ? 15 DT  B "O5'"  1 
ATOM   444 C "C5'"  . DT  B 1 5  ? -0.485  7.529   -4.158  1.00 0.08  ? 15 DT  B "C5'"  1 
ATOM   445 C "C4'"  . DT  B 1 5  ? 0.490   6.330   -4.112  1.00 0.10  ? 15 DT  B "C4'"  1 
ATOM   446 O "O4'"  . DT  B 1 5  ? 0.000   5.423   -3.104  1.00 -0.27 ? 15 DT  B "O4'"  1 
ATOM   447 C "C3'"  . DT  B 1 5  ? 0.464   5.534   -5.447  1.00 0.13  ? 15 DT  B "C3'"  1 
ATOM   448 O "O3'"  . DT  B 1 5  ? 1.783   5.185   -5.873  1.00 0.09  ? 15 DT  B "O3'"  1 
ATOM   449 C "C2'"  . DT  B 1 5  ? -0.289  4.251   -5.041  1.00 -0.04 ? 15 DT  B "C2'"  1 
ATOM   450 C "C1'"  . DT  B 1 5  ? 0.153   4.076   -3.566  1.00 0.14  ? 15 DT  B "C1'"  1 
ATOM   451 N N1     . DT  B 1 5  ? -0.593  3.198   -2.654  1.00 -0.04 ? 15 DT  B N1     1 
ATOM   452 C C2     . DT  B 1 5  ? -0.073  2.966   -1.421  1.00 0.43  ? 15 DT  B C2     1 
ATOM   453 O O2     . DT  B 1 5  ? 1.028   3.394   -1.108  1.00 -0.41 ? 15 DT  B O2     1 
ATOM   454 N N3     . DT  B 1 5  ? -0.778  2.254   -0.523  1.00 -0.25 ? 15 DT  B N3     1 
ATOM   455 C C4     . DT  B 1 5  ? -2.000  1.788   -0.805  1.00 0.32  ? 15 DT  B C4     1 
ATOM   456 O O4     . DT  B 1 5  ? -2.691  1.215   0.020   1.00 -0.39 ? 15 DT  B O4     1 
ATOM   457 C C5     . DT  B 1 5  ? -2.536  1.977   -2.156  1.00 -0.15 ? 15 DT  B C5     1 
ATOM   458 C C7     . DT  B 1 5  ? -3.880  1.382   -2.512  1.00 -0.07 ? 15 DT  B C7     1 
ATOM   459 C C6     . DT  B 1 5  ? -1.793  2.678   -3.020  1.00 0.10  ? 15 DT  B C6     1 
ATOM   460 H "H5'"  . DT  B 1 5  ? -0.523  8.051   -3.190  1.00 0.06  ? 15 DT  B "H5'"  1 
ATOM   461 H "H5''" . DT  B 1 5  ? -0.196  8.238   -4.948  1.00 0.06  ? 15 DT  B "H5''" 1 
ATOM   462 H "H4'"  . DT  B 1 5  ? 1.512   6.651   -3.858  1.00 0.05  ? 15 DT  B "H4'"  1 
ATOM   463 H "H3'"  . DT  B 1 5  ? -0.014  6.065   -6.288  1.00 0.05  ? 15 DT  B "H3'"  1 
ATOM   464 H "H2'"  . DT  B 1 5  ? -1.357  4.498   -5.132  1.00 0.04  ? 15 DT  B "H2'"  1 
ATOM   465 H "H2''" . DT  B 1 5  ? -0.051  3.385   -5.678  1.00 0.04  ? 15 DT  B "H2''" 1 
ATOM   466 H "H1'"  . DT  B 1 5  ? 1.225   3.814   -3.550  1.00 0.06  ? 15 DT  B "H1'"  1 
ATOM   467 H H3     . DT  B 1 5  ? -0.402  2.076   0.389   1.00 0.19  ? 15 DT  B H3     1 
ATOM   468 H H71    . DT  B 1 5  ? -4.273  1.738   -3.476  1.00 0.04  ? 15 DT  B H71    1 
ATOM   469 H H72    . DT  B 1 5  ? -4.613  1.633   -1.730  1.00 0.04  ? 15 DT  B H72    1 
ATOM   470 H H73    . DT  B 1 5  ? -3.778  0.287   -2.557  1.00 0.04  ? 15 DT  B H73    1 
ATOM   471 H H6     . DT  B 1 5  ? -2.216  2.790   -4.013  1.00 0.06  ? 15 DT  B H6     1 
ATOM   472 P P      . DA  B 1 6  ? 2.942   6.144   -6.424  1.00 -1.31 ? 16 DA  B P      1 
ATOM   473 O OP1    . DA  B 1 6  ? 2.876   7.514   -5.839  1.00 0.35  ? 16 DA  B OP1    1 
ATOM   474 O OP2    . DA  B 1 6  ? 2.848   6.266   -7.907  1.00 0.35  ? 16 DA  B OP2    1 
ATOM   475 O "O5'"  . DA  B 1 6  ? 4.339   5.473   -6.025  1.00 0.10  ? 16 DA  B "O5'"  1 
ATOM   476 C "C5'"  . DA  B 1 6  ? 4.445   5.026   -4.670  1.00 0.08  ? 16 DA  B "C5'"  1 
ATOM   477 C "C4'"  . DA  B 1 6  ? 5.787   4.311   -4.379  1.00 0.10  ? 16 DA  B "C4'"  1 
ATOM   478 O "O4'"  . DA  B 1 6  ? 5.530   3.174   -3.537  1.00 -0.27 ? 16 DA  B "O4'"  1 
ATOM   479 C "C3'"  . DA  B 1 6  ? 6.518   3.628   -5.550  1.00 0.13  ? 16 DA  B "C3'"  1 
ATOM   480 O "O3'"  . DA  B 1 6  ? 7.822   3.288   -5.053  1.00 0.09  ? 16 DA  B "O3'"  1 
ATOM   481 C "C2'"  . DA  B 1 6  ? 5.679   2.356   -5.768  1.00 -0.04 ? 16 DA  B "C2'"  1 
ATOM   482 C "C1'"  . DA  B 1 6  ? 5.155   2.037   -4.338  1.00 0.14  ? 16 DA  B "C1'"  1 
ATOM   483 N N9     . DA  B 1 6  ? 3.735   1.690   -4.207  1.00 -0.01 ? 16 DA  B N9     1 
ATOM   484 C C8     . DA  B 1 6  ? 2.759   1.974   -5.038  1.00 0.30  ? 16 DA  B C8     1 
ATOM   485 N N7     . DA  B 1 6  ? 1.650   1.524   -4.633  1.00 -0.56 ? 16 DA  B N7     1 
ATOM   486 C C5     . DA  B 1 6  ? 1.836   0.862   -3.485  1.00 0.12  ? 16 DA  B C5     1 
ATOM   487 C C6     . DA  B 1 6  ? 0.957   0.168   -2.663  1.00 0.38  ? 16 DA  B C6     1 
ATOM   488 N N6     . DA  B 1 6  ? -0.349  0.062   -2.976  1.00 -0.44 ? 16 DA  B N6     1 
ATOM   489 N N1     . DA  B 1 6  ? 1.480   -0.391  -1.551  1.00 -0.50 ? 16 DA  B N1     1 
ATOM   490 C C2     . DA  B 1 6  ? 2.793   -0.251  -1.251  1.00 0.27  ? 16 DA  B C2     1 
ATOM   491 N N3     . DA  B 1 6  ? 3.662   0.407   -2.059  1.00 -0.49 ? 16 DA  B N3     1 
ATOM   492 C C4     . DA  B 1 6  ? 3.185   0.971   -3.190  1.00 0.29  ? 16 DA  B C4     1 
ATOM   493 H "H5'"  . DA  B 1 6  ? 3.619   4.338   -4.464  1.00 0.06  ? 16 DA  B "H5'"  1 
ATOM   494 H "H5''" . DA  B 1 6  ? 4.310   5.885   -3.995  1.00 0.06  ? 16 DA  B "H5''" 1 
ATOM   495 H "H4'"  . DA  B 1 6  ? 6.473   5.039   -3.925  1.00 0.05  ? 16 DA  B "H4'"  1 
ATOM   496 H "H3'"  . DA  B 1 6  ? 6.634   4.251   -6.452  1.00 0.05  ? 16 DA  B "H3'"  1 
ATOM   497 H "H2'"  . DA  B 1 6  ? 4.896   2.620   -6.487  1.00 0.04  ? 16 DA  B "H2'"  1 
ATOM   498 H "H2''" . DA  B 1 6  ? 6.274   1.548   -6.215  1.00 0.04  ? 16 DA  B "H2''" 1 
ATOM   499 H "H1'"  . DA  B 1 6  ? 5.746   1.222   -3.890  1.00 0.06  ? 16 DA  B "H1'"  1 
ATOM   500 H H8     . DA  B 1 6  ? 2.760   2.524   -5.977  1.00 0.07  ? 16 DA  B H8     1 
ATOM   501 H H61    . DA  B 1 6  ? -1.000  -0.384  -2.316  1.00 0.21  ? 16 DA  B H61    1 
ATOM   502 H H62    . DA  B 1 6  ? -0.675  0.339   -3.911  1.00 0.21  ? 16 DA  B H62    1 
ATOM   503 H H2     . DA  B 1 6  ? 3.145   -0.682  -0.320  1.00 0.07  ? 16 DA  B H2     1 
ATOM   504 P P      . DG  B 1 7  ? 8.898   2.282   -5.679  1.00 -1.31 ? 17 DG  B P      1 
ATOM   505 O OP1    . DG  B 1 7  ? 10.272  2.798   -5.410  1.00 0.35  ? 17 DG  B OP1    1 
ATOM   506 O OP2    . DG  B 1 7  ? 8.734   2.177   -7.157  1.00 0.35  ? 17 DG  B OP2    1 
ATOM   507 O "O5'"  . DG  B 1 7  ? 8.692   0.852   -4.990  1.00 0.10  ? 17 DG  B "O5'"  1 
ATOM   508 C "C5'"  . DG  B 1 7  ? 9.049   0.649   -3.618  1.00 0.08  ? 17 DG  B "C5'"  1 
ATOM   509 C "C4'"  . DG  B 1 7  ? 8.642   -0.771  -3.171  1.00 0.10  ? 17 DG  B "C4'"  1 
ATOM   510 O "O4'"  . DG  B 1 7  ? 7.213   -0.870  -3.207  1.00 -0.27 ? 17 DG  B "O4'"  1 
ATOM   511 C "C3'"  . DG  B 1 7  ? 9.158   -1.903  -4.088  1.00 0.13  ? 17 DG  B "C3'"  1 
ATOM   512 O "O3'"  . DG  B 1 7  ? 9.969   -2.775  -3.289  1.00 0.09  ? 17 DG  B "O3'"  1 
ATOM   513 C "C2'"  . DG  B 1 7  ? 7.867   -2.612  -4.554  1.00 -0.04 ? 17 DG  B "C2'"  1 
ATOM   514 C "C1'"  . DG  B 1 7  ? 6.819   -2.220  -3.483  1.00 0.14  ? 17 DG  B "C1'"  1 
ATOM   515 N N9     . DG  B 1 7  ? 5.446   -2.055  -3.939  1.00 0.00  ? 17 DG  B N9     1 
ATOM   516 C C8     . DG  B 1 7  ? 5.125   -1.240  -4.904  1.00 0.23  ? 17 DG  B C8     1 
ATOM   517 N N7     . DG  B 1 7  ? 3.880   -1.209  -5.058  1.00 -0.55 ? 17 DG  B N7     1 
ATOM   518 C C5     . DG  B 1 7  ? 3.278   -2.100  -4.106  1.00 0.00  ? 17 DG  B C5     1 
ATOM   519 C C6     . DG  B 1 7  ? 1.931   -2.526  -3.738  1.00 0.33  ? 17 DG  B C6     1 
ATOM   520 O O6     . DG  B 1 7  ? 0.958   -2.085  -4.326  1.00 -0.40 ? 17 DG  B O6     1 
ATOM   521 N N1     . DG  B 1 7  ? 1.842   -3.420  -2.737  1.00 -0.15 ? 17 DG  B N1     1 
ATOM   522 C C2     . DG  B 1 7  ? 2.932   -3.937  -2.115  1.00 0.57  ? 17 DG  B C2     1 
ATOM   523 N N2     . DG  B 1 7  ? 2.720   -4.847  -1.213  1.00 -0.42 ? 17 DG  B N2     1 
ATOM   524 N N3     . DG  B 1 7  ? 4.124   -3.564  -2.412  1.00 -0.67 ? 17 DG  B N3     1 
ATOM   525 C C4     . DG  B 1 7  ? 4.338   -2.589  -3.462  1.00 0.29  ? 17 DG  B C4     1 
ATOM   526 H "H5'"  . DG  B 1 7  ? 8.523   1.388   -2.996  1.00 0.06  ? 17 DG  B "H5'"  1 
ATOM   527 H "H5''" . DG  B 1 7  ? 10.135  0.792   -3.510  1.00 0.06  ? 17 DG  B "H5''" 1 
ATOM   528 H "H4'"  . DG  B 1 7  ? 8.995   -0.947  -2.146  1.00 0.05  ? 17 DG  B "H4'"  1 
ATOM   529 H "H3'"  . DG  B 1 7  ? 9.775   -1.546  -4.928  1.00 0.05  ? 17 DG  B "H3'"  1 
ATOM   530 H "H2'"  . DG  B 1 7  ? 7.587   -2.221  -5.542  1.00 0.04  ? 17 DG  B "H2'"  1 
ATOM   531 H "H2''" . DG  B 1 7  ? 8.014   -3.695  -4.629  1.00 0.04  ? 17 DG  B "H2''" 1 
ATOM   532 H "H1'"  . DG  B 1 7  ? 6.920   -2.858  -2.596  1.00 0.06  ? 17 DG  B "H1'"  1 
ATOM   533 H H8     . DG  B 1 7  ? 5.808   -0.649  -5.506  1.00 0.07  ? 17 DG  B H8     1 
ATOM   534 H H1     . DG  B 1 7  ? 0.912   -3.704  -2.491  1.00 0.19  ? 17 DG  B H1     1 
ATOM   535 H H21    . DG  B 1 7  ? 1.766   -5.136  -0.952  1.00 0.21  ? 17 DG  B H21    1 
ATOM   536 H H22    . DG  B 1 7  ? 3.503   -5.326  -0.774  1.00 0.21  ? 17 DG  B H22    1 
ATOM   537 P P      . DT  B 1 8  ? 10.718  -4.109  -3.751  1.00 -1.31 ? 18 DT  B P      1 
ATOM   538 O OP1    . DT  B 1 8  ? 12.176  -3.909  -3.518  1.00 0.35  ? 18 DT  B OP1    1 
ATOM   539 O OP2    . DT  B 1 8  ? 10.574  -4.365  -5.213  1.00 0.35  ? 18 DT  B OP2    1 
ATOM   540 O "O5'"  . DT  B 1 8  ? 10.266  -5.331  -2.820  1.00 0.10  ? 18 DT  B "O5'"  1 
ATOM   541 C "C5'"  . DT  B 1 8  ? 9.027   -5.489  -2.117  1.00 0.08  ? 18 DT  B "C5'"  1 
ATOM   542 C "C4'"  . DT  B 1 8  ? 7.899   -6.228  -2.890  1.00 0.10  ? 18 DT  B "C4'"  1 
ATOM   543 O "O4'"  . DT  B 1 8  ? 6.773   -5.420  -3.284  1.00 -0.27 ? 18 DT  B "O4'"  1 
ATOM   544 C "C3'"  . DT  B 1 8  ? 8.321   -6.806  -4.252  1.00 0.13  ? 18 DT  B "C3'"  1 
ATOM   545 O "O3'"  . DT  B 1 8  ? 9.191   -7.940  -4.120  1.00 0.09  ? 18 DT  B "O3'"  1 
ATOM   546 C "C2'"  . DT  B 1 8  ? 6.967   -7.052  -4.967  1.00 -0.04 ? 18 DT  B "C2'"  1 
ATOM   547 C "C1'"  . DT  B 1 8  ? 5.937   -6.253  -4.113  1.00 0.14  ? 18 DT  B "C1'"  1 
ATOM   548 N N1     . DT  B 1 8  ? 4.926   -5.494  -4.865  1.00 -0.04 ? 18 DT  B N1     1 
ATOM   549 C C2     . DT  B 1 8  ? 3.609   -5.639  -4.565  1.00 0.43  ? 18 DT  B C2     1 
ATOM   550 O O2     . DT  B 1 8  ? 3.234   -6.367  -3.661  1.00 -0.41 ? 18 DT  B O2     1 
ATOM   551 N N3     . DT  B 1 8  ? 2.683   -4.971  -5.270  1.00 -0.25 ? 18 DT  B N3     1 
ATOM   552 C C4     . DT  B 1 8  ? 3.013   -4.125  -6.252  1.00 0.32  ? 18 DT  B C4     1 
ATOM   553 O O4     . DT  B 1 8  ? 2.166   -3.517  -6.885  1.00 -0.39 ? 18 DT  B O4     1 
ATOM   554 C C5     . DT  B 1 8  ? 4.438   -3.946  -6.566  1.00 -0.15 ? 18 DT  B C5     1 
ATOM   555 C C7     . DT  B 1 8  ? 4.872   -2.995  -7.660  1.00 -0.07 ? 18 DT  B C7     1 
ATOM   556 C C6     . DT  B 1 8  ? 5.321   -4.647  -5.847  1.00 0.10  ? 18 DT  B C6     1 
ATOM   557 H "H5'"  . DT  B 1 8  ? 8.679   -4.509  -1.767  1.00 0.06  ? 18 DT  B "H5'"  1 
ATOM   558 H "H5''" . DT  B 1 8  ? 9.313   -6.081  -1.234  1.00 0.06  ? 18 DT  B "H5''" 1 
ATOM   559 H "H4'"  . DT  B 1 8  ? 7.516   -7.044  -2.251  1.00 0.05  ? 18 DT  B "H4'"  1 
ATOM   560 H "H3'"  . DT  B 1 8  ? 8.866   -6.045  -4.822  1.00 0.05  ? 18 DT  B "H3'"  1 
ATOM   561 H "H2'"  . DT  B 1 8  ? 7.023   -6.728  -6.016  1.00 0.04  ? 18 DT  B "H2'"  1 
ATOM   562 H "H2''" . DT  B 1 8  ? 6.713   -8.116  -4.981  1.00 0.04  ? 18 DT  B "H2''" 1 
ATOM   563 H "H1'"  . DT  B 1 8  ? 5.462   -6.976  -3.424  1.00 0.06  ? 18 DT  B "H1'"  1 
ATOM   564 H H3     . DT  B 1 8  ? 1.711   -5.111  -5.066  1.00 0.19  ? 18 DT  B H3     1 
ATOM   565 H H71    . DT  B 1 8  ? 4.935   -3.541  -8.611  1.00 0.04  ? 18 DT  B H71    1 
ATOM   566 H H72    . DT  B 1 8  ? 5.853   -2.545  -7.450  1.00 0.04  ? 18 DT  B H72    1 
ATOM   567 H H73    . DT  B 1 8  ? 4.144   -2.176  -7.771  1.00 0.04  ? 18 DT  B H73    1 
ATOM   568 H H6     . DT  B 1 8  ? 6.372   -4.513  -6.088  1.00 0.06  ? 18 DT  B H6     1 
ATOM   569 P P      . DC  B 1 9  ? 8.961   -9.289  -3.284  1.00 -1.31 ? 19 DC  B P      1 
ATOM   570 O OP1    . DC  B 1 9  ? 9.136   -9.079  -1.820  1.00 0.35  ? 19 DC  B OP1    1 
ATOM   571 O OP2    . DC  B 1 9  ? 10.008  -10.260 -3.712  1.00 0.35  ? 19 DC  B OP2    1 
ATOM   572 O "O5'"  . DC  B 1 9  ? 7.535   -9.898  -3.666  1.00 0.10  ? 19 DC  B "O5'"  1 
ATOM   573 C "C5'"  . DC  B 1 9  ? 6.523   -10.332 -2.763  1.00 0.08  ? 19 DC  B "C5'"  1 
ATOM   574 C "C4'"  . DC  B 1 9  ? 5.277   -10.711 -3.590  1.00 0.10  ? 19 DC  B "C4'"  1 
ATOM   575 O "O4'"  . DC  B 1 9  ? 4.762   -9.560  -4.293  1.00 -0.27 ? 19 DC  B "O4'"  1 
ATOM   576 C "C3'"  . DC  B 1 9  ? 5.596   -11.745 -4.701  1.00 0.13  ? 19 DC  B "C3'"  1 
ATOM   577 O "O3'"  . DC  B 1 9  ? 4.635   -12.800 -4.682  1.00 0.09  ? 19 DC  B "O3'"  1 
ATOM   578 C "C2'"  . DC  B 1 9  ? 5.321   -10.945 -5.994  1.00 -0.04 ? 19 DC  B "C2'"  1 
ATOM   579 C "C1'"  . DC  B 1 9  ? 4.173   -10.022 -5.518  1.00 0.14  ? 19 DC  B "C1'"  1 
ATOM   580 N N1     . DC  B 1 9  ? 3.719   -8.919  -6.372  1.00 0.02  ? 19 DC  B N1     1 
ATOM   581 C C2     . DC  B 1 9  ? 2.422   -8.554  -6.368  1.00 0.43  ? 19 DC  B C2     1 
ATOM   582 O O2     . DC  B 1 9  ? 1.546   -9.131  -5.748  1.00 -0.41 ? 19 DC  B O2     1 
ATOM   583 N N3     . DC  B 1 9  ? 1.953   -7.419  -7.121  1.00 -0.68 ? 19 DC  B N3     1 
ATOM   584 C C4     . DC  B 1 9  ? 2.737   -6.731  -7.836  1.00 0.44  ? 19 DC  B C4     1 
ATOM   585 N N4     . DC  B 1 9  ? 2.324   -5.701  -8.504  1.00 -0.44 ? 19 DC  B N4     1 
ATOM   586 C C5     . DC  B 1 9  ? 4.147   -7.149  -7.863  1.00 -0.20 ? 19 DC  B C5     1 
ATOM   587 C C6     . DC  B 1 9  ? 4.564   -8.202  -7.146  1.00 0.22  ? 19 DC  B C6     1 
ATOM   588 H "H5'"  . DC  B 1 9  ? 6.286   -9.506  -2.079  1.00 0.06  ? 19 DC  B "H5'"  1 
ATOM   589 H "H5''" . DC  B 1 9  ? 6.904   -11.191 -2.192  1.00 0.06  ? 19 DC  B "H5''" 1 
ATOM   590 H "H4'"  . DC  B 1 9  ? 4.495   -11.091 -2.919  1.00 0.05  ? 19 DC  B "H4'"  1 
ATOM   591 H "H3'"  . DC  B 1 9  ? 6.602   -12.191 -4.653  1.00 0.05  ? 19 DC  B "H3'"  1 
ATOM   592 H "H2'"  . DC  B 1 9  ? 6.238   -10.390 -6.238  1.00 0.04  ? 19 DC  B "H2'"  1 
ATOM   593 H "H2''" . DC  B 1 9  ? 5.038   -11.576 -6.852  1.00 0.04  ? 19 DC  B "H2''" 1 
ATOM   594 H "H1'"  . DC  B 1 9  ? 3.311   -10.660 -5.259  1.00 0.06  ? 19 DC  B "H1'"  1 
ATOM   595 H H41    . DC  B 1 9  ? 1.335   -5.415  -8.434  1.00 0.21  ? 19 DC  B H41    1 
ATOM   596 H H42    . DC  B 1 9  ? 2.968   -5.148  -9.078  1.00 0.21  ? 19 DC  B H42    1 
ATOM   597 H H5     . DC  B 1 9  ? 4.853   -6.588  -8.476  1.00 0.06  ? 19 DC  B H5     1 
ATOM   598 H H6     . DC  B 1 9  ? 5.621   -8.442  -7.224  1.00 0.06  ? 19 DC  B H6     1 
ATOM   599 P P      . DG  B 1 10 ? 4.210   -13.947 -3.652  1.00 -1.31 ? 20 DG  B P      1 
ATOM   600 O OP1    . DG  B 1 10 ? 3.850   -13.416 -2.306  1.00 0.35  ? 20 DG  B OP1    1 
ATOM   601 O OP2    . DG  B 1 10 ? 5.258   -15.001 -3.543  1.00 0.35  ? 20 DG  B OP2    1 
ATOM   602 O "O5'"  . DG  B 1 10 ? 2.899   -14.499 -4.372  1.00 0.10  ? 20 DG  B "O5'"  1 
ATOM   603 C "C5'"  . DG  B 1 10 ? 1.887   -15.441 -4.030  1.00 0.08  ? 20 DG  B "C5'"  1 
ATOM   604 C "C4'"  . DG  B 1 10 ? 0.862   -15.339 -5.182  1.00 0.10  ? 20 DG  B "C4'"  1 
ATOM   605 O "O4'"  . DG  B 1 10 ? 0.534   -13.955 -5.392  1.00 -0.27 ? 20 DG  B "O4'"  1 
ATOM   606 C "C3'"  . DG  B 1 10 ? 1.440   -15.759 -6.555  1.00 0.09  ? 20 DG  B "C3'"  1 
ATOM   607 O "O3'"  . DG  B 1 10 ? 1.433   -17.181 -6.773  1.00 -0.46 ? 20 DG  B "O3'"  1 
ATOM   608 C "C2'"  . DG  B 1 10 ? 0.445   -15.067 -7.507  1.00 -0.04 ? 20 DG  B "C2'"  1 
ATOM   609 C "C1'"  . DG  B 1 10 ? 0.082   -13.769 -6.744  1.00 0.14  ? 20 DG  B "C1'"  1 
ATOM   610 N N9     . DG  B 1 10 ? 0.777   -12.624 -7.312  1.00 0.00  ? 20 DG  B N9     1 
ATOM   611 C C8     . DG  B 1 10 ? 2.006   -12.264 -7.077  1.00 0.23  ? 20 DG  B C8     1 
ATOM   612 N N7     . DG  B 1 10 ? 2.281   -11.213 -7.720  1.00 -0.55 ? 20 DG  B N7     1 
ATOM   613 C C5     . DG  B 1 10 ? 1.118   -10.806 -8.471  1.00 0.00  ? 20 DG  B C5     1 
ATOM   614 C C6     . DG  B 1 10 ? 0.672   -9.749  -9.392  1.00 0.33  ? 20 DG  B C6     1 
ATOM   615 O O6     . DG  B 1 10 ? 1.420   -8.843  -9.725  1.00 -0.40 ? 20 DG  B O6     1 
ATOM   616 N N1     . DG  B 1 10 ? -0.601  -9.831  -9.846  1.00 -0.15 ? 20 DG  B N1     1 
ATOM   617 C C2     . DG  B 1 10 ? -1.444  -10.833 -9.491  1.00 0.57  ? 20 DG  B C2     1 
ATOM   618 N N2     . DG  B 1 10 ? -2.642  -10.873 -9.986  1.00 -0.42 ? 20 DG  B N2     1 
ATOM   619 N N3     . DG  B 1 10 ? -1.079  -11.745 -8.687  1.00 -0.67 ? 20 DG  B N3     1 
ATOM   620 C C4     . DG  B 1 10 ? 0.252   -11.759 -8.140  1.00 0.29  ? 20 DG  B C4     1 
ATOM   621 H "H5'"  . DG  B 1 10 ? 1.431   -15.136 -3.077  1.00 0.06  ? 20 DG  B "H5'"  1 
ATOM   622 H "H5''" . DG  B 1 10 ? 2.317   -16.446 -3.928  1.00 0.06  ? 20 DG  B "H5''" 1 
ATOM   623 H "H4'"  . DG  B 1 10 ? -0.050  -15.922 -4.968  1.00 0.05  ? 20 DG  B "H4'"  1 
ATOM   624 H "H3'"  . DG  B 1 10 ? 2.446   -15.331 -6.711  1.00 0.05  ? 20 DG  B "H3'"  1 
ATOM   625 H "HO3'" . DG  B 1 10 ? 2.035   -17.650 -6.204  1.00 0.30  ? 20 DG  B "HO3'" 1 
ATOM   626 H "H2'"  . DG  B 1 10 ? 0.865   -14.881 -8.509  1.00 0.04  ? 20 DG  B "H2'"  1 
ATOM   627 H "H2''" . DG  B 1 10 ? -0.445  -15.707 -7.608  1.00 0.04  ? 20 DG  B "H2''" 1 
ATOM   628 H "H1'"  . DG  B 1 10 ? -1.007  -13.592 -6.743  1.00 0.06  ? 20 DG  B "H1'"  1 
ATOM   629 H H8     . DG  B 1 10 ? 2.699   -12.790 -6.424  1.00 0.07  ? 20 DG  B H8     1 
ATOM   630 H H1     . DG  B 1 10 ? -0.911  -9.111  -10.470 1.00 0.19  ? 20 DG  B H1     1 
ATOM   631 H H21    . DG  B 1 10 ? -2.972  -10.159 -10.650 1.00 0.21  ? 20 DG  B H21    1 
ATOM   632 H H22    . DG  B 1 10 ? -3.266  -11.640 -9.712  1.00 0.21  ? 20 DG  B H22    1 
HETATM 633 C C14    . AIK C 2 .  ? 5.336   2.284   2.158   1.00 -0.15 ? 11 AIK A C14    1 
HETATM 634 C C10    . AIK C 2 .  ? 6.171   1.116   2.452   1.00 0.07  ? 11 AIK A C10    1 
HETATM 635 N N9     . AIK C 2 .  ? 5.689   -0.139  2.566   1.00 -0.31 ? 11 AIK A N9     1 
HETATM 636 C C8     . AIK C 2 .  ? 6.425   -1.167  2.871   1.00 0.34  ? 11 AIK A C8     1 
HETATM 637 C C6     . AIK C 2 .  ? 5.871   -2.540  2.943   1.00 0.06  ? 11 AIK A C6     1 
HETATM 638 C C7     . AIK C 2 .  ? 4.796   -3.011  2.303   1.00 -0.14 ? 11 AIK A C7     1 
HETATM 639 C C3     . AIK C 2 .  ? 4.705   -4.427  2.672   1.00 0.06  ? 11 AIK A C3     1 
HETATM 640 N N2     . AIK C 2 .  ? 3.785   -5.294  2.197   1.00 -0.19 ? 11 AIK A N2     1 
HETATM 641 C C1     . AIK C 2 .  ? 3.766   -6.551  2.528   1.00 -0.08 ? 11 AIK A C1     1 
HETATM 642 O O1     . AIK C 2 .  ? 2.984   -7.362  1.984   1.00 -0.56 ? 11 AIK A O1     1 
HETATM 643 C C4     . AIK C 2 .  ? 5.717   -4.637  3.519   1.00 -0.03 ? 11 AIK A C4     1 
HETATM 644 N N5     . AIK C 2 .  ? 6.374   -3.521  3.648   1.00 -0.02 ? 11 AIK A N5     1 
HETATM 645 C C5     . AIK C 2 .  ? 7.535   -3.410  4.533   1.00 -0.05 ? 11 AIK A C5     1 
HETATM 646 O O8     . AIK C 2 .  ? 7.615   -1.081  3.114   1.00 -0.35 ? 11 AIK A O8     1 
HETATM 647 C C11    . AIK C 2 .  ? 7.411   1.607   2.557   1.00 -0.03 ? 11 AIK A C11    1 
HETATM 648 N N12    . AIK C 2 .  ? 7.365   2.896   2.377   1.00 -0.02 ? 11 AIK A N12    1 
HETATM 649 C C12    . AIK C 2 .  ? 8.557   3.738   2.494   1.00 -0.05 ? 11 AIK A C12    1 
HETATM 650 C C13    . AIK C 2 .  ? 6.163   3.333   2.120   1.00 0.06  ? 11 AIK A C13    1 
HETATM 651 C C15    . AIK C 2 .  ? 5.775   4.727   1.816   1.00 0.34  ? 11 AIK A C15    1 
HETATM 652 O O15    . AIK C 2 .  ? 6.585   5.440   1.247   1.00 -0.34 ? 11 AIK A O15    1 
HETATM 653 N N16    . AIK C 2 .  ? 4.604   5.201   2.123   1.00 -0.21 ? 11 AIK A N16    1 
HETATM 654 C C17    . AIK C 2 .  ? 4.219   6.429   1.713   1.00 0.44  ? 11 AIK A C17    1 
HETATM 655 N N21    . AIK C 2 .  ? 3.098   6.948   1.987   1.00 -0.55 ? 11 AIK A N21    1 
HETATM 656 C C20    . AIK C 2 .  ? 2.811   8.271   1.468   1.00 0.09  ? 11 AIK A C20    1 
HETATM 657 C C25    . AIK C 2 .  ? 1.493   8.886   1.778   1.00 0.35  ? 11 AIK A C25    1 
HETATM 658 O O25    . AIK C 2 .  ? 1.266   10.040  1.465   1.00 -0.35 ? 11 AIK A O25    1 
HETATM 659 N N26    . AIK C 2 .  ? 0.597   8.172   2.394   1.00 -0.35 ? 11 AIK A N26    1 
HETATM 660 C C27    . AIK C 2 .  ? -0.711  8.700   2.728   1.00 0.00  ? 11 AIK A C27    1 
HETATM 661 C C28    . AIK C 2 .  ? -1.706  8.433   1.563   1.00 -0.06 ? 11 AIK A C28    1 
HETATM 662 C C29    . AIK C 2 .  ? -1.959  9.699   0.705   1.00 -0.03 ? 11 AIK A C29    1 
HETATM 663 N N30    . AIK C 2 .  ? -2.636  10.693  1.575   1.00 -0.20 ? 11 AIK A N30    1 
HETATM 664 C C32    . AIK C 2 .  ? -4.116  10.687  1.544   1.00 -0.07 ? 11 AIK A C32    1 
HETATM 665 C C31    . AIK C 2 .  ? -2.029  12.041  1.647   1.00 -0.07 ? 11 AIK A C31    1 
HETATM 666 C C19    . AIK C 2 .  ? 3.882   8.687   0.767   1.00 0.10  ? 11 AIK A C19    1 
HETATM 667 C C22    . AIK C 2 .  ? 4.227   9.957   -0.004  1.00 0.06  ? 11 AIK A C22    1 
HETATM 668 C C23    . AIK C 2 .  ? 5.418   10.673  0.662   1.00 -0.11 ? 11 AIK A C23    1 
HETATM 669 C C24    . AIK C 2 .  ? 3.117   10.981  -0.305  1.00 -0.11 ? 11 AIK A C24    1 
HETATM 670 S S18    . AIK C 2 .  ? 4.961   7.536   0.795   1.00 0.82  ? 11 AIK A S18    1 
HETATM 671 H H14    . AIK C 2 .  ? 4.260   2.277   1.999   1.00 0.05  ? 11 AIK A H14    1 
HETATM 672 H H9     . AIK C 2 .  ? 4.681   -0.278  2.406   1.00 0.19  ? 11 AIK A H9     1 
HETATM 673 H H7     . AIK C 2 .  ? 4.119   -2.485  1.633   1.00 0.05  ? 11 AIK A H7     1 
HETATM 674 H H2     . AIK C 2 .  ? 3.071   -4.956  1.536   1.00 0.19  ? 11 AIK A H2     1 
HETATM 675 H H1     . AIK C 2 .  ? 4.406   -7.005  3.273   1.00 0.06  ? 11 AIK A H1     1 
HETATM 676 H H4     . AIK C 2 .  ? 5.993   -5.556  4.029   1.00 0.06  ? 11 AIK A H4     1 
HETATM 677 H H51    . AIK C 2 .  ? 7.586   -4.246  5.249   1.00 0.05  ? 11 AIK A H51    1 
HETATM 678 H H52    . AIK C 2 .  ? 7.500   -2.487  5.124   1.00 0.05  ? 11 AIK A H52    1 
HETATM 679 H H53    . AIK C 2 .  ? 8.457   -3.424  3.938   1.00 0.05  ? 11 AIK A H53    1 
HETATM 680 H H11    . AIK C 2 .  ? 8.344   1.085   2.760   1.00 0.06  ? 11 AIK A H11    1 
HETATM 681 H H121   . AIK C 2 .  ? 8.263   4.747   2.819   1.00 0.00  ? 11 AIK A H121   1 
HETATM 682 H H122   . AIK C 2 .  ? 9.244   3.300   3.233   1.00 0.00  ? 11 AIK A H122   1 
HETATM 683 H H123   . AIK C 2 .  ? 9.061   3.801   1.517   1.00 0.05  ? 11 AIK A H123   1 
HETATM 684 H H16    . AIK C 2 .  ? 3.945   4.633   2.673   1.00 0.19  ? 11 AIK A H16    1 
HETATM 685 H H26    . AIK C 2 .  ? 0.832   7.211   2.681   1.00 0.19  ? 11 AIK A H26    1 
HETATM 686 H H271   . AIK C 2 .  ? -1.053  8.173   3.630   1.00 0.05  ? 11 AIK A H271   1 
HETATM 687 H H272   . AIK C 2 .  ? -0.677  9.766   3.000   1.00 0.05  ? 11 AIK A H272   1 
HETATM 688 H H281   . AIK C 2 .  ? -2.681  8.114   1.961   1.00 0.04  ? 11 AIK A H281   1 
HETATM 689 H H282   . AIK C 2 .  ? -1.317  7.617   0.935   1.00 0.04  ? 11 AIK A H282   1 
HETATM 690 H H291   . AIK C 2 .  ? -0.999  10.064  0.308   1.00 0.04  ? 11 AIK A H291   1 
HETATM 691 H H292   . AIK C 2 .  ? -2.594  9.450   -0.160  1.00 0.04  ? 11 AIK A H292   1 
HETATM 692 H H321   . AIK C 2 .  ? -4.464  11.179  0.624   1.00 0.00  ? 11 AIK A H321   1 
HETATM 693 H H322   . AIK C 2 .  ? -4.476  9.649   1.563   1.00 0.00  ? 11 AIK A H322   1 
HETATM 694 H H323   . AIK C 2 .  ? -4.513  11.226  2.418   1.00 0.05  ? 11 AIK A H323   1 
HETATM 695 H H311   . AIK C 2 .  ? -2.265  12.591  0.723   1.00 0.00  ? 11 AIK A H311   1 
HETATM 696 H H312   . AIK C 2 .  ? -2.450  12.578  2.510   1.00 0.00  ? 11 AIK A H312   1 
HETATM 697 H H313   . AIK C 2 .  ? -0.937  11.983  1.759   1.00 0.05  ? 11 AIK A H313   1 
HETATM 698 H H22    . AIK C 2 .  ? 4.580   9.628   -0.998  1.00 0.04  ? 11 AIK A H22    1 
HETATM 699 H H231   . AIK C 2 .  ? 5.696   11.542  0.049   1.00 0.00  ? 11 AIK A H231   1 
HETATM 700 H H232   . AIK C 2 .  ? 5.114   11.011  1.663   1.00 0.00  ? 11 AIK A H232   1 
HETATM 701 H H233   . AIK C 2 .  ? 6.293   10.013  0.760   1.00 0.04  ? 11 AIK A H233   1 
HETATM 702 H H241   . AIK C 2 .  ? 2.829   11.488  0.629   1.00 0.00  ? 11 AIK A H241   1 
HETATM 703 H H242   . AIK C 2 .  ? 3.494   11.724  -1.024  1.00 0.00  ? 11 AIK A H242   1 
HETATM 704 H H243   . AIK C 2 .  ? 2.237   10.478  -0.731  1.00 0.04  ? 11 AIK A H243   1 
HETATM 705 C C14    . AIK D 2 .  ? 6.192   -1.601  -0.370  1.00 -0.15 ? 2  AIK B C14    1 
HETATM 706 C C10    . AIK D 2 .  ? 6.817   -0.276  -0.340  1.00 0.07  ? 2  AIK B C10    1 
HETATM 707 N N9     . AIK D 2 .  ? 6.176   0.853   -0.709  1.00 -0.31 ? 2  AIK B N9     1 
HETATM 708 C C8     . AIK D 2 .  ? 6.709   2.039   -0.663  1.00 0.34  ? 2  AIK B C8     1 
HETATM 709 C C6     . AIK D 2 .  ? 5.902   3.250   -0.937  1.00 0.06  ? 2  AIK B C6     1 
HETATM 710 C C7     . AIK D 2 .  ? 4.571   3.361   -0.849  1.00 -0.14 ? 2  AIK B C7     1 
HETATM 711 C C3     . AIK D 2 .  ? 4.258   4.755   -1.165  1.00 0.06  ? 2  AIK B C3     1 
HETATM 712 N N2     . AIK D 2 .  ? 3.003   5.253   -1.150  1.00 -0.19 ? 2  AIK B N2     1 
HETATM 713 C C1     . AIK D 2 .  ? 2.726   6.513   -1.310  1.00 -0.08 ? 2  AIK B C1     1 
HETATM 714 O O1     . AIK D 2 .  ? 3.591   7.407   -1.476  1.00 -0.56 ? 2  AIK B O1     1 
HETATM 715 C C4     . AIK D 2 .  ? 5.440   5.319   -1.435  1.00 -0.03 ? 2  AIK B C4     1 
HETATM 716 N N5     . AIK D 2 .  ? 6.369   4.415   -1.294  1.00 -0.02 ? 2  AIK B N5     1 
HETATM 717 C C5     . AIK D 2 .  ? 7.785   4.695   -1.549  1.00 -0.05 ? 2  AIK B C5     1 
HETATM 718 O O8     . AIK D 2 .  ? 7.876   2.230   -0.365  1.00 -0.35 ? 2  AIK B O8     1 
HETATM 719 C C11    . AIK D 2 .  ? 8.054   -0.497  0.121   1.00 -0.03 ? 2  AIK B C11    1 
HETATM 720 N N12    . AIK D 2 .  ? 8.190   -1.775  0.342   1.00 -0.02 ? 2  AIK B N12    1 
HETATM 721 C C12    . AIK D 2 .  ? 9.448   -2.365  0.803   1.00 -0.05 ? 2  AIK B C12    1 
HETATM 722 C C13    . AIK D 2 .  ? 7.108   -2.459  0.086   1.00 0.06  ? 2  AIK B C13    1 
HETATM 723 C C15    . AIK D 2 .  ? 6.915   -3.913  0.284   1.00 0.34  ? 2  AIK B C15    1 
HETATM 724 O O15    . AIK D 2 .  ? 7.612   -4.479  1.110   1.00 -0.34 ? 2  AIK B O15    1 
HETATM 725 N N16    . AIK D 2 .  ? 6.022   -4.592  -0.372  1.00 -0.21 ? 2  AIK B N16    1 
HETATM 726 C C17    . AIK D 2 .  ? 5.787   -5.892  -0.092  1.00 0.44  ? 2  AIK B C17    1 
HETATM 727 N N21    . AIK D 2 .  ? 4.931   -6.609  -0.688  1.00 -0.55 ? 2  AIK B N21    1 
HETATM 728 C C20    . AIK D 2 .  ? 4.807   -8.001  -0.290  1.00 0.09  ? 2  AIK B C20    1 
HETATM 729 C C25    . AIK D 2 .  ? 3.799   -8.848  -0.978  1.00 0.35  ? 2  AIK B C25    1 
HETATM 730 O O25    . AIK D 2 .  ? 3.709   -10.034 -0.723  1.00 -0.35 ? 2  AIK B O25    1 
HETATM 731 N N26    . AIK D 2 .  ? 3.024   -8.298  -1.865  1.00 -0.35 ? 2  AIK B N26    1 
HETATM 732 C C27    . AIK D 2 .  ? 1.980   -9.037  -2.547  1.00 0.00  ? 2  AIK B C27    1 
HETATM 733 C C28    . AIK D 2 .  ? 0.681   -9.027  -1.700  1.00 -0.06 ? 2  AIK B C28    1 
HETATM 734 C C29    . AIK D 2 .  ? 0.671   -10.127 -0.607  1.00 -0.03 ? 2  AIK B C29    1 
HETATM 735 N N30    . AIK D 2 .  ? 0.982   -11.474 -1.157  1.00 -0.20 ? 2  AIK B N30    1 
HETATM 736 C C32    . AIK D 2 .  ? 1.283   -12.444 -0.137  1.00 -0.07 ? 2  AIK B C32    1 
HETATM 737 C C31    . AIK D 2 .  ? 0.063   -11.953 -2.156  1.00 -0.07 ? 2  AIK B C31    1 
HETATM 738 C C19    . AIK D 2 .  ? 5.704   -8.259  0.683   1.00 0.10  ? 2  AIK B C19    1 
HETATM 739 C C22    . AIK D 2 .  ? 6.123   -9.510  1.447   1.00 0.06  ? 2  AIK B C22    1 
HETATM 740 C C23    . AIK D 2 .  ? 5.522   -10.880 1.080   1.00 -0.11 ? 2  AIK B C23    1 
HETATM 741 C C24    . AIK D 2 .  ? 5.987   -9.332  2.971   1.00 -0.11 ? 2  AIK B C24    1 
HETATM 742 S S18    . AIK D 2 .  ? 6.440   -6.900  1.026   1.00 0.82  ? 2  AIK B S18    1 
HETATM 743 H H14    . AIK D 2 .  ? 5.179   -1.821  -0.692  1.00 0.05  ? 2  AIK B H14    1 
HETATM 744 H H9     . AIK D 2 .  ? 5.202   0.764   -1.034  1.00 0.19  ? 2  AIK B H9     1 
HETATM 745 H H7     . AIK D 2 .  ? 3.832   2.609   -0.583  1.00 0.05  ? 2  AIK B H7     1 
HETATM 746 H H2     . AIK D 2 .  ? 2.225   4.596   -0.990  1.00 0.19  ? 2  AIK B H2     1 
HETATM 747 H H1     . AIK D 2 .  ? 1.679   6.829   -1.284  1.00 0.06  ? 2  AIK B H1     1 
HETATM 748 H H4     . AIK D 2 .  ? 5.650   6.342   -1.736  1.00 0.06  ? 2  AIK B H4     1 
HETATM 749 H H51    . AIK D 2 .  ? 8.206   3.932   -2.221  1.00 0.05  ? 2  AIK B H51    1 
HETATM 750 H H52    . AIK D 2 .  ? 8.342   4.693   -0.604  1.00 0.05  ? 2  AIK B H52    1 
HETATM 751 H H53    . AIK D 2 .  ? 7.943   5.676   -2.022  1.00 0.05  ? 2  AIK B H53    1 
HETATM 752 H H11    . AIK D 2 .  ? 8.852   0.221   0.295   1.00 0.06  ? 2  AIK B H11    1 
HETATM 753 H H121   . AIK D 2 .  ? 9.675   -3.257  0.202   1.00 0.00  ? 2  AIK B H121   1 
HETATM 754 H H122   . AIK D 2 .  ? 10.259  -1.630  0.692   1.00 0.00  ? 2  AIK B H122   1 
HETATM 755 H H123   . AIK D 2 .  ? 9.356   -2.650  1.862   1.00 0.05  ? 2  AIK B H123   1 
HETATM 756 H H16    . AIK D 2 .  ? 5.465   -4.141  -1.112  1.00 0.19  ? 2  AIK B H16    1 
HETATM 757 H H26    . AIK D 2 .  ? 3.170   -7.308  -2.112  1.00 0.19  ? 2  AIK B H26    1 
HETATM 758 H H271   . AIK D 2 .  ? 1.775   -8.504  -3.485  1.00 0.05  ? 2  AIK B H271   1 
HETATM 759 H H272   . AIK D 2 .  ? 2.284   -10.058 -2.818  1.00 0.05  ? 2  AIK B H272   1 
HETATM 760 H H281   . AIK D 2 .  ? 0.598   -8.040  -1.222  1.00 0.04  ? 2  AIK B H281   1 
HETATM 761 H H282   . AIK D 2 .  ? -0.201  -9.152  -2.350  1.00 0.04  ? 2  AIK B H282   1 
HETATM 762 H H291   . AIK D 2 .  ? 1.411   -9.842  0.157   1.00 0.04  ? 2  AIK B H291   1 
HETATM 763 H H292   . AIK D 2 .  ? -0.311  -10.148 -0.110  1.00 0.04  ? 2  AIK B H292   1 
HETATM 764 H H321   . AIK D 2 .  ? 1.607   -13.382 -0.612  1.00 0.00  ? 2  AIK B H321   1 
HETATM 765 H H322   . AIK D 2 .  ? 2.091   -12.060 0.503   1.00 0.00  ? 2  AIK B H322   1 
HETATM 766 H H323   . AIK D 2 .  ? 0.393   -12.638 0.480   1.00 0.05  ? 2  AIK B H323   1 
HETATM 767 H H311   . AIK D 2 .  ? 0.137   -11.317 -3.051  1.00 0.00  ? 2  AIK B H311   1 
HETATM 768 H H312   . AIK D 2 .  ? 0.323   -12.988 -2.420  1.00 0.00  ? 2  AIK B H312   1 
HETATM 769 H H313   . AIK D 2 .  ? -0.969  -11.925 -1.776  1.00 0.05  ? 2  AIK B H313   1 
HETATM 770 H H22    . AIK D 2 .  ? 7.199   -9.602  1.236   1.00 0.04  ? 2  AIK B H22    1 
HETATM 771 H H231   . AIK D 2 .  ? 6.011   -11.659 1.685   1.00 0.00  ? 2  AIK B H231   1 
HETATM 772 H H232   . AIK D 2 .  ? 4.445   -10.869 1.298   1.00 0.00  ? 2  AIK B H232   1 
HETATM 773 H H233   . AIK D 2 .  ? 5.670   -11.111 0.014   1.00 0.04  ? 2  AIK B H233   1 
HETATM 774 H H241   . AIK D 2 .  ? 6.491   -8.400  3.270   1.00 0.00  ? 2  AIK B H241   1 
HETATM 775 H H242   . AIK D 2 .  ? 4.921   -9.273  3.234   1.00 0.00  ? 2  AIK B H242   1 
HETATM 776 H H243   . AIK D 2 .  ? 6.445   -10.177 3.506   1.00 0.04  ? 2  AIK B H243   1 
# 
